data_1Z24
# 
_entry.id   1Z24 
# 
_audit_conform.dict_name       mmcif_pdbx.dic 
_audit_conform.dict_version    5.398 
_audit_conform.dict_location   http://mmcif.pdb.org/dictionaries/ascii/mmcif_pdbx.dic 
# 
loop_
_database_2.database_id 
_database_2.database_code 
_database_2.pdbx_database_accession 
_database_2.pdbx_DOI 
PDB   1Z24         pdb_00001z24 10.2210/pdb1z24/pdb 
RCSB  RCSB032201   ?            ?                   
WWPDB D_1000032201 ?            ?                   
# 
loop_
_pdbx_audit_revision_history.ordinal 
_pdbx_audit_revision_history.data_content_type 
_pdbx_audit_revision_history.major_revision 
_pdbx_audit_revision_history.minor_revision 
_pdbx_audit_revision_history.revision_date 
1 'Structure model' 1 0 2005-04-05 
2 'Structure model' 1 1 2008-04-30 
3 'Structure model' 1 2 2011-07-13 
4 'Structure model' 1 3 2017-10-11 
5 'Structure model' 1 4 2024-10-30 
# 
_pdbx_audit_revision_details.ordinal             1 
_pdbx_audit_revision_details.revision_ordinal    1 
_pdbx_audit_revision_details.data_content_type   'Structure model' 
_pdbx_audit_revision_details.provider            repository 
_pdbx_audit_revision_details.type                'Initial release' 
_pdbx_audit_revision_details.description         ? 
_pdbx_audit_revision_details.details             ? 
# 
loop_
_pdbx_audit_revision_group.ordinal 
_pdbx_audit_revision_group.revision_ordinal 
_pdbx_audit_revision_group.data_content_type 
_pdbx_audit_revision_group.group 
1 2 'Structure model' 'Version format compliance' 
2 3 'Structure model' 'Version format compliance' 
3 4 'Structure model' 'Refinement description'    
4 5 'Structure model' 'Data collection'           
5 5 'Structure model' 'Database references'       
6 5 'Structure model' 'Derived calculations'      
7 5 'Structure model' 'Structure summary'         
# 
loop_
_pdbx_audit_revision_category.ordinal 
_pdbx_audit_revision_category.revision_ordinal 
_pdbx_audit_revision_category.data_content_type 
_pdbx_audit_revision_category.category 
1 4 'Structure model' software                  
2 5 'Structure model' chem_comp_atom            
3 5 'Structure model' chem_comp_bond            
4 5 'Structure model' database_2                
5 5 'Structure model' pdbx_entry_details        
6 5 'Structure model' pdbx_modification_feature 
7 5 'Structure model' struct_site               
# 
loop_
_pdbx_audit_revision_item.ordinal 
_pdbx_audit_revision_item.revision_ordinal 
_pdbx_audit_revision_item.data_content_type 
_pdbx_audit_revision_item.item 
1 5 'Structure model' '_database_2.pdbx_DOI'                
2 5 'Structure model' '_database_2.pdbx_database_accession' 
3 5 'Structure model' '_struct_site.pdbx_auth_asym_id'      
4 5 'Structure model' '_struct_site.pdbx_auth_comp_id'      
5 5 'Structure model' '_struct_site.pdbx_auth_seq_id'       
# 
_pdbx_database_status.status_code                     REL 
_pdbx_database_status.entry_id                        1Z24 
_pdbx_database_status.recvd_initial_deposition_date   2005-03-07 
_pdbx_database_status.deposit_site                    RCSB 
_pdbx_database_status.process_site                    RCSB 
_pdbx_database_status.status_code_sf                  ? 
_pdbx_database_status.status_code_mr                  ? 
_pdbx_database_status.SG_entry                        ? 
_pdbx_database_status.pdb_format_compatible           Y 
_pdbx_database_status.status_code_cs                  ? 
_pdbx_database_status.methods_development_category    ? 
_pdbx_database_status.status_code_nmr_data            ? 
# 
loop_
_audit_author.name 
_audit_author.pdbx_ordinal 
'Holden, H.M.'     1 
'Rypniewski, W.R.' 2 
'Law, J.H.'        3 
'Rayment, I.'      4 
# 
loop_
_citation.id 
_citation.title 
_citation.journal_abbrev 
_citation.journal_volume 
_citation.page_first 
_citation.page_last 
_citation.year 
_citation.journal_id_ASTM 
_citation.country 
_citation.journal_id_ISSN 
_citation.journal_id_CSD 
_citation.book_publisher 
_citation.pdbx_database_id_PubMed 
_citation.pdbx_database_id_DOI 
primary 'The molecular structure of insecticyanin from the tobacco hornworm Manduca sexta L. at 2.6 A resolution.' 'Embo J.'    6 
1565 1570 1987 EMJODG UK 0261-4189 0897 ? 3608987 ? 
1       
;Crystallization of insecticyanin from the hemolymph of the tobacco hornworm Manduca sexta L. in a form suitable for a high resolution structure determination.
;
J.Biol.Chem. 261 4217 4218 1986 JBCHA3 US 0021-9258 0071 ? 3949808 ? 
# 
loop_
_citation_author.citation_id 
_citation_author.name 
_citation_author.ordinal 
_citation_author.identifier_ORCID 
primary 'Holden, H.M.'     1 ? 
primary 'Rypniewski, W.R.' 2 ? 
primary 'Law, J.H.'        3 ? 
primary 'Rayment, I.'      4 ? 
1       'Holden, H.M.'     5 ? 
1       'Law, J.H.'        6 ? 
1       'Rayment, I.'      7 ? 
# 
loop_
_entity.id 
_entity.type 
_entity.src_method 
_entity.pdbx_description 
_entity.formula_weight 
_entity.pdbx_number_of_molecules 
_entity.pdbx_ec 
_entity.pdbx_mutation 
_entity.pdbx_fragment 
_entity.details 
1 polymer     nat 'Insecticyanin A form'            21406.021 1 ? ? ? ? 
2 non-polymer syn 'BILIVERDIN IX GAMMA CHROMOPHORE' 582.646   1 ? ? ? ? 
# 
_entity_keywords.entity_id   1 
_entity_keywords.text        insecticyanin 
# 
_entity_name_com.entity_id   1 
_entity_name_com.name        'Blue biliprotein, INS-a' 
# 
_entity_poly.entity_id                      1 
_entity_poly.type                           'polypeptide(L)' 
_entity_poly.nstd_linkage                   no 
_entity_poly.nstd_monomer                   no 
_entity_poly.pdbx_seq_one_letter_code       
;GDIFYPGYCPDVKPVNDFDLSAFAGAWHEIAKLPLENENQGKCTIAEYKYDGKKASVYNSFVSNGVKEYMEGDLEIAPDA
KYTKQGKYVMTFKFGQRVVNLVPWVLATDYKNYAINYNCDYHPDKKAHSIHAWILSKSKVLEGNTKEVVDNVLKTFSHLI
DASKFISNDFSEAACQYSTTYSLTGPDRH
;
_entity_poly.pdbx_seq_one_letter_code_can   
;GDIFYPGYCPDVKPVNDFDLSAFAGAWHEIAKLPLENENQGKCTIAEYKYDGKKASVYNSFVSNGVKEYMEGDLEIAPDA
KYTKQGKYVMTFKFGQRVVNLVPWVLATDYKNYAINYNCDYHPDKKAHSIHAWILSKSKVLEGNTKEVVDNVLKTFSHLI
DASKFISNDFSEAACQYSTTYSLTGPDRH
;
_entity_poly.pdbx_strand_id                 A 
_entity_poly.pdbx_target_identifier         ? 
# 
_pdbx_entity_nonpoly.entity_id   2 
_pdbx_entity_nonpoly.name        'BILIVERDIN IX GAMMA CHROMOPHORE' 
_pdbx_entity_nonpoly.comp_id     BLV 
# 
loop_
_entity_poly_seq.entity_id 
_entity_poly_seq.num 
_entity_poly_seq.mon_id 
_entity_poly_seq.hetero 
1 1   GLY n 
1 2   ASP n 
1 3   ILE n 
1 4   PHE n 
1 5   TYR n 
1 6   PRO n 
1 7   GLY n 
1 8   TYR n 
1 9   CYS n 
1 10  PRO n 
1 11  ASP n 
1 12  VAL n 
1 13  LYS n 
1 14  PRO n 
1 15  VAL n 
1 16  ASN n 
1 17  ASP n 
1 18  PHE n 
1 19  ASP n 
1 20  LEU n 
1 21  SER n 
1 22  ALA n 
1 23  PHE n 
1 24  ALA n 
1 25  GLY n 
1 26  ALA n 
1 27  TRP n 
1 28  HIS n 
1 29  GLU n 
1 30  ILE n 
1 31  ALA n 
1 32  LYS n 
1 33  LEU n 
1 34  PRO n 
1 35  LEU n 
1 36  GLU n 
1 37  ASN n 
1 38  GLU n 
1 39  ASN n 
1 40  GLN n 
1 41  GLY n 
1 42  LYS n 
1 43  CYS n 
1 44  THR n 
1 45  ILE n 
1 46  ALA n 
1 47  GLU n 
1 48  TYR n 
1 49  LYS n 
1 50  TYR n 
1 51  ASP n 
1 52  GLY n 
1 53  LYS n 
1 54  LYS n 
1 55  ALA n 
1 56  SER n 
1 57  VAL n 
1 58  TYR n 
1 59  ASN n 
1 60  SER n 
1 61  PHE n 
1 62  VAL n 
1 63  SER n 
1 64  ASN n 
1 65  GLY n 
1 66  VAL n 
1 67  LYS n 
1 68  GLU n 
1 69  TYR n 
1 70  MET n 
1 71  GLU n 
1 72  GLY n 
1 73  ASP n 
1 74  LEU n 
1 75  GLU n 
1 76  ILE n 
1 77  ALA n 
1 78  PRO n 
1 79  ASP n 
1 80  ALA n 
1 81  LYS n 
1 82  TYR n 
1 83  THR n 
1 84  LYS n 
1 85  GLN n 
1 86  GLY n 
1 87  LYS n 
1 88  TYR n 
1 89  VAL n 
1 90  MET n 
1 91  THR n 
1 92  PHE n 
1 93  LYS n 
1 94  PHE n 
1 95  GLY n 
1 96  GLN n 
1 97  ARG n 
1 98  VAL n 
1 99  VAL n 
1 100 ASN n 
1 101 LEU n 
1 102 VAL n 
1 103 PRO n 
1 104 TRP n 
1 105 VAL n 
1 106 LEU n 
1 107 ALA n 
1 108 THR n 
1 109 ASP n 
1 110 TYR n 
1 111 LYS n 
1 112 ASN n 
1 113 TYR n 
1 114 ALA n 
1 115 ILE n 
1 116 ASN n 
1 117 TYR n 
1 118 ASN n 
1 119 CYS n 
1 120 ASP n 
1 121 TYR n 
1 122 HIS n 
1 123 PRO n 
1 124 ASP n 
1 125 LYS n 
1 126 LYS n 
1 127 ALA n 
1 128 HIS n 
1 129 SER n 
1 130 ILE n 
1 131 HIS n 
1 132 ALA n 
1 133 TRP n 
1 134 ILE n 
1 135 LEU n 
1 136 SER n 
1 137 LYS n 
1 138 SER n 
1 139 LYS n 
1 140 VAL n 
1 141 LEU n 
1 142 GLU n 
1 143 GLY n 
1 144 ASN n 
1 145 THR n 
1 146 LYS n 
1 147 GLU n 
1 148 VAL n 
1 149 VAL n 
1 150 ASP n 
1 151 ASN n 
1 152 VAL n 
1 153 LEU n 
1 154 LYS n 
1 155 THR n 
1 156 PHE n 
1 157 SER n 
1 158 HIS n 
1 159 LEU n 
1 160 ILE n 
1 161 ASP n 
1 162 ALA n 
1 163 SER n 
1 164 LYS n 
1 165 PHE n 
1 166 ILE n 
1 167 SER n 
1 168 ASN n 
1 169 ASP n 
1 170 PHE n 
1 171 SER n 
1 172 GLU n 
1 173 ALA n 
1 174 ALA n 
1 175 CYS n 
1 176 GLN n 
1 177 TYR n 
1 178 SER n 
1 179 THR n 
1 180 THR n 
1 181 TYR n 
1 182 SER n 
1 183 LEU n 
1 184 THR n 
1 185 GLY n 
1 186 PRO n 
1 187 ASP n 
1 188 ARG n 
1 189 HIS n 
# 
_entity_src_nat.entity_id                  1 
_entity_src_nat.pdbx_src_id                1 
_entity_src_nat.pdbx_alt_source_flag       sample 
_entity_src_nat.pdbx_beg_seq_num           ? 
_entity_src_nat.pdbx_end_seq_num           ? 
_entity_src_nat.common_name                'tobacco hornworm' 
_entity_src_nat.pdbx_organism_scientific   'Manduca sexta' 
_entity_src_nat.pdbx_ncbi_taxonomy_id      7130 
_entity_src_nat.genus                      Manduca 
_entity_src_nat.species                    ? 
_entity_src_nat.strain                     ? 
_entity_src_nat.tissue                     ? 
_entity_src_nat.tissue_fraction            ? 
_entity_src_nat.pdbx_secretion             ? 
_entity_src_nat.pdbx_fragment              ? 
_entity_src_nat.pdbx_variant               ? 
_entity_src_nat.pdbx_cell_line             ? 
_entity_src_nat.pdbx_atcc                  ? 
_entity_src_nat.pdbx_cellular_location     ? 
_entity_src_nat.pdbx_organ                 ? 
_entity_src_nat.pdbx_organelle             ? 
_entity_src_nat.pdbx_cell                  ? 
_entity_src_nat.pdbx_plasmid_name          ? 
_entity_src_nat.pdbx_plasmid_details       ? 
_entity_src_nat.details                    ? 
# 
loop_
_chem_comp.id 
_chem_comp.type 
_chem_comp.mon_nstd_flag 
_chem_comp.name 
_chem_comp.pdbx_synonyms 
_chem_comp.formula 
_chem_comp.formula_weight 
ALA 'L-peptide linking' y ALANINE                           ? 'C3 H7 N O2'     89.093  
ARG 'L-peptide linking' y ARGININE                          ? 'C6 H15 N4 O2 1' 175.209 
ASN 'L-peptide linking' y ASPARAGINE                        ? 'C4 H8 N2 O3'    132.118 
ASP 'L-peptide linking' y 'ASPARTIC ACID'                   ? 'C4 H7 N O4'     133.103 
BLV non-polymer         . 'BILIVERDIN IX GAMMA CHROMOPHORE' ? 'C33 H34 N4 O6'  582.646 
CYS 'L-peptide linking' y CYSTEINE                          ? 'C3 H7 N O2 S'   121.158 
GLN 'L-peptide linking' y GLUTAMINE                         ? 'C5 H10 N2 O3'   146.144 
GLU 'L-peptide linking' y 'GLUTAMIC ACID'                   ? 'C5 H9 N O4'     147.129 
GLY 'peptide linking'   y GLYCINE                           ? 'C2 H5 N O2'     75.067  
HIS 'L-peptide linking' y HISTIDINE                         ? 'C6 H10 N3 O2 1' 156.162 
ILE 'L-peptide linking' y ISOLEUCINE                        ? 'C6 H13 N O2'    131.173 
LEU 'L-peptide linking' y LEUCINE                           ? 'C6 H13 N O2'    131.173 
LYS 'L-peptide linking' y LYSINE                            ? 'C6 H15 N2 O2 1' 147.195 
MET 'L-peptide linking' y METHIONINE                        ? 'C5 H11 N O2 S'  149.211 
PHE 'L-peptide linking' y PHENYLALANINE                     ? 'C9 H11 N O2'    165.189 
PRO 'L-peptide linking' y PROLINE                           ? 'C5 H9 N O2'     115.130 
SER 'L-peptide linking' y SERINE                            ? 'C3 H7 N O3'     105.093 
THR 'L-peptide linking' y THREONINE                         ? 'C4 H9 N O3'     119.119 
TRP 'L-peptide linking' y TRYPTOPHAN                        ? 'C11 H12 N2 O2'  204.225 
TYR 'L-peptide linking' y TYROSINE                          ? 'C9 H11 N O3'    181.189 
VAL 'L-peptide linking' y VALINE                            ? 'C5 H11 N O2'    117.146 
# 
loop_
_pdbx_poly_seq_scheme.asym_id 
_pdbx_poly_seq_scheme.entity_id 
_pdbx_poly_seq_scheme.seq_id 
_pdbx_poly_seq_scheme.mon_id 
_pdbx_poly_seq_scheme.ndb_seq_num 
_pdbx_poly_seq_scheme.pdb_seq_num 
_pdbx_poly_seq_scheme.auth_seq_num 
_pdbx_poly_seq_scheme.pdb_mon_id 
_pdbx_poly_seq_scheme.auth_mon_id 
_pdbx_poly_seq_scheme.pdb_strand_id 
_pdbx_poly_seq_scheme.pdb_ins_code 
_pdbx_poly_seq_scheme.hetero 
A 1 1   GLY 1   1   1   GLY GLY A . n 
A 1 2   ASP 2   2   2   ASP ASP A . n 
A 1 3   ILE 3   3   3   ILE ILE A . n 
A 1 4   PHE 4   4   4   PHE PHE A . n 
A 1 5   TYR 5   5   5   TYR TYR A . n 
A 1 6   PRO 6   6   6   PRO PRO A . n 
A 1 7   GLY 7   7   7   GLY GLY A . n 
A 1 8   TYR 8   8   8   TYR TYR A . n 
A 1 9   CYS 9   9   9   CYS CYS A . n 
A 1 10  PRO 10  10  10  PRO PRO A . n 
A 1 11  ASP 11  11  11  ASP ASP A . n 
A 1 12  VAL 12  12  12  VAL VAL A . n 
A 1 13  LYS 13  13  13  LYS LYS A . n 
A 1 14  PRO 14  14  14  PRO PRO A . n 
A 1 15  VAL 15  15  15  VAL VAL A . n 
A 1 16  ASN 16  16  16  ASN ASN A . n 
A 1 17  ASP 17  17  17  ASP ASP A . n 
A 1 18  PHE 18  18  18  PHE PHE A . n 
A 1 19  ASP 19  19  19  ASP ASP A . n 
A 1 20  LEU 20  20  20  LEU LEU A . n 
A 1 21  SER 21  21  21  SER SER A . n 
A 1 22  ALA 22  22  22  ALA ALA A . n 
A 1 23  PHE 23  23  23  PHE PHE A . n 
A 1 24  ALA 24  24  24  ALA ALA A . n 
A 1 25  GLY 25  25  25  GLY GLY A . n 
A 1 26  ALA 26  26  26  ALA ALA A . n 
A 1 27  TRP 27  27  27  TRP TRP A . n 
A 1 28  HIS 28  28  28  HIS HIS A . n 
A 1 29  GLU 29  29  29  GLU GLU A . n 
A 1 30  ILE 30  30  30  ILE ILE A . n 
A 1 31  ALA 31  31  31  ALA ALA A . n 
A 1 32  LYS 32  32  32  LYS LYS A . n 
A 1 33  LEU 33  33  33  LEU LEU A . n 
A 1 34  PRO 34  34  34  PRO PRO A . n 
A 1 35  LEU 35  35  35  LEU LEU A . n 
A 1 36  GLU 36  36  36  GLU GLU A . n 
A 1 37  ASN 37  37  37  ASN ASN A . n 
A 1 38  GLU 38  38  38  GLU GLU A . n 
A 1 39  ASN 39  39  39  ASN ASN A . n 
A 1 40  GLN 40  40  40  GLN GLN A . n 
A 1 41  GLY 41  41  41  GLY GLY A . n 
A 1 42  LYS 42  42  42  LYS LYS A . n 
A 1 43  CYS 43  43  43  CYS CYS A . n 
A 1 44  THR 44  44  44  THR THR A . n 
A 1 45  ILE 45  45  45  ILE ILE A . n 
A 1 46  ALA 46  46  46  ALA ALA A . n 
A 1 47  GLU 47  47  47  GLU GLU A . n 
A 1 48  TYR 48  48  48  TYR TYR A . n 
A 1 49  LYS 49  49  49  LYS LYS A . n 
A 1 50  TYR 50  50  50  TYR TYR A . n 
A 1 51  ASP 51  51  51  ASP ASP A . n 
A 1 52  GLY 52  52  52  GLY GLY A . n 
A 1 53  LYS 53  53  53  LYS LYS A . n 
A 1 54  LYS 54  54  54  LYS LYS A . n 
A 1 55  ALA 55  55  55  ALA ALA A . n 
A 1 56  SER 56  56  56  SER SER A . n 
A 1 57  VAL 57  57  57  VAL VAL A . n 
A 1 58  TYR 58  58  58  TYR TYR A . n 
A 1 59  ASN 59  59  59  ASN ASN A . n 
A 1 60  SER 60  60  60  SER SER A . n 
A 1 61  PHE 61  61  61  PHE PHE A . n 
A 1 62  VAL 62  62  62  VAL VAL A . n 
A 1 63  SER 63  63  63  SER SER A . n 
A 1 64  ASN 64  64  64  ASN ASN A . n 
A 1 65  GLY 65  65  65  GLY GLY A . n 
A 1 66  VAL 66  66  66  VAL VAL A . n 
A 1 67  LYS 67  67  67  LYS LYS A . n 
A 1 68  GLU 68  68  68  GLU GLU A . n 
A 1 69  TYR 69  69  69  TYR TYR A . n 
A 1 70  MET 70  70  70  MET MET A . n 
A 1 71  GLU 71  71  71  GLU GLU A . n 
A 1 72  GLY 72  72  72  GLY GLY A . n 
A 1 73  ASP 73  73  73  ASP ASP A . n 
A 1 74  LEU 74  74  74  LEU LEU A . n 
A 1 75  GLU 75  75  75  GLU GLU A . n 
A 1 76  ILE 76  76  76  ILE ILE A . n 
A 1 77  ALA 77  77  77  ALA ALA A . n 
A 1 78  PRO 78  78  78  PRO PRO A . n 
A 1 79  ASP 79  79  79  ASP ASP A . n 
A 1 80  ALA 80  80  80  ALA ALA A . n 
A 1 81  LYS 81  81  81  LYS LYS A . n 
A 1 82  TYR 82  82  82  TYR TYR A . n 
A 1 83  THR 83  83  83  THR THR A . n 
A 1 84  LYS 84  84  84  LYS LYS A . n 
A 1 85  GLN 85  85  85  GLN GLN A . n 
A 1 86  GLY 86  86  86  GLY GLY A . n 
A 1 87  LYS 87  87  87  LYS LYS A . n 
A 1 88  TYR 88  88  88  TYR TYR A . n 
A 1 89  VAL 89  89  89  VAL VAL A . n 
A 1 90  MET 90  90  90  MET MET A . n 
A 1 91  THR 91  91  91  THR THR A . n 
A 1 92  PHE 92  92  92  PHE PHE A . n 
A 1 93  LYS 93  93  93  LYS LYS A . n 
A 1 94  PHE 94  94  94  PHE PHE A . n 
A 1 95  GLY 95  95  95  GLY GLY A . n 
A 1 96  GLN 96  96  96  GLN GLN A . n 
A 1 97  ARG 97  97  97  ARG ARG A . n 
A 1 98  VAL 98  98  98  VAL VAL A . n 
A 1 99  VAL 99  99  99  VAL VAL A . n 
A 1 100 ASN 100 100 100 ASN ASN A . n 
A 1 101 LEU 101 101 101 LEU LEU A . n 
A 1 102 VAL 102 102 102 VAL VAL A . n 
A 1 103 PRO 103 103 103 PRO PRO A . n 
A 1 104 TRP 104 104 104 TRP TRP A . n 
A 1 105 VAL 105 105 105 VAL VAL A . n 
A 1 106 LEU 106 106 106 LEU LEU A . n 
A 1 107 ALA 107 107 107 ALA ALA A . n 
A 1 108 THR 108 108 108 THR THR A . n 
A 1 109 ASP 109 109 109 ASP ASP A . n 
A 1 110 TYR 110 110 110 TYR TYR A . n 
A 1 111 LYS 111 111 111 LYS LYS A . n 
A 1 112 ASN 112 112 112 ASN ASN A . n 
A 1 113 TYR 113 113 113 TYR TYR A . n 
A 1 114 ALA 114 114 114 ALA ALA A . n 
A 1 115 ILE 115 115 115 ILE ILE A . n 
A 1 116 ASN 116 116 116 ASN ASN A . n 
A 1 117 TYR 117 117 117 TYR TYR A . n 
A 1 118 ASN 118 118 118 ASN ASN A . n 
A 1 119 CYS 119 119 119 CYS CYS A . n 
A 1 120 ASP 120 120 120 ASP ASP A . n 
A 1 121 TYR 121 121 121 TYR TYR A . n 
A 1 122 HIS 122 122 122 HIS HIS A . n 
A 1 123 PRO 123 123 123 PRO PRO A . n 
A 1 124 ASP 124 124 124 ASP ASP A . n 
A 1 125 LYS 125 125 125 LYS LYS A . n 
A 1 126 LYS 126 126 126 LYS LYS A . n 
A 1 127 ALA 127 127 127 ALA ALA A . n 
A 1 128 HIS 128 128 128 HIS HIS A . n 
A 1 129 SER 129 129 129 SER SER A . n 
A 1 130 ILE 130 130 130 ILE ILE A . n 
A 1 131 HIS 131 131 131 HIS HIS A . n 
A 1 132 ALA 132 132 132 ALA ALA A . n 
A 1 133 TRP 133 133 133 TRP TRP A . n 
A 1 134 ILE 134 134 134 ILE ILE A . n 
A 1 135 LEU 135 135 135 LEU LEU A . n 
A 1 136 SER 136 136 136 SER SER A . n 
A 1 137 LYS 137 137 137 LYS LYS A . n 
A 1 138 SER 138 138 138 SER SER A . n 
A 1 139 LYS 139 139 139 LYS LYS A . n 
A 1 140 VAL 140 140 140 VAL VAL A . n 
A 1 141 LEU 141 141 141 LEU LEU A . n 
A 1 142 GLU 142 142 142 GLU GLU A . n 
A 1 143 GLY 143 143 143 GLY GLY A . n 
A 1 144 ASN 144 144 144 ASN ASN A . n 
A 1 145 THR 145 145 145 THR THR A . n 
A 1 146 LYS 146 146 146 LYS LYS A . n 
A 1 147 GLU 147 147 147 GLU GLU A . n 
A 1 148 VAL 148 148 148 VAL VAL A . n 
A 1 149 VAL 149 149 149 VAL VAL A . n 
A 1 150 ASP 150 150 150 ASP ASP A . n 
A 1 151 ASN 151 151 151 ASN ASN A . n 
A 1 152 VAL 152 152 152 VAL VAL A . n 
A 1 153 LEU 153 153 153 LEU LEU A . n 
A 1 154 LYS 154 154 154 LYS LYS A . n 
A 1 155 THR 155 155 155 THR THR A . n 
A 1 156 PHE 156 156 156 PHE PHE A . n 
A 1 157 SER 157 157 157 SER SER A . n 
A 1 158 HIS 158 158 158 HIS HIS A . n 
A 1 159 LEU 159 159 159 LEU LEU A . n 
A 1 160 ILE 160 160 160 ILE ILE A . n 
A 1 161 ASP 161 161 161 ASP ASP A . n 
A 1 162 ALA 162 162 162 ALA ALA A . n 
A 1 163 SER 163 163 163 SER SER A . n 
A 1 164 LYS 164 164 164 LYS LYS A . n 
A 1 165 PHE 165 165 165 PHE PHE A . n 
A 1 166 ILE 166 166 166 ILE ILE A . n 
A 1 167 SER 167 167 167 SER SER A . n 
A 1 168 ASN 168 168 168 ASN ASN A . n 
A 1 169 ASP 169 169 169 ASP ASP A . n 
A 1 170 PHE 170 170 170 PHE PHE A . n 
A 1 171 SER 171 171 171 SER SER A . n 
A 1 172 GLU 172 172 172 GLU GLU A . n 
A 1 173 ALA 173 173 173 ALA ALA A . n 
A 1 174 ALA 174 174 174 ALA ALA A . n 
A 1 175 CYS 175 175 175 CYS CYS A . n 
A 1 176 GLN 176 176 176 GLN GLN A . n 
A 1 177 TYR 177 177 177 TYR TYR A . n 
A 1 178 SER 178 178 178 SER SER A . n 
A 1 179 THR 179 179 179 THR THR A . n 
A 1 180 THR 180 180 180 THR THR A . n 
A 1 181 TYR 181 181 181 TYR TYR A . n 
A 1 182 SER 182 182 182 SER SER A . n 
A 1 183 LEU 183 183 183 LEU LEU A . n 
A 1 184 THR 184 184 184 THR THR A . n 
A 1 185 GLY 185 185 185 GLY GLY A . n 
A 1 186 PRO 186 186 186 PRO PRO A . n 
A 1 187 ASP 187 187 187 ASP ASP A . n 
A 1 188 ARG 188 188 188 ARG ARG A . n 
A 1 189 HIS 189 189 189 HIS HIS A . n 
# 
_pdbx_nonpoly_scheme.asym_id         B 
_pdbx_nonpoly_scheme.entity_id       2 
_pdbx_nonpoly_scheme.mon_id          BLV 
_pdbx_nonpoly_scheme.ndb_seq_num     1 
_pdbx_nonpoly_scheme.pdb_seq_num     195 
_pdbx_nonpoly_scheme.auth_seq_num    195 
_pdbx_nonpoly_scheme.pdb_mon_id      BLV 
_pdbx_nonpoly_scheme.auth_mon_id     BLV 
_pdbx_nonpoly_scheme.pdb_strand_id   A 
_pdbx_nonpoly_scheme.pdb_ins_code    . 
# 
loop_
_software.classification 
_software.name 
_software.version 
_software.citation_id 
_software.pdbx_ordinal 
'data scaling' A     'PROGRAM BY M. ROSSMAN (ORIGINAL VERSION)' ? 1 
phasing        HEAVY .                                          ? 2 
# 
_cell.entry_id           1Z24 
_cell.length_a           115.400 
_cell.length_b           115.400 
_cell.length_c           71.500 
_cell.angle_alpha        90.00 
_cell.angle_beta         90.00 
_cell.angle_gamma        90.00 
_cell.Z_PDB              8 
_cell.pdbx_unique_axis   ? 
# 
_symmetry.entry_id                         1Z24 
_symmetry.space_group_name_H-M             'P 43 21 2' 
_symmetry.pdbx_full_space_group_name_H-M   ? 
_symmetry.cell_setting                     ? 
_symmetry.Int_Tables_number                96 
_symmetry.space_group_name_Hall            ? 
# 
_exptl.entry_id          1Z24 
_exptl.method            'X-RAY DIFFRACTION' 
_exptl.crystals_number   1 
# 
_exptl_crystal.id                    1 
_exptl_crystal.density_meas          ? 
_exptl_crystal.density_Matthews      3.3 
_exptl_crystal.density_percent_sol   54 
_exptl_crystal.description           ? 
_exptl_crystal.F_000                 ? 
_exptl_crystal.preparation           ? 
# 
_exptl_crystal_grow.crystal_id      1 
_exptl_crystal_grow.method          batch 
_exptl_crystal_grow.temp            293 
_exptl_crystal_grow.temp_details    ? 
_exptl_crystal_grow.pH              5.5 
_exptl_crystal_grow.pdbx_details    '20% PEG8000, 100 mM NaCl, 100 mM Nasuccinate, pH 5.5, batch, temperature 293K' 
_exptl_crystal_grow.pdbx_pH_range   . 
# 
_diffrn.id                     1 
_diffrn.ambient_temp           278 
_diffrn.ambient_temp_details   ? 
_diffrn.crystal_id             1 
# 
_diffrn_detector.diffrn_id              1 
_diffrn_detector.detector               FILM 
_diffrn_detector.type                   film 
_diffrn_detector.pdbx_collection_date   1986-01-01 
_diffrn_detector.details                ? 
# 
_diffrn_radiation.diffrn_id                        1 
_diffrn_radiation.wavelength_id                    1 
_diffrn_radiation.pdbx_monochromatic_or_laue_m_l   M 
_diffrn_radiation.monochromator                    pinhole 
_diffrn_radiation.pdbx_diffrn_protocol             'SINGLE WAVELENGTH' 
_diffrn_radiation.pdbx_scattering_type             x-ray 
# 
_diffrn_radiation_wavelength.id           1 
_diffrn_radiation_wavelength.wavelength   . 
_diffrn_radiation_wavelength.wt           1.0 
# 
_reflns.entry_id                     1Z24 
_reflns.observed_criterion_sigma_F   0.0 
_reflns.observed_criterion_sigma_I   0.0 
_reflns.d_resolution_high            2.6 
_reflns.d_resolution_low             50 
_reflns.number_all                   14167 
_reflns.number_obs                   14167 
_reflns.percent_possible_obs         99 
_reflns.pdbx_Rmerge_I_obs            ? 
_reflns.pdbx_Rsym_value              ? 
_reflns.pdbx_netI_over_sigmaI        ? 
_reflns.B_iso_Wilson_estimate        ? 
_reflns.pdbx_redundancy              ? 
_reflns.R_free_details               ? 
_reflns.limit_h_max                  ? 
_reflns.limit_h_min                  ? 
_reflns.limit_k_max                  ? 
_reflns.limit_k_min                  ? 
_reflns.limit_l_max                  ? 
_reflns.limit_l_min                  ? 
_reflns.observed_criterion_F_max     ? 
_reflns.observed_criterion_F_min     ? 
_reflns.pdbx_chi_squared             ? 
_reflns.pdbx_scaling_rejects         ? 
_reflns.pdbx_diffrn_id               1 
_reflns.pdbx_ordinal                 1 
# 
_refine.entry_id                                 1Z24 
_refine.ls_d_res_high                            2.6 
_refine.ls_d_res_low                             50 
_refine.pdbx_ls_sigma_F                          0. 
_refine.pdbx_ls_sigma_I                          ? 
_refine.ls_number_reflns_all                     14167 
_refine.ls_number_reflns_obs                     14167 
_refine.ls_number_reflns_R_free                  ? 
_refine.ls_percent_reflns_obs                    ? 
_refine.ls_R_factor_all                          ? 
_refine.ls_R_factor_obs                          ? 
_refine.ls_R_factor_R_work                       ? 
_refine.ls_R_factor_R_free                       ? 
_refine.ls_redundancy_reflns_obs                 ? 
_refine.pdbx_data_cutoff_high_absF               ? 
_refine.pdbx_data_cutoff_low_absF                ? 
_refine.ls_number_parameters                     ? 
_refine.ls_number_restraints                     ? 
_refine.ls_percent_reflns_R_free                 ? 
_refine.ls_R_factor_R_free_error                 ? 
_refine.ls_R_factor_R_free_error_details         ? 
_refine.pdbx_method_to_determine_struct          MIR 
_refine.pdbx_starting_model                      ? 
_refine.pdbx_ls_cross_valid_method               ? 
_refine.pdbx_R_Free_selection_details            ? 
_refine.pdbx_stereochem_target_val_spec_case     ? 
_refine.pdbx_stereochemistry_target_values       ? 
_refine.solvent_model_details                    ? 
_refine.solvent_model_param_bsol                 ? 
_refine.solvent_model_param_ksol                 ? 
_refine.occupancy_max                            ? 
_refine.occupancy_min                            ? 
_refine.pdbx_isotropic_thermal_model             ? 
_refine.B_iso_mean                               ? 
_refine.aniso_B[1][1]                            ? 
_refine.aniso_B[1][2]                            ? 
_refine.aniso_B[1][3]                            ? 
_refine.aniso_B[2][2]                            ? 
_refine.aniso_B[2][3]                            ? 
_refine.aniso_B[3][3]                            ? 
_refine.details                                  ? 
_refine.B_iso_min                                ? 
_refine.B_iso_max                                ? 
_refine.correlation_coeff_Fo_to_Fc               ? 
_refine.correlation_coeff_Fo_to_Fc_free          ? 
_refine.pdbx_solvent_vdw_probe_radii             ? 
_refine.pdbx_solvent_ion_probe_radii             ? 
_refine.pdbx_solvent_shrinkage_radii             ? 
_refine.overall_SU_R_Cruickshank_DPI             ? 
_refine.overall_SU_R_free                        ? 
_refine.overall_SU_B                             ? 
_refine.overall_SU_ML                            ? 
_refine.pdbx_overall_ESU_R                       ? 
_refine.pdbx_overall_ESU_R_Free                  ? 
_refine.pdbx_data_cutoff_high_rms_absF           ? 
_refine.ls_wR_factor_R_free                      ? 
_refine.ls_wR_factor_R_work                      ? 
_refine.overall_FOM_free_R_set                   ? 
_refine.overall_FOM_work_R_set                   ? 
_refine.pdbx_refine_id                           'X-RAY DIFFRACTION' 
_refine.pdbx_diffrn_id                           1 
_refine.pdbx_TLS_residual_ADP_flag               ? 
_refine.pdbx_overall_phase_error                 ? 
_refine.pdbx_overall_SU_R_free_Cruickshank_DPI   ? 
_refine.pdbx_overall_SU_R_Blow_DPI               ? 
_refine.pdbx_overall_SU_R_free_Blow_DPI          ? 
# 
_refine_hist.pdbx_refine_id                   'X-RAY DIFFRACTION' 
_refine_hist.cycle_id                         LAST 
_refine_hist.pdbx_number_atoms_protein        1511 
_refine_hist.pdbx_number_atoms_nucleic_acid   0 
_refine_hist.pdbx_number_atoms_ligand         43 
_refine_hist.number_atoms_solvent             0 
_refine_hist.number_atoms_total               1554 
_refine_hist.d_res_high                       2.6 
_refine_hist.d_res_low                        50 
# 
_struct.entry_id                  1Z24 
_struct.title                     
'The molecular structure of insecticyanin from the tobacco hornworm Manduca sexta L. at 2.6 A resolution.' 
_struct.pdbx_model_details        ? 
_struct.pdbx_CASP_flag            ? 
_struct.pdbx_model_type_details   ? 
# 
_struct_keywords.entry_id        1Z24 
_struct_keywords.pdbx_keywords   'LIPID BINDING PROTEIN' 
_struct_keywords.text            'Blue biliprotein, INS-a, Chromophore binding., LIPID BINDING PROTEIN' 
# 
loop_
_struct_asym.id 
_struct_asym.pdbx_blank_PDB_chainid_flag 
_struct_asym.pdbx_modified 
_struct_asym.entity_id 
_struct_asym.details 
A N N 1 ? 
B N N 2 ? 
# 
_struct_ref.id                         1 
_struct_ref.db_name                    UNP 
_struct_ref.db_code                    ICYA_MANSE 
_struct_ref.pdbx_db_accession          P00305 
_struct_ref.entity_id                  1 
_struct_ref.pdbx_seq_one_letter_code   
;GDIFYPGYCPDVKPVNDFDLSAFAGAWHEIAKLPLENENQGKCTIAEYKYDGKKASVYNSFVSNGVKEYMEGDLEIAPDA
KYTKQGKYVMTFKFGQRVVNLVPWVLATDYKNYAINYNCDYHPDKKAHSIHAWILSKSKVLEGNTKEVVDNVLKTFSHLI
DASKFISNDFSEAACQYSTTYSLTGPDRH
;
_struct_ref.pdbx_align_begin           1 
_struct_ref.pdbx_db_isoform            ? 
# 
_struct_ref_seq.align_id                      1 
_struct_ref_seq.ref_id                        1 
_struct_ref_seq.pdbx_PDB_id_code              1Z24 
_struct_ref_seq.pdbx_strand_id                A 
_struct_ref_seq.seq_align_beg                 1 
_struct_ref_seq.pdbx_seq_align_beg_ins_code   ? 
_struct_ref_seq.seq_align_end                 189 
_struct_ref_seq.pdbx_seq_align_end_ins_code   ? 
_struct_ref_seq.pdbx_db_accession             P00305 
_struct_ref_seq.db_align_beg                  1 
_struct_ref_seq.pdbx_db_align_beg_ins_code    ? 
_struct_ref_seq.db_align_end                  189 
_struct_ref_seq.pdbx_db_align_end_ins_code    ? 
_struct_ref_seq.pdbx_auth_seq_align_beg       1 
_struct_ref_seq.pdbx_auth_seq_align_end       189 
# 
_pdbx_struct_assembly.id                   1 
_pdbx_struct_assembly.details              author_defined_assembly 
_pdbx_struct_assembly.method_details       ? 
_pdbx_struct_assembly.oligomeric_details   dimeric 
_pdbx_struct_assembly.oligomeric_count     2 
# 
_pdbx_struct_assembly_gen.assembly_id       1 
_pdbx_struct_assembly_gen.oper_expression   1,2 
_pdbx_struct_assembly_gen.asym_id_list      A,B 
# 
loop_
_pdbx_struct_oper_list.id 
_pdbx_struct_oper_list.type 
_pdbx_struct_oper_list.name 
_pdbx_struct_oper_list.symmetry_operation 
_pdbx_struct_oper_list.matrix[1][1] 
_pdbx_struct_oper_list.matrix[1][2] 
_pdbx_struct_oper_list.matrix[1][3] 
_pdbx_struct_oper_list.vector[1] 
_pdbx_struct_oper_list.matrix[2][1] 
_pdbx_struct_oper_list.matrix[2][2] 
_pdbx_struct_oper_list.matrix[2][3] 
_pdbx_struct_oper_list.vector[2] 
_pdbx_struct_oper_list.matrix[3][1] 
_pdbx_struct_oper_list.matrix[3][2] 
_pdbx_struct_oper_list.matrix[3][3] 
_pdbx_struct_oper_list.vector[3] 
1 'identity operation'         1_555 x,y,z    1.0000000000 0.0000000000 0.0000000000  0.0000000000  0.0000000000 1.0000000000  0.0000000000  0.0000000000   0.0000000000  0.0000000000  1.0000000000  0.0000000000  
2 'crystal symmetry operation' 7_557 y,x,-z+2 0.4095683053 0.1468847767 -0.9003769576 17.2663878620 0.1468847767 -0.9846937977 -0.0938242353 -32.7946790201 -0.9003769576 -0.0938242353 -0.4248745076 21.6810457097 
# 
_struct_biol.id                    1 
_struct_biol.pdbx_parent_biol_id   ? 
_struct_biol.details               ? 
# 
loop_
_struct_conf.conf_type_id 
_struct_conf.id 
_struct_conf.pdbx_PDB_helix_id 
_struct_conf.beg_label_comp_id 
_struct_conf.beg_label_asym_id 
_struct_conf.beg_label_seq_id 
_struct_conf.pdbx_beg_PDB_ins_code 
_struct_conf.end_label_comp_id 
_struct_conf.end_label_asym_id 
_struct_conf.end_label_seq_id 
_struct_conf.pdbx_end_PDB_ins_code 
_struct_conf.beg_auth_comp_id 
_struct_conf.beg_auth_asym_id 
_struct_conf.beg_auth_seq_id 
_struct_conf.end_auth_comp_id 
_struct_conf.end_auth_asym_id 
_struct_conf.end_auth_seq_id 
_struct_conf.pdbx_PDB_helix_class 
_struct_conf.details 
_struct_conf.pdbx_PDB_helix_length 
HELX_P HELX_P1 1 LEU A 20  ? PHE A 23  ? LEU A 20  PHE A 23  1 ? 4  
HELX_P HELX_P2 2 GLU A 36  ? GLU A 38  ? GLU A 36  GLU A 38  1 ? 3  
HELX_P HELX_P3 3 ALA A 80  ? THR A 83  ? ALA A 80  THR A 83  1 ? 4  
HELX_P HELX_P4 4 ASN A 144 ? PHE A 156 ? ASN A 144 PHE A 156 1 ? 13 
HELX_P HELX_P5 5 ALA A 162 ? LYS A 164 ? ALA A 162 LYS A 164 1 ? 3  
HELX_P HELX_P6 6 GLU A 172 ? CYS A 175 ? GLU A 172 CYS A 175 1 ? 4  
# 
_struct_conf_type.id          HELX_P 
_struct_conf_type.criteria    ? 
_struct_conf_type.reference   ? 
# 
loop_
_struct_conn.id 
_struct_conn.conn_type_id 
_struct_conn.pdbx_leaving_atom_flag 
_struct_conn.pdbx_PDB_id 
_struct_conn.ptnr1_label_asym_id 
_struct_conn.ptnr1_label_comp_id 
_struct_conn.ptnr1_label_seq_id 
_struct_conn.ptnr1_label_atom_id 
_struct_conn.pdbx_ptnr1_label_alt_id 
_struct_conn.pdbx_ptnr1_PDB_ins_code 
_struct_conn.pdbx_ptnr1_standard_comp_id 
_struct_conn.ptnr1_symmetry 
_struct_conn.ptnr2_label_asym_id 
_struct_conn.ptnr2_label_comp_id 
_struct_conn.ptnr2_label_seq_id 
_struct_conn.ptnr2_label_atom_id 
_struct_conn.pdbx_ptnr2_label_alt_id 
_struct_conn.pdbx_ptnr2_PDB_ins_code 
_struct_conn.ptnr1_auth_asym_id 
_struct_conn.ptnr1_auth_comp_id 
_struct_conn.ptnr1_auth_seq_id 
_struct_conn.ptnr2_auth_asym_id 
_struct_conn.ptnr2_auth_comp_id 
_struct_conn.ptnr2_auth_seq_id 
_struct_conn.ptnr2_symmetry 
_struct_conn.pdbx_ptnr3_label_atom_id 
_struct_conn.pdbx_ptnr3_label_seq_id 
_struct_conn.pdbx_ptnr3_label_comp_id 
_struct_conn.pdbx_ptnr3_label_asym_id 
_struct_conn.pdbx_ptnr3_label_alt_id 
_struct_conn.pdbx_ptnr3_PDB_ins_code 
_struct_conn.details 
_struct_conn.pdbx_dist_value 
_struct_conn.pdbx_value_order 
_struct_conn.pdbx_role 
disulf1 disulf ? ? A CYS 9  SG ? ? ? 1_555 A CYS 119 SG ? ? A CYS 9  A CYS 119 1_555 ? ? ? ? ? ? ? 2.061 ? ? 
disulf2 disulf ? ? A CYS 43 SG ? ? ? 1_555 A CYS 175 SG ? ? A CYS 43 A CYS 175 1_555 ? ? ? ? ? ? ? 2.021 ? ? 
# 
_struct_conn_type.id          disulf 
_struct_conn_type.criteria    ? 
_struct_conn_type.reference   ? 
# 
loop_
_pdbx_modification_feature.ordinal 
_pdbx_modification_feature.label_comp_id 
_pdbx_modification_feature.label_asym_id 
_pdbx_modification_feature.label_seq_id 
_pdbx_modification_feature.label_alt_id 
_pdbx_modification_feature.modified_residue_label_comp_id 
_pdbx_modification_feature.modified_residue_label_asym_id 
_pdbx_modification_feature.modified_residue_label_seq_id 
_pdbx_modification_feature.modified_residue_label_alt_id 
_pdbx_modification_feature.auth_comp_id 
_pdbx_modification_feature.auth_asym_id 
_pdbx_modification_feature.auth_seq_id 
_pdbx_modification_feature.PDB_ins_code 
_pdbx_modification_feature.symmetry 
_pdbx_modification_feature.modified_residue_auth_comp_id 
_pdbx_modification_feature.modified_residue_auth_asym_id 
_pdbx_modification_feature.modified_residue_auth_seq_id 
_pdbx_modification_feature.modified_residue_PDB_ins_code 
_pdbx_modification_feature.modified_residue_symmetry 
_pdbx_modification_feature.comp_id_linking_atom 
_pdbx_modification_feature.modified_residue_id_linking_atom 
_pdbx_modification_feature.modified_residue_id 
_pdbx_modification_feature.ref_pcm_id 
_pdbx_modification_feature.ref_comp_id 
_pdbx_modification_feature.type 
_pdbx_modification_feature.category 
1 CYS A 9  ? CYS A 119 ? CYS A 9  ? 1_555 CYS A 119 ? 1_555 SG SG . . . None 'Disulfide bridge' 
2 CYS A 43 ? CYS A 175 ? CYS A 43 ? 1_555 CYS A 175 ? 1_555 SG SG . . . None 'Disulfide bridge' 
# 
loop_
_struct_sheet.id 
_struct_sheet.type 
_struct_sheet.number_strands 
_struct_sheet.details 
A ? 9 ? 
B ? 3 ? 
C ? 5 ? 
# 
loop_
_struct_sheet_order.sheet_id 
_struct_sheet_order.range_id_1 
_struct_sheet_order.range_id_2 
_struct_sheet_order.offset 
_struct_sheet_order.sense 
A 1 2 ? anti-parallel 
A 2 3 ? anti-parallel 
A 3 4 ? anti-parallel 
A 4 5 ? anti-parallel 
A 5 6 ? anti-parallel 
A 6 7 ? anti-parallel 
A 7 8 ? anti-parallel 
A 8 9 ? anti-parallel 
B 1 2 ? anti-parallel 
B 2 3 ? anti-parallel 
C 1 2 ? anti-parallel 
C 2 3 ? anti-parallel 
C 3 4 ? anti-parallel 
C 4 5 ? parallel      
# 
loop_
_struct_sheet_range.sheet_id 
_struct_sheet_range.id 
_struct_sheet_range.beg_label_comp_id 
_struct_sheet_range.beg_label_asym_id 
_struct_sheet_range.beg_label_seq_id 
_struct_sheet_range.pdbx_beg_PDB_ins_code 
_struct_sheet_range.end_label_comp_id 
_struct_sheet_range.end_label_asym_id 
_struct_sheet_range.end_label_seq_id 
_struct_sheet_range.pdbx_end_PDB_ins_code 
_struct_sheet_range.beg_auth_comp_id 
_struct_sheet_range.beg_auth_asym_id 
_struct_sheet_range.beg_auth_seq_id 
_struct_sheet_range.end_auth_comp_id 
_struct_sheet_range.end_auth_asym_id 
_struct_sheet_range.end_auth_seq_id 
A 1 TRP A 104 ? THR A 108 ? TRP A 104 THR A 108 
A 2 TYR A 113 ? TYR A 121 ? TYR A 113 TYR A 121 
A 3 ALA A 127 ? SER A 136 ? ALA A 127 SER A 136 
A 4 GLY A 25  ? LYS A 32  ? GLY A 25  LYS A 32  
A 5 LYS A 42  ? TYR A 50  ? LYS A 42  TYR A 50  
A 6 ALA A 55  ? SER A 63  ? ALA A 55  SER A 63  
A 7 VAL A 66  ? ILE A 76  ? VAL A 66  ILE A 76  
A 8 TYR A 88  ? PHE A 94  ? TYR A 88  PHE A 94  
A 9 ARG A 97  ? LEU A 101 ? ARG A 97  LEU A 101 
B 1 ILE A 3   ? PRO A 6   ? ILE A 3   PRO A 6   
B 2 ALA A 127 ? SER A 136 ? ALA A 127 SER A 136 
B 3 GLY A 25  ? LYS A 32  ? GLY A 25  LYS A 32  
C 1 GLY A 25  ? LYS A 32  ? GLY A 25  LYS A 32  
C 2 LYS A 42  ? TYR A 50  ? LYS A 42  TYR A 50  
C 3 ALA A 55  ? SER A 63  ? ALA A 55  SER A 63  
C 4 VAL A 66  ? ILE A 76  ? VAL A 66  ILE A 76  
C 5 THR A 179 ? SER A 182 ? THR A 179 SER A 182 
# 
loop_
_pdbx_struct_sheet_hbond.sheet_id 
_pdbx_struct_sheet_hbond.range_id_1 
_pdbx_struct_sheet_hbond.range_id_2 
_pdbx_struct_sheet_hbond.range_1_label_atom_id 
_pdbx_struct_sheet_hbond.range_1_label_comp_id 
_pdbx_struct_sheet_hbond.range_1_label_asym_id 
_pdbx_struct_sheet_hbond.range_1_label_seq_id 
_pdbx_struct_sheet_hbond.range_1_PDB_ins_code 
_pdbx_struct_sheet_hbond.range_1_auth_atom_id 
_pdbx_struct_sheet_hbond.range_1_auth_comp_id 
_pdbx_struct_sheet_hbond.range_1_auth_asym_id 
_pdbx_struct_sheet_hbond.range_1_auth_seq_id 
_pdbx_struct_sheet_hbond.range_2_label_atom_id 
_pdbx_struct_sheet_hbond.range_2_label_comp_id 
_pdbx_struct_sheet_hbond.range_2_label_asym_id 
_pdbx_struct_sheet_hbond.range_2_label_seq_id 
_pdbx_struct_sheet_hbond.range_2_PDB_ins_code 
_pdbx_struct_sheet_hbond.range_2_auth_atom_id 
_pdbx_struct_sheet_hbond.range_2_auth_comp_id 
_pdbx_struct_sheet_hbond.range_2_auth_asym_id 
_pdbx_struct_sheet_hbond.range_2_auth_seq_id 
A 1 2 N ALA A 107 ? N ALA A 107 O ILE A 115 ? O ILE A 115 
A 2 3 N ALA A 114 ? N ALA A 114 O LEU A 135 ? O LEU A 135 
A 3 4 O ILE A 134 ? O ILE A 134 N ALA A 31  ? N ALA A 31  
A 4 5 N TRP A 27  ? N TRP A 27  O ALA A 46  ? O ALA A 46  
A 5 6 N GLU A 47  ? N GLU A 47  O TYR A 58  ? O TYR A 58  
A 6 7 N VAL A 57  ? N VAL A 57  O GLY A 72  ? O GLY A 72  
A 7 8 N GLU A 75  ? N GLU A 75  O VAL A 89  ? O VAL A 89  
A 8 9 N PHE A 94  ? N PHE A 94  O ARG A 97  ? O ARG A 97  
B 1 2 N TYR A 5   ? N TYR A 5   O HIS A 128 ? O HIS A 128 
B 2 3 O ILE A 134 ? O ILE A 134 N ALA A 31  ? N ALA A 31  
C 1 2 N TRP A 27  ? N TRP A 27  O ALA A 46  ? O ALA A 46  
C 2 3 N GLU A 47  ? N GLU A 47  O TYR A 58  ? O TYR A 58  
C 3 4 N VAL A 57  ? N VAL A 57  O GLY A 72  ? O GLY A 72  
C 4 5 N LYS A 67  ? N LYS A 67  O THR A 179 ? O THR A 179 
# 
_struct_site.id                   AC1 
_struct_site.pdbx_evidence_code   Software 
_struct_site.pdbx_auth_asym_id    A 
_struct_site.pdbx_auth_comp_id    BLV 
_struct_site.pdbx_auth_seq_id     195 
_struct_site.pdbx_auth_ins_code   ? 
_struct_site.pdbx_num_residues    16 
_struct_site.details              'BINDING SITE FOR RESIDUE BLV A 195' 
# 
loop_
_struct_site_gen.id 
_struct_site_gen.site_id 
_struct_site_gen.pdbx_num_res 
_struct_site_gen.label_comp_id 
_struct_site_gen.label_asym_id 
_struct_site_gen.label_seq_id 
_struct_site_gen.pdbx_auth_ins_code 
_struct_site_gen.auth_comp_id 
_struct_site_gen.auth_asym_id 
_struct_site_gen.auth_seq_id 
_struct_site_gen.label_atom_id 
_struct_site_gen.label_alt_id 
_struct_site_gen.symmetry 
_struct_site_gen.details 
1  AC1 16 GLU A 29  ? GLU A 29  . ? 1_555 ? 
2  AC1 16 LEU A 35  ? LEU A 35  . ? 1_555 ? 
3  AC1 16 ASN A 37  ? ASN A 37  . ? 1_555 ? 
4  AC1 16 THR A 44  ? THR A 44  . ? 1_555 ? 
5  AC1 16 ILE A 45  ? ILE A 45  . ? 1_555 ? 
6  AC1 16 ASN A 59  ? ASN A 59  . ? 1_555 ? 
7  AC1 16 SER A 60  ? SER A 60  . ? 1_555 ? 
8  AC1 16 PHE A 61  ? PHE A 61  . ? 1_555 ? 
9  AC1 16 MET A 70  ? MET A 70  . ? 1_555 ? 
10 AC1 16 PHE A 94  ? PHE A 94  . ? 1_555 ? 
11 AC1 16 ARG A 97  ? ARG A 97  . ? 1_555 ? 
12 AC1 16 LEU A 101 ? LEU A 101 . ? 1_555 ? 
13 AC1 16 ASN A 118 ? ASN A 118 . ? 1_555 ? 
14 AC1 16 ASP A 120 ? ASP A 120 . ? 1_555 ? 
15 AC1 16 HIS A 131 ? HIS A 131 . ? 1_555 ? 
16 AC1 16 TRP A 133 ? TRP A 133 . ? 1_555 ? 
# 
_pdbx_entry_details.entry_id                   1Z24 
_pdbx_entry_details.compound_details           ? 
_pdbx_entry_details.source_details             ? 
_pdbx_entry_details.nonpolymer_details         ? 
_pdbx_entry_details.sequence_details           ? 
_pdbx_entry_details.has_ligand_of_interest     ? 
_pdbx_entry_details.has_protein_modification   Y 
# 
loop_
_pdbx_validate_rmsd_bond.id 
_pdbx_validate_rmsd_bond.PDB_model_num 
_pdbx_validate_rmsd_bond.auth_atom_id_1 
_pdbx_validate_rmsd_bond.auth_asym_id_1 
_pdbx_validate_rmsd_bond.auth_comp_id_1 
_pdbx_validate_rmsd_bond.auth_seq_id_1 
_pdbx_validate_rmsd_bond.PDB_ins_code_1 
_pdbx_validate_rmsd_bond.label_alt_id_1 
_pdbx_validate_rmsd_bond.auth_atom_id_2 
_pdbx_validate_rmsd_bond.auth_asym_id_2 
_pdbx_validate_rmsd_bond.auth_comp_id_2 
_pdbx_validate_rmsd_bond.auth_seq_id_2 
_pdbx_validate_rmsd_bond.PDB_ins_code_2 
_pdbx_validate_rmsd_bond.label_alt_id_2 
_pdbx_validate_rmsd_bond.bond_value 
_pdbx_validate_rmsd_bond.bond_target_value 
_pdbx_validate_rmsd_bond.bond_deviation 
_pdbx_validate_rmsd_bond.bond_standard_deviation 
_pdbx_validate_rmsd_bond.linker_flag 
1 1 CD A GLU 47  ? ? OE2 A GLU 47  ? ? 1.324 1.252 0.072 0.011 N 
2 1 CD A GLU 71  ? ? OE2 A GLU 71  ? ? 1.320 1.252 0.068 0.011 N 
3 1 CD A GLU 75  ? ? OE2 A GLU 75  ? ? 1.321 1.252 0.069 0.011 N 
4 1 CD A GLU 142 ? ? OE2 A GLU 142 ? ? 1.368 1.252 0.116 0.011 N 
5 1 CD A GLU 147 ? ? OE2 A GLU 147 ? ? 1.328 1.252 0.076 0.011 N 
6 1 CD A GLU 172 ? ? OE2 A GLU 172 ? ? 1.334 1.252 0.082 0.011 N 
# 
loop_
_pdbx_validate_rmsd_angle.id 
_pdbx_validate_rmsd_angle.PDB_model_num 
_pdbx_validate_rmsd_angle.auth_atom_id_1 
_pdbx_validate_rmsd_angle.auth_asym_id_1 
_pdbx_validate_rmsd_angle.auth_comp_id_1 
_pdbx_validate_rmsd_angle.auth_seq_id_1 
_pdbx_validate_rmsd_angle.PDB_ins_code_1 
_pdbx_validate_rmsd_angle.label_alt_id_1 
_pdbx_validate_rmsd_angle.auth_atom_id_2 
_pdbx_validate_rmsd_angle.auth_asym_id_2 
_pdbx_validate_rmsd_angle.auth_comp_id_2 
_pdbx_validate_rmsd_angle.auth_seq_id_2 
_pdbx_validate_rmsd_angle.PDB_ins_code_2 
_pdbx_validate_rmsd_angle.label_alt_id_2 
_pdbx_validate_rmsd_angle.auth_atom_id_3 
_pdbx_validate_rmsd_angle.auth_asym_id_3 
_pdbx_validate_rmsd_angle.auth_comp_id_3 
_pdbx_validate_rmsd_angle.auth_seq_id_3 
_pdbx_validate_rmsd_angle.PDB_ins_code_3 
_pdbx_validate_rmsd_angle.label_alt_id_3 
_pdbx_validate_rmsd_angle.angle_value 
_pdbx_validate_rmsd_angle.angle_target_value 
_pdbx_validate_rmsd_angle.angle_deviation 
_pdbx_validate_rmsd_angle.angle_standard_deviation 
_pdbx_validate_rmsd_angle.linker_flag 
1  1 CB  A ASP 2   ? ? CG A ASP 2   ? ? OD1 A ASP 2   ? ? 126.26 118.30 7.96   0.90 N 
2  1 CB  A ASP 2   ? ? CG A ASP 2   ? ? OD2 A ASP 2   ? ? 111.72 118.30 -6.58  0.90 N 
3  1 CG1 A VAL 12  ? ? CB A VAL 12  ? ? CG2 A VAL 12  ? ? 101.12 110.90 -9.78  1.60 N 
4  1 CB  A ASP 17  ? ? CG A ASP 17  ? ? OD2 A ASP 17  ? ? 112.34 118.30 -5.96  0.90 N 
5  1 CB  A TYR 69  ? ? CG A TYR 69  ? ? CD1 A TYR 69  ? ? 116.88 121.00 -4.12  0.60 N 
6  1 N   A PRO 78  ? ? CA A PRO 78  ? ? CB  A PRO 78  ? ? 111.08 103.30 7.78   1.20 N 
7  1 CB  A ASP 79  ? ? CG A ASP 79  ? ? OD1 A ASP 79  ? ? 125.09 118.30 6.79   0.90 N 
8  1 CB  A ASP 109 ? ? CG A ASP 109 ? ? OD1 A ASP 109 ? ? 125.68 118.30 7.38   0.90 N 
9  1 CB  A ASP 109 ? ? CG A ASP 109 ? ? OD2 A ASP 109 ? ? 108.66 118.30 -9.64  0.90 N 
10 1 CB  A TYR 110 ? ? CG A TYR 110 ? ? CD1 A TYR 110 ? ? 116.70 121.00 -4.30  0.60 N 
11 1 CB  A ASN 112 ? ? CA A ASN 112 ? ? C   A ASN 112 ? ? 98.35  110.40 -12.05 2.00 N 
12 1 N   A ASN 118 ? ? CA A ASN 118 ? ? CB  A ASN 118 ? ? 122.23 110.60 11.63  1.80 N 
13 1 N   A ASN 144 ? ? CA A ASN 144 ? ? CB  A ASN 144 ? ? 126.99 110.60 16.39  1.80 N 
14 1 CA  A THR 155 ? ? CB A THR 155 ? ? CG2 A THR 155 ? ? 103.34 112.40 -9.06  1.40 N 
15 1 CB  A ASP 187 ? ? CG A ASP 187 ? ? OD2 A ASP 187 ? ? 110.98 118.30 -7.32  0.90 N 
# 
loop_
_pdbx_validate_torsion.id 
_pdbx_validate_torsion.PDB_model_num 
_pdbx_validate_torsion.auth_comp_id 
_pdbx_validate_torsion.auth_asym_id 
_pdbx_validate_torsion.auth_seq_id 
_pdbx_validate_torsion.PDB_ins_code 
_pdbx_validate_torsion.label_alt_id 
_pdbx_validate_torsion.phi 
_pdbx_validate_torsion.psi 
1 1 TYR A 110 ? ? 65.59   -41.43 
2 1 ASN A 112 ? ? -130.17 -36.65 
3 1 ASP A 187 ? ? -100.57 56.60  
# 
loop_
_chem_comp_atom.comp_id 
_chem_comp_atom.atom_id 
_chem_comp_atom.type_symbol 
_chem_comp_atom.pdbx_aromatic_flag 
_chem_comp_atom.pdbx_stereo_config 
_chem_comp_atom.pdbx_ordinal 
ALA N    N N N 1   
ALA CA   C N S 2   
ALA C    C N N 3   
ALA O    O N N 4   
ALA CB   C N N 5   
ALA OXT  O N N 6   
ALA H    H N N 7   
ALA H2   H N N 8   
ALA HA   H N N 9   
ALA HB1  H N N 10  
ALA HB2  H N N 11  
ALA HB3  H N N 12  
ALA HXT  H N N 13  
ARG N    N N N 14  
ARG CA   C N S 15  
ARG C    C N N 16  
ARG O    O N N 17  
ARG CB   C N N 18  
ARG CG   C N N 19  
ARG CD   C N N 20  
ARG NE   N N N 21  
ARG CZ   C N N 22  
ARG NH1  N N N 23  
ARG NH2  N N N 24  
ARG OXT  O N N 25  
ARG H    H N N 26  
ARG H2   H N N 27  
ARG HA   H N N 28  
ARG HB2  H N N 29  
ARG HB3  H N N 30  
ARG HG2  H N N 31  
ARG HG3  H N N 32  
ARG HD2  H N N 33  
ARG HD3  H N N 34  
ARG HE   H N N 35  
ARG HH11 H N N 36  
ARG HH12 H N N 37  
ARG HH21 H N N 38  
ARG HH22 H N N 39  
ARG HXT  H N N 40  
ASN N    N N N 41  
ASN CA   C N S 42  
ASN C    C N N 43  
ASN O    O N N 44  
ASN CB   C N N 45  
ASN CG   C N N 46  
ASN OD1  O N N 47  
ASN ND2  N N N 48  
ASN OXT  O N N 49  
ASN H    H N N 50  
ASN H2   H N N 51  
ASN HA   H N N 52  
ASN HB2  H N N 53  
ASN HB3  H N N 54  
ASN HD21 H N N 55  
ASN HD22 H N N 56  
ASN HXT  H N N 57  
ASP N    N N N 58  
ASP CA   C N S 59  
ASP C    C N N 60  
ASP O    O N N 61  
ASP CB   C N N 62  
ASP CG   C N N 63  
ASP OD1  O N N 64  
ASP OD2  O N N 65  
ASP OXT  O N N 66  
ASP H    H N N 67  
ASP H2   H N N 68  
ASP HA   H N N 69  
ASP HB2  H N N 70  
ASP HB3  H N N 71  
ASP HD2  H N N 72  
ASP HXT  H N N 73  
BLV NA   N N N 74  
BLV C1A  C N N 75  
BLV C2A  C N N 76  
BLV C3A  C N N 77  
BLV C4A  C N N 78  
BLV CMA  C N N 79  
BLV OA   O N N 80  
BLV CAA  C N N 81  
BLV CBA  C N N 82  
BLV CGA  C N N 83  
BLV O1A  O N N 84  
BLV O2A  O N N 85  
BLV CHB  C N N 86  
BLV NB   N Y N 87  
BLV C1B  C Y N 88  
BLV C2B  C Y N 89  
BLV C3B  C Y N 90  
BLV C4B  C Y N 91  
BLV CMB  C N N 92  
BLV CAB  C N N 93  
BLV CBB  C N N 94  
BLV CHC  C N N 95  
BLV NC   N Y N 96  
BLV C1C  C Y N 97  
BLV C2C  C Y N 98  
BLV C3C  C Y N 99  
BLV C4C  C Y N 100 
BLV CMC  C N N 101 
BLV CAC  C N N 102 
BLV CBC  C N N 103 
BLV CHD  C N N 104 
BLV ND   N N N 105 
BLV C1D  C N N 106 
BLV C2D  C N N 107 
BLV C3D  C N N 108 
BLV C4D  C N N 109 
BLV CMD  C N N 110 
BLV OD   O N N 111 
BLV CAD  C N N 112 
BLV CBD  C N N 113 
BLV CGD  C N N 114 
BLV O1D  O N N 115 
BLV O2D  O N N 116 
BLV HA   H N N 117 
BLV HMA1 H N N 118 
BLV HMA2 H N N 119 
BLV HMA3 H N N 120 
BLV HAA1 H N N 121 
BLV HAA2 H N N 122 
BLV HBA1 H N N 123 
BLV HBA2 H N N 124 
BLV H2A  H N N 125 
BLV HHB  H N N 126 
BLV HB   H N N 127 
BLV HMB1 H N N 128 
BLV HMB2 H N N 129 
BLV HMB3 H N N 130 
BLV HAB  H N N 131 
BLV HBB1 H N N 132 
BLV HBB2 H N N 133 
BLV HHC  H N N 134 
BLV HC   H N N 135 
BLV HMC1 H N N 136 
BLV HMC2 H N N 137 
BLV HMC3 H N N 138 
BLV HAC  H N N 139 
BLV HBC1 H N N 140 
BLV HBC2 H N N 141 
BLV HHD  H N N 142 
BLV HMD1 H N N 143 
BLV HMD2 H N N 144 
BLV HMD3 H N N 145 
BLV HAD1 H N N 146 
BLV HAD2 H N N 147 
BLV HBD1 H N N 148 
BLV HBD2 H N N 149 
BLV H2D  H N N 150 
CYS N    N N N 151 
CYS CA   C N R 152 
CYS C    C N N 153 
CYS O    O N N 154 
CYS CB   C N N 155 
CYS SG   S N N 156 
CYS OXT  O N N 157 
CYS H    H N N 158 
CYS H2   H N N 159 
CYS HA   H N N 160 
CYS HB2  H N N 161 
CYS HB3  H N N 162 
CYS HG   H N N 163 
CYS HXT  H N N 164 
GLN N    N N N 165 
GLN CA   C N S 166 
GLN C    C N N 167 
GLN O    O N N 168 
GLN CB   C N N 169 
GLN CG   C N N 170 
GLN CD   C N N 171 
GLN OE1  O N N 172 
GLN NE2  N N N 173 
GLN OXT  O N N 174 
GLN H    H N N 175 
GLN H2   H N N 176 
GLN HA   H N N 177 
GLN HB2  H N N 178 
GLN HB3  H N N 179 
GLN HG2  H N N 180 
GLN HG3  H N N 181 
GLN HE21 H N N 182 
GLN HE22 H N N 183 
GLN HXT  H N N 184 
GLU N    N N N 185 
GLU CA   C N S 186 
GLU C    C N N 187 
GLU O    O N N 188 
GLU CB   C N N 189 
GLU CG   C N N 190 
GLU CD   C N N 191 
GLU OE1  O N N 192 
GLU OE2  O N N 193 
GLU OXT  O N N 194 
GLU H    H N N 195 
GLU H2   H N N 196 
GLU HA   H N N 197 
GLU HB2  H N N 198 
GLU HB3  H N N 199 
GLU HG2  H N N 200 
GLU HG3  H N N 201 
GLU HE2  H N N 202 
GLU HXT  H N N 203 
GLY N    N N N 204 
GLY CA   C N N 205 
GLY C    C N N 206 
GLY O    O N N 207 
GLY OXT  O N N 208 
GLY H    H N N 209 
GLY H2   H N N 210 
GLY HA2  H N N 211 
GLY HA3  H N N 212 
GLY HXT  H N N 213 
HIS N    N N N 214 
HIS CA   C N S 215 
HIS C    C N N 216 
HIS O    O N N 217 
HIS CB   C N N 218 
HIS CG   C Y N 219 
HIS ND1  N Y N 220 
HIS CD2  C Y N 221 
HIS CE1  C Y N 222 
HIS NE2  N Y N 223 
HIS OXT  O N N 224 
HIS H    H N N 225 
HIS H2   H N N 226 
HIS HA   H N N 227 
HIS HB2  H N N 228 
HIS HB3  H N N 229 
HIS HD1  H N N 230 
HIS HD2  H N N 231 
HIS HE1  H N N 232 
HIS HE2  H N N 233 
HIS HXT  H N N 234 
ILE N    N N N 235 
ILE CA   C N S 236 
ILE C    C N N 237 
ILE O    O N N 238 
ILE CB   C N S 239 
ILE CG1  C N N 240 
ILE CG2  C N N 241 
ILE CD1  C N N 242 
ILE OXT  O N N 243 
ILE H    H N N 244 
ILE H2   H N N 245 
ILE HA   H N N 246 
ILE HB   H N N 247 
ILE HG12 H N N 248 
ILE HG13 H N N 249 
ILE HG21 H N N 250 
ILE HG22 H N N 251 
ILE HG23 H N N 252 
ILE HD11 H N N 253 
ILE HD12 H N N 254 
ILE HD13 H N N 255 
ILE HXT  H N N 256 
LEU N    N N N 257 
LEU CA   C N S 258 
LEU C    C N N 259 
LEU O    O N N 260 
LEU CB   C N N 261 
LEU CG   C N N 262 
LEU CD1  C N N 263 
LEU CD2  C N N 264 
LEU OXT  O N N 265 
LEU H    H N N 266 
LEU H2   H N N 267 
LEU HA   H N N 268 
LEU HB2  H N N 269 
LEU HB3  H N N 270 
LEU HG   H N N 271 
LEU HD11 H N N 272 
LEU HD12 H N N 273 
LEU HD13 H N N 274 
LEU HD21 H N N 275 
LEU HD22 H N N 276 
LEU HD23 H N N 277 
LEU HXT  H N N 278 
LYS N    N N N 279 
LYS CA   C N S 280 
LYS C    C N N 281 
LYS O    O N N 282 
LYS CB   C N N 283 
LYS CG   C N N 284 
LYS CD   C N N 285 
LYS CE   C N N 286 
LYS NZ   N N N 287 
LYS OXT  O N N 288 
LYS H    H N N 289 
LYS H2   H N N 290 
LYS HA   H N N 291 
LYS HB2  H N N 292 
LYS HB3  H N N 293 
LYS HG2  H N N 294 
LYS HG3  H N N 295 
LYS HD2  H N N 296 
LYS HD3  H N N 297 
LYS HE2  H N N 298 
LYS HE3  H N N 299 
LYS HZ1  H N N 300 
LYS HZ2  H N N 301 
LYS HZ3  H N N 302 
LYS HXT  H N N 303 
MET N    N N N 304 
MET CA   C N S 305 
MET C    C N N 306 
MET O    O N N 307 
MET CB   C N N 308 
MET CG   C N N 309 
MET SD   S N N 310 
MET CE   C N N 311 
MET OXT  O N N 312 
MET H    H N N 313 
MET H2   H N N 314 
MET HA   H N N 315 
MET HB2  H N N 316 
MET HB3  H N N 317 
MET HG2  H N N 318 
MET HG3  H N N 319 
MET HE1  H N N 320 
MET HE2  H N N 321 
MET HE3  H N N 322 
MET HXT  H N N 323 
PHE N    N N N 324 
PHE CA   C N S 325 
PHE C    C N N 326 
PHE O    O N N 327 
PHE CB   C N N 328 
PHE CG   C Y N 329 
PHE CD1  C Y N 330 
PHE CD2  C Y N 331 
PHE CE1  C Y N 332 
PHE CE2  C Y N 333 
PHE CZ   C Y N 334 
PHE OXT  O N N 335 
PHE H    H N N 336 
PHE H2   H N N 337 
PHE HA   H N N 338 
PHE HB2  H N N 339 
PHE HB3  H N N 340 
PHE HD1  H N N 341 
PHE HD2  H N N 342 
PHE HE1  H N N 343 
PHE HE2  H N N 344 
PHE HZ   H N N 345 
PHE HXT  H N N 346 
PRO N    N N N 347 
PRO CA   C N S 348 
PRO C    C N N 349 
PRO O    O N N 350 
PRO CB   C N N 351 
PRO CG   C N N 352 
PRO CD   C N N 353 
PRO OXT  O N N 354 
PRO H    H N N 355 
PRO HA   H N N 356 
PRO HB2  H N N 357 
PRO HB3  H N N 358 
PRO HG2  H N N 359 
PRO HG3  H N N 360 
PRO HD2  H N N 361 
PRO HD3  H N N 362 
PRO HXT  H N N 363 
SER N    N N N 364 
SER CA   C N S 365 
SER C    C N N 366 
SER O    O N N 367 
SER CB   C N N 368 
SER OG   O N N 369 
SER OXT  O N N 370 
SER H    H N N 371 
SER H2   H N N 372 
SER HA   H N N 373 
SER HB2  H N N 374 
SER HB3  H N N 375 
SER HG   H N N 376 
SER HXT  H N N 377 
THR N    N N N 378 
THR CA   C N S 379 
THR C    C N N 380 
THR O    O N N 381 
THR CB   C N R 382 
THR OG1  O N N 383 
THR CG2  C N N 384 
THR OXT  O N N 385 
THR H    H N N 386 
THR H2   H N N 387 
THR HA   H N N 388 
THR HB   H N N 389 
THR HG1  H N N 390 
THR HG21 H N N 391 
THR HG22 H N N 392 
THR HG23 H N N 393 
THR HXT  H N N 394 
TRP N    N N N 395 
TRP CA   C N S 396 
TRP C    C N N 397 
TRP O    O N N 398 
TRP CB   C N N 399 
TRP CG   C Y N 400 
TRP CD1  C Y N 401 
TRP CD2  C Y N 402 
TRP NE1  N Y N 403 
TRP CE2  C Y N 404 
TRP CE3  C Y N 405 
TRP CZ2  C Y N 406 
TRP CZ3  C Y N 407 
TRP CH2  C Y N 408 
TRP OXT  O N N 409 
TRP H    H N N 410 
TRP H2   H N N 411 
TRP HA   H N N 412 
TRP HB2  H N N 413 
TRP HB3  H N N 414 
TRP HD1  H N N 415 
TRP HE1  H N N 416 
TRP HE3  H N N 417 
TRP HZ2  H N N 418 
TRP HZ3  H N N 419 
TRP HH2  H N N 420 
TRP HXT  H N N 421 
TYR N    N N N 422 
TYR CA   C N S 423 
TYR C    C N N 424 
TYR O    O N N 425 
TYR CB   C N N 426 
TYR CG   C Y N 427 
TYR CD1  C Y N 428 
TYR CD2  C Y N 429 
TYR CE1  C Y N 430 
TYR CE2  C Y N 431 
TYR CZ   C Y N 432 
TYR OH   O N N 433 
TYR OXT  O N N 434 
TYR H    H N N 435 
TYR H2   H N N 436 
TYR HA   H N N 437 
TYR HB2  H N N 438 
TYR HB3  H N N 439 
TYR HD1  H N N 440 
TYR HD2  H N N 441 
TYR HE1  H N N 442 
TYR HE2  H N N 443 
TYR HH   H N N 444 
TYR HXT  H N N 445 
VAL N    N N N 446 
VAL CA   C N S 447 
VAL C    C N N 448 
VAL O    O N N 449 
VAL CB   C N N 450 
VAL CG1  C N N 451 
VAL CG2  C N N 452 
VAL OXT  O N N 453 
VAL H    H N N 454 
VAL H2   H N N 455 
VAL HA   H N N 456 
VAL HB   H N N 457 
VAL HG11 H N N 458 
VAL HG12 H N N 459 
VAL HG13 H N N 460 
VAL HG21 H N N 461 
VAL HG22 H N N 462 
VAL HG23 H N N 463 
VAL HXT  H N N 464 
# 
loop_
_chem_comp_bond.comp_id 
_chem_comp_bond.atom_id_1 
_chem_comp_bond.atom_id_2 
_chem_comp_bond.value_order 
_chem_comp_bond.pdbx_aromatic_flag 
_chem_comp_bond.pdbx_stereo_config 
_chem_comp_bond.pdbx_ordinal 
ALA N   CA   sing N N 1   
ALA N   H    sing N N 2   
ALA N   H2   sing N N 3   
ALA CA  C    sing N N 4   
ALA CA  CB   sing N N 5   
ALA CA  HA   sing N N 6   
ALA C   O    doub N N 7   
ALA C   OXT  sing N N 8   
ALA CB  HB1  sing N N 9   
ALA CB  HB2  sing N N 10  
ALA CB  HB3  sing N N 11  
ALA OXT HXT  sing N N 12  
ARG N   CA   sing N N 13  
ARG N   H    sing N N 14  
ARG N   H2   sing N N 15  
ARG CA  C    sing N N 16  
ARG CA  CB   sing N N 17  
ARG CA  HA   sing N N 18  
ARG C   O    doub N N 19  
ARG C   OXT  sing N N 20  
ARG CB  CG   sing N N 21  
ARG CB  HB2  sing N N 22  
ARG CB  HB3  sing N N 23  
ARG CG  CD   sing N N 24  
ARG CG  HG2  sing N N 25  
ARG CG  HG3  sing N N 26  
ARG CD  NE   sing N N 27  
ARG CD  HD2  sing N N 28  
ARG CD  HD3  sing N N 29  
ARG NE  CZ   sing N N 30  
ARG NE  HE   sing N N 31  
ARG CZ  NH1  sing N N 32  
ARG CZ  NH2  doub N N 33  
ARG NH1 HH11 sing N N 34  
ARG NH1 HH12 sing N N 35  
ARG NH2 HH21 sing N N 36  
ARG NH2 HH22 sing N N 37  
ARG OXT HXT  sing N N 38  
ASN N   CA   sing N N 39  
ASN N   H    sing N N 40  
ASN N   H2   sing N N 41  
ASN CA  C    sing N N 42  
ASN CA  CB   sing N N 43  
ASN CA  HA   sing N N 44  
ASN C   O    doub N N 45  
ASN C   OXT  sing N N 46  
ASN CB  CG   sing N N 47  
ASN CB  HB2  sing N N 48  
ASN CB  HB3  sing N N 49  
ASN CG  OD1  doub N N 50  
ASN CG  ND2  sing N N 51  
ASN ND2 HD21 sing N N 52  
ASN ND2 HD22 sing N N 53  
ASN OXT HXT  sing N N 54  
ASP N   CA   sing N N 55  
ASP N   H    sing N N 56  
ASP N   H2   sing N N 57  
ASP CA  C    sing N N 58  
ASP CA  CB   sing N N 59  
ASP CA  HA   sing N N 60  
ASP C   O    doub N N 61  
ASP C   OXT  sing N N 62  
ASP CB  CG   sing N N 63  
ASP CB  HB2  sing N N 64  
ASP CB  HB3  sing N N 65  
ASP CG  OD1  doub N N 66  
ASP CG  OD2  sing N N 67  
ASP OD2 HD2  sing N N 68  
ASP OXT HXT  sing N N 69  
BLV NA  C1A  sing N N 70  
BLV NA  C4A  sing N N 71  
BLV NA  HA   sing N N 72  
BLV C1A C2A  sing N N 73  
BLV C1A OA   doub N N 74  
BLV C2A C3A  doub N N 75  
BLV C2A CAA  sing N N 76  
BLV C3A C4A  sing N N 77  
BLV C3A CMA  sing N N 78  
BLV C4A CHB  doub N Z 79  
BLV CMA HMA1 sing N N 80  
BLV CMA HMA2 sing N N 81  
BLV CMA HMA3 sing N N 82  
BLV CAA CBA  sing N N 83  
BLV CAA HAA1 sing N N 84  
BLV CAA HAA2 sing N N 85  
BLV CBA CGA  sing N N 86  
BLV CBA HBA1 sing N N 87  
BLV CBA HBA2 sing N N 88  
BLV CGA O1A  doub N N 89  
BLV CGA O2A  sing N N 90  
BLV O2A H2A  sing N N 91  
BLV CHB C1B  sing N N 92  
BLV CHB HHB  sing N N 93  
BLV NB  C1B  sing Y N 94  
BLV NB  C4B  sing Y N 95  
BLV NB  HB   sing N N 96  
BLV C1B C2B  doub Y N 97  
BLV C2B C3B  sing Y N 98  
BLV C2B CMB  sing N N 99  
BLV C3B C4B  doub Y N 100 
BLV C3B CAB  sing N N 101 
BLV C4B CHC  sing N N 102 
BLV CMB HMB1 sing N N 103 
BLV CMB HMB2 sing N N 104 
BLV CMB HMB3 sing N N 105 
BLV CAB CBB  doub N N 106 
BLV CAB HAB  sing N N 107 
BLV CBB HBB1 sing N N 108 
BLV CBB HBB2 sing N N 109 
BLV CHC C1C  doub N Z 110 
BLV CHC HHC  sing N N 111 
BLV NC  C1C  sing Y N 112 
BLV NC  C4C  sing Y N 113 
BLV NC  HC   sing N N 114 
BLV C1C C2C  sing Y N 115 
BLV C2C C3C  doub Y N 116 
BLV C2C CMC  sing N N 117 
BLV C3C C4C  sing Y N 118 
BLV C3C CAC  sing N N 119 
BLV C4C CHD  doub N Z 120 
BLV CMC HMC1 sing N N 121 
BLV CMC HMC2 sing N N 122 
BLV CMC HMC3 sing N N 123 
BLV CAC CBC  doub N N 124 
BLV CAC HAC  sing N N 125 
BLV CBC HBC1 sing N N 126 
BLV CBC HBC2 sing N N 127 
BLV CHD C1D  sing N N 128 
BLV CHD HHD  sing N N 129 
BLV ND  C1D  doub N N 130 
BLV ND  C4D  sing N N 131 
BLV C1D C2D  sing N N 132 
BLV C2D C3D  doub N N 133 
BLV C2D CMD  sing N N 134 
BLV C3D C4D  sing N N 135 
BLV C3D CAD  sing N N 136 
BLV C4D OD   doub N N 137 
BLV CMD HMD1 sing N N 138 
BLV CMD HMD2 sing N N 139 
BLV CMD HMD3 sing N N 140 
BLV CAD CBD  sing N N 141 
BLV CAD HAD1 sing N N 142 
BLV CAD HAD2 sing N N 143 
BLV CBD CGD  sing N N 144 
BLV CBD HBD1 sing N N 145 
BLV CBD HBD2 sing N N 146 
BLV CGD O1D  doub N N 147 
BLV CGD O2D  sing N N 148 
BLV O2D H2D  sing N N 149 
CYS N   CA   sing N N 150 
CYS N   H    sing N N 151 
CYS N   H2   sing N N 152 
CYS CA  C    sing N N 153 
CYS CA  CB   sing N N 154 
CYS CA  HA   sing N N 155 
CYS C   O    doub N N 156 
CYS C   OXT  sing N N 157 
CYS CB  SG   sing N N 158 
CYS CB  HB2  sing N N 159 
CYS CB  HB3  sing N N 160 
CYS SG  HG   sing N N 161 
CYS OXT HXT  sing N N 162 
GLN N   CA   sing N N 163 
GLN N   H    sing N N 164 
GLN N   H2   sing N N 165 
GLN CA  C    sing N N 166 
GLN CA  CB   sing N N 167 
GLN CA  HA   sing N N 168 
GLN C   O    doub N N 169 
GLN C   OXT  sing N N 170 
GLN CB  CG   sing N N 171 
GLN CB  HB2  sing N N 172 
GLN CB  HB3  sing N N 173 
GLN CG  CD   sing N N 174 
GLN CG  HG2  sing N N 175 
GLN CG  HG3  sing N N 176 
GLN CD  OE1  doub N N 177 
GLN CD  NE2  sing N N 178 
GLN NE2 HE21 sing N N 179 
GLN NE2 HE22 sing N N 180 
GLN OXT HXT  sing N N 181 
GLU N   CA   sing N N 182 
GLU N   H    sing N N 183 
GLU N   H2   sing N N 184 
GLU CA  C    sing N N 185 
GLU CA  CB   sing N N 186 
GLU CA  HA   sing N N 187 
GLU C   O    doub N N 188 
GLU C   OXT  sing N N 189 
GLU CB  CG   sing N N 190 
GLU CB  HB2  sing N N 191 
GLU CB  HB3  sing N N 192 
GLU CG  CD   sing N N 193 
GLU CG  HG2  sing N N 194 
GLU CG  HG3  sing N N 195 
GLU CD  OE1  doub N N 196 
GLU CD  OE2  sing N N 197 
GLU OE2 HE2  sing N N 198 
GLU OXT HXT  sing N N 199 
GLY N   CA   sing N N 200 
GLY N   H    sing N N 201 
GLY N   H2   sing N N 202 
GLY CA  C    sing N N 203 
GLY CA  HA2  sing N N 204 
GLY CA  HA3  sing N N 205 
GLY C   O    doub N N 206 
GLY C   OXT  sing N N 207 
GLY OXT HXT  sing N N 208 
HIS N   CA   sing N N 209 
HIS N   H    sing N N 210 
HIS N   H2   sing N N 211 
HIS CA  C    sing N N 212 
HIS CA  CB   sing N N 213 
HIS CA  HA   sing N N 214 
HIS C   O    doub N N 215 
HIS C   OXT  sing N N 216 
HIS CB  CG   sing N N 217 
HIS CB  HB2  sing N N 218 
HIS CB  HB3  sing N N 219 
HIS CG  ND1  sing Y N 220 
HIS CG  CD2  doub Y N 221 
HIS ND1 CE1  doub Y N 222 
HIS ND1 HD1  sing N N 223 
HIS CD2 NE2  sing Y N 224 
HIS CD2 HD2  sing N N 225 
HIS CE1 NE2  sing Y N 226 
HIS CE1 HE1  sing N N 227 
HIS NE2 HE2  sing N N 228 
HIS OXT HXT  sing N N 229 
ILE N   CA   sing N N 230 
ILE N   H    sing N N 231 
ILE N   H2   sing N N 232 
ILE CA  C    sing N N 233 
ILE CA  CB   sing N N 234 
ILE CA  HA   sing N N 235 
ILE C   O    doub N N 236 
ILE C   OXT  sing N N 237 
ILE CB  CG1  sing N N 238 
ILE CB  CG2  sing N N 239 
ILE CB  HB   sing N N 240 
ILE CG1 CD1  sing N N 241 
ILE CG1 HG12 sing N N 242 
ILE CG1 HG13 sing N N 243 
ILE CG2 HG21 sing N N 244 
ILE CG2 HG22 sing N N 245 
ILE CG2 HG23 sing N N 246 
ILE CD1 HD11 sing N N 247 
ILE CD1 HD12 sing N N 248 
ILE CD1 HD13 sing N N 249 
ILE OXT HXT  sing N N 250 
LEU N   CA   sing N N 251 
LEU N   H    sing N N 252 
LEU N   H2   sing N N 253 
LEU CA  C    sing N N 254 
LEU CA  CB   sing N N 255 
LEU CA  HA   sing N N 256 
LEU C   O    doub N N 257 
LEU C   OXT  sing N N 258 
LEU CB  CG   sing N N 259 
LEU CB  HB2  sing N N 260 
LEU CB  HB3  sing N N 261 
LEU CG  CD1  sing N N 262 
LEU CG  CD2  sing N N 263 
LEU CG  HG   sing N N 264 
LEU CD1 HD11 sing N N 265 
LEU CD1 HD12 sing N N 266 
LEU CD1 HD13 sing N N 267 
LEU CD2 HD21 sing N N 268 
LEU CD2 HD22 sing N N 269 
LEU CD2 HD23 sing N N 270 
LEU OXT HXT  sing N N 271 
LYS N   CA   sing N N 272 
LYS N   H    sing N N 273 
LYS N   H2   sing N N 274 
LYS CA  C    sing N N 275 
LYS CA  CB   sing N N 276 
LYS CA  HA   sing N N 277 
LYS C   O    doub N N 278 
LYS C   OXT  sing N N 279 
LYS CB  CG   sing N N 280 
LYS CB  HB2  sing N N 281 
LYS CB  HB3  sing N N 282 
LYS CG  CD   sing N N 283 
LYS CG  HG2  sing N N 284 
LYS CG  HG3  sing N N 285 
LYS CD  CE   sing N N 286 
LYS CD  HD2  sing N N 287 
LYS CD  HD3  sing N N 288 
LYS CE  NZ   sing N N 289 
LYS CE  HE2  sing N N 290 
LYS CE  HE3  sing N N 291 
LYS NZ  HZ1  sing N N 292 
LYS NZ  HZ2  sing N N 293 
LYS NZ  HZ3  sing N N 294 
LYS OXT HXT  sing N N 295 
MET N   CA   sing N N 296 
MET N   H    sing N N 297 
MET N   H2   sing N N 298 
MET CA  C    sing N N 299 
MET CA  CB   sing N N 300 
MET CA  HA   sing N N 301 
MET C   O    doub N N 302 
MET C   OXT  sing N N 303 
MET CB  CG   sing N N 304 
MET CB  HB2  sing N N 305 
MET CB  HB3  sing N N 306 
MET CG  SD   sing N N 307 
MET CG  HG2  sing N N 308 
MET CG  HG3  sing N N 309 
MET SD  CE   sing N N 310 
MET CE  HE1  sing N N 311 
MET CE  HE2  sing N N 312 
MET CE  HE3  sing N N 313 
MET OXT HXT  sing N N 314 
PHE N   CA   sing N N 315 
PHE N   H    sing N N 316 
PHE N   H2   sing N N 317 
PHE CA  C    sing N N 318 
PHE CA  CB   sing N N 319 
PHE CA  HA   sing N N 320 
PHE C   O    doub N N 321 
PHE C   OXT  sing N N 322 
PHE CB  CG   sing N N 323 
PHE CB  HB2  sing N N 324 
PHE CB  HB3  sing N N 325 
PHE CG  CD1  doub Y N 326 
PHE CG  CD2  sing Y N 327 
PHE CD1 CE1  sing Y N 328 
PHE CD1 HD1  sing N N 329 
PHE CD2 CE2  doub Y N 330 
PHE CD2 HD2  sing N N 331 
PHE CE1 CZ   doub Y N 332 
PHE CE1 HE1  sing N N 333 
PHE CE2 CZ   sing Y N 334 
PHE CE2 HE2  sing N N 335 
PHE CZ  HZ   sing N N 336 
PHE OXT HXT  sing N N 337 
PRO N   CA   sing N N 338 
PRO N   CD   sing N N 339 
PRO N   H    sing N N 340 
PRO CA  C    sing N N 341 
PRO CA  CB   sing N N 342 
PRO CA  HA   sing N N 343 
PRO C   O    doub N N 344 
PRO C   OXT  sing N N 345 
PRO CB  CG   sing N N 346 
PRO CB  HB2  sing N N 347 
PRO CB  HB3  sing N N 348 
PRO CG  CD   sing N N 349 
PRO CG  HG2  sing N N 350 
PRO CG  HG3  sing N N 351 
PRO CD  HD2  sing N N 352 
PRO CD  HD3  sing N N 353 
PRO OXT HXT  sing N N 354 
SER N   CA   sing N N 355 
SER N   H    sing N N 356 
SER N   H2   sing N N 357 
SER CA  C    sing N N 358 
SER CA  CB   sing N N 359 
SER CA  HA   sing N N 360 
SER C   O    doub N N 361 
SER C   OXT  sing N N 362 
SER CB  OG   sing N N 363 
SER CB  HB2  sing N N 364 
SER CB  HB3  sing N N 365 
SER OG  HG   sing N N 366 
SER OXT HXT  sing N N 367 
THR N   CA   sing N N 368 
THR N   H    sing N N 369 
THR N   H2   sing N N 370 
THR CA  C    sing N N 371 
THR CA  CB   sing N N 372 
THR CA  HA   sing N N 373 
THR C   O    doub N N 374 
THR C   OXT  sing N N 375 
THR CB  OG1  sing N N 376 
THR CB  CG2  sing N N 377 
THR CB  HB   sing N N 378 
THR OG1 HG1  sing N N 379 
THR CG2 HG21 sing N N 380 
THR CG2 HG22 sing N N 381 
THR CG2 HG23 sing N N 382 
THR OXT HXT  sing N N 383 
TRP N   CA   sing N N 384 
TRP N   H    sing N N 385 
TRP N   H2   sing N N 386 
TRP CA  C    sing N N 387 
TRP CA  CB   sing N N 388 
TRP CA  HA   sing N N 389 
TRP C   O    doub N N 390 
TRP C   OXT  sing N N 391 
TRP CB  CG   sing N N 392 
TRP CB  HB2  sing N N 393 
TRP CB  HB3  sing N N 394 
TRP CG  CD1  doub Y N 395 
TRP CG  CD2  sing Y N 396 
TRP CD1 NE1  sing Y N 397 
TRP CD1 HD1  sing N N 398 
TRP CD2 CE2  doub Y N 399 
TRP CD2 CE3  sing Y N 400 
TRP NE1 CE2  sing Y N 401 
TRP NE1 HE1  sing N N 402 
TRP CE2 CZ2  sing Y N 403 
TRP CE3 CZ3  doub Y N 404 
TRP CE3 HE3  sing N N 405 
TRP CZ2 CH2  doub Y N 406 
TRP CZ2 HZ2  sing N N 407 
TRP CZ3 CH2  sing Y N 408 
TRP CZ3 HZ3  sing N N 409 
TRP CH2 HH2  sing N N 410 
TRP OXT HXT  sing N N 411 
TYR N   CA   sing N N 412 
TYR N   H    sing N N 413 
TYR N   H2   sing N N 414 
TYR CA  C    sing N N 415 
TYR CA  CB   sing N N 416 
TYR CA  HA   sing N N 417 
TYR C   O    doub N N 418 
TYR C   OXT  sing N N 419 
TYR CB  CG   sing N N 420 
TYR CB  HB2  sing N N 421 
TYR CB  HB3  sing N N 422 
TYR CG  CD1  doub Y N 423 
TYR CG  CD2  sing Y N 424 
TYR CD1 CE1  sing Y N 425 
TYR CD1 HD1  sing N N 426 
TYR CD2 CE2  doub Y N 427 
TYR CD2 HD2  sing N N 428 
TYR CE1 CZ   doub Y N 429 
TYR CE1 HE1  sing N N 430 
TYR CE2 CZ   sing Y N 431 
TYR CE2 HE2  sing N N 432 
TYR CZ  OH   sing N N 433 
TYR OH  HH   sing N N 434 
TYR OXT HXT  sing N N 435 
VAL N   CA   sing N N 436 
VAL N   H    sing N N 437 
VAL N   H2   sing N N 438 
VAL CA  C    sing N N 439 
VAL CA  CB   sing N N 440 
VAL CA  HA   sing N N 441 
VAL C   O    doub N N 442 
VAL C   OXT  sing N N 443 
VAL CB  CG1  sing N N 444 
VAL CB  CG2  sing N N 445 
VAL CB  HB   sing N N 446 
VAL CG1 HG11 sing N N 447 
VAL CG1 HG12 sing N N 448 
VAL CG1 HG13 sing N N 449 
VAL CG2 HG21 sing N N 450 
VAL CG2 HG22 sing N N 451 
VAL CG2 HG23 sing N N 452 
VAL OXT HXT  sing N N 453 
# 
_atom_sites.entry_id                    1Z24 
_atom_sites.fract_transf_matrix[1][1]   -0.00182885 
_atom_sites.fract_transf_matrix[1][2]   -0.00191377 
_atom_sites.fract_transf_matrix[1][3]   0.00825181 
_atom_sites.fract_transf_matrix[2][1]   -0.00845988 
_atom_sites.fract_transf_matrix[2][2]   0.00084163 
_atom_sites.fract_transf_matrix[2][3]   -0.00167977 
_atom_sites.fract_transf_matrix[3][1]   -0.00069470 
_atom_sites.fract_transf_matrix[3][2]   -0.01357290 
_atom_sites.fract_transf_matrix[3][3]   -0.00330181 
_atom_sites.fract_transf_vector[1]      0.169343 
_atom_sites.fract_transf_vector[2]      0.379434 
_atom_sites.fract_transf_vector[3]      0.819230 
# 
loop_
_atom_type.symbol 
C 
N 
O 
S 
# 
loop_
_atom_site.group_PDB 
_atom_site.id 
_atom_site.type_symbol 
_atom_site.label_atom_id 
_atom_site.label_alt_id 
_atom_site.label_comp_id 
_atom_site.label_asym_id 
_atom_site.label_entity_id 
_atom_site.label_seq_id 
_atom_site.pdbx_PDB_ins_code 
_atom_site.Cartn_x 
_atom_site.Cartn_y 
_atom_site.Cartn_z 
_atom_site.occupancy 
_atom_site.B_iso_or_equiv 
_atom_site.pdbx_formal_charge 
_atom_site.auth_seq_id 
_atom_site.auth_comp_id 
_atom_site.auth_asym_id 
_atom_site.auth_atom_id 
_atom_site.pdbx_PDB_model_num 
ATOM   1    N N   . GLY A 1 1   ? 16.776  -4.122  -5.697  1.00 100.00 ? 1   GLY A N   1 
ATOM   2    C CA  . GLY A 1 1   ? 15.974  -5.339  -5.758  1.00 44.30  ? 1   GLY A CA  1 
ATOM   3    C C   . GLY A 1 1   ? 15.069  -5.419  -4.538  1.00 29.43  ? 1   GLY A C   1 
ATOM   4    O O   . GLY A 1 1   ? 15.336  -4.777  -3.500  1.00 50.76  ? 1   GLY A O   1 
ATOM   5    N N   . ASP A 1 2   ? 13.997  -6.190  -4.662  1.00 33.90  ? 2   ASP A N   1 
ATOM   6    C CA  . ASP A 1 2   ? 13.095  -6.319  -3.542  1.00 32.50  ? 2   ASP A CA  1 
ATOM   7    C C   . ASP A 1 2   ? 13.783  -7.120  -2.503  1.00 28.84  ? 2   ASP A C   1 
ATOM   8    O O   . ASP A 1 2   ? 14.699  -7.836  -2.828  1.00 26.76  ? 2   ASP A O   1 
ATOM   9    C CB  . ASP A 1 2   ? 11.767  -7.047  -3.861  1.00 24.48  ? 2   ASP A CB  1 
ATOM   10   C CG  . ASP A 1 2   ? 10.884  -6.201  -4.730  1.00 24.66  ? 2   ASP A CG  1 
ATOM   11   O OD1 . ASP A 1 2   ? 11.204  -5.195  -5.302  1.00 29.52  ? 2   ASP A OD1 1 
ATOM   12   O OD2 . ASP A 1 2   ? 9.741   -6.693  -4.845  1.00 29.06  ? 2   ASP A OD2 1 
ATOM   13   N N   . ILE A 1 3   ? 13.322  -7.002  -1.275  1.00 28.34  ? 3   ILE A N   1 
ATOM   14   C CA  . ILE A 1 3   ? 13.902  -7.752  -0.171  1.00 30.09  ? 3   ILE A CA  1 
ATOM   15   C C   . ILE A 1 3   ? 13.349  -9.192  -0.063  1.00 20.84  ? 3   ILE A C   1 
ATOM   16   O O   . ILE A 1 3   ? 12.150  -9.428  0.058   1.00 31.69  ? 3   ILE A O   1 
ATOM   17   C CB  . ILE A 1 3   ? 13.808  -7.003  1.168   1.00 43.88  ? 3   ILE A CB  1 
ATOM   18   C CG1 . ILE A 1 3   ? 14.544  -5.690  1.094   1.00 30.36  ? 3   ILE A CG1 1 
ATOM   19   C CG2 . ILE A 1 3   ? 14.372  -7.815  2.336   1.00 31.89  ? 3   ILE A CG2 1 
ATOM   20   C CD1 . ILE A 1 3   ? 13.718  -4.628  1.750   1.00 42.05  ? 3   ILE A CD1 1 
ATOM   21   N N   . PHE A 1 4   ? 14.234  -10.178 -0.103  1.00 27.43  ? 4   PHE A N   1 
ATOM   22   C CA  . PHE A 1 4   ? 13.830  -11.572 0.011   1.00 23.07  ? 4   PHE A CA  1 
ATOM   23   C C   . PHE A 1 4   ? 14.457  -12.192 1.222   1.00 31.78  ? 4   PHE A C   1 
ATOM   24   O O   . PHE A 1 4   ? 15.531  -11.827 1.667   1.00 31.12  ? 4   PHE A O   1 
ATOM   25   C CB  . PHE A 1 4   ? 14.455  -12.318 -1.202  1.00 24.16  ? 4   PHE A CB  1 
ATOM   26   C CG  . PHE A 1 4   ? 13.586  -12.331 -2.421  1.00 28.76  ? 4   PHE A CG  1 
ATOM   27   C CD1 . PHE A 1 4   ? 13.634  -11.257 -3.309  1.00 25.08  ? 4   PHE A CD1 1 
ATOM   28   C CD2 . PHE A 1 4   ? 12.721  -13.406 -2.638  1.00 25.96  ? 4   PHE A CD2 1 
ATOM   29   C CE1 . PHE A 1 4   ? 12.820  -11.276 -4.442  1.00 30.32  ? 4   PHE A CE1 1 
ATOM   30   C CE2 . PHE A 1 4   ? 11.909  -13.439 -3.755  1.00 29.27  ? 4   PHE A CE2 1 
ATOM   31   C CZ  . PHE A 1 4   ? 11.988  -12.377 -4.654  1.00 20.95  ? 4   PHE A CZ  1 
ATOM   32   N N   . TYR A 1 5   ? 13.788  -13.132 1.761   1.00 25.13  ? 5   TYR A N   1 
ATOM   33   C CA  . TYR A 1 5   ? 14.295  -13.840 2.905   1.00 25.30  ? 5   TYR A CA  1 
ATOM   34   C C   . TYR A 1 5   ? 13.991  -15.291 2.608   1.00 26.72  ? 5   TYR A C   1 
ATOM   35   O O   . TYR A 1 5   ? 13.067  -15.589 1.852   1.00 24.83  ? 5   TYR A O   1 
ATOM   36   C CB  . TYR A 1 5   ? 13.513  -13.491 4.108   1.00 20.68  ? 5   TYR A CB  1 
ATOM   37   C CG  . TYR A 1 5   ? 13.640  -12.080 4.503   1.00 26.01  ? 5   TYR A CG  1 
ATOM   38   C CD1 . TYR A 1 5   ? 14.740  -11.684 5.265   1.00 35.61  ? 5   TYR A CD1 1 
ATOM   39   C CD2 . TYR A 1 5   ? 12.679  -11.124 4.164   1.00 40.48  ? 5   TYR A CD2 1 
ATOM   40   C CE1 . TYR A 1 5   ? 14.888  -10.361 5.710   1.00 28.21  ? 5   TYR A CE1 1 
ATOM   41   C CE2 . TYR A 1 5   ? 12.802  -9.805  4.627   1.00 42.92  ? 5   TYR A CE2 1 
ATOM   42   C CZ  . TYR A 1 5   ? 13.897  -9.429  5.418   1.00 36.38  ? 5   TYR A CZ  1 
ATOM   43   O OH  . TYR A 1 5   ? 14.073  -8.153  5.886   1.00 32.39  ? 5   TYR A OH  1 
ATOM   44   N N   . PRO A 1 6   ? 14.739  -16.204 3.162   1.00 25.42  ? 6   PRO A N   1 
ATOM   45   C CA  . PRO A 1 6   ? 14.499  -17.596 2.872   1.00 22.58  ? 6   PRO A CA  1 
ATOM   46   C C   . PRO A 1 6   ? 13.274  -18.214 3.459   1.00 24.59  ? 6   PRO A C   1 
ATOM   47   O O   . PRO A 1 6   ? 12.805  -17.803 4.497   1.00 27.73  ? 6   PRO A O   1 
ATOM   48   C CB  . PRO A 1 6   ? 15.673  -18.382 3.416   1.00 25.47  ? 6   PRO A CB  1 
ATOM   49   C CG  . PRO A 1 6   ? 16.443  -17.430 4.310   1.00 36.62  ? 6   PRO A CG  1 
ATOM   50   C CD  . PRO A 1 6   ? 15.944  -16.011 3.985   1.00 28.29  ? 6   PRO A CD  1 
ATOM   51   N N   . GLY A 1 7   ? 12.752  -19.225 2.786   1.00 24.14  ? 7   GLY A N   1 
ATOM   52   C CA  . GLY A 1 7   ? 11.592  -19.919 3.311   1.00 28.56  ? 7   GLY A CA  1 
ATOM   53   C C   . GLY A 1 7   ? 10.261  -19.348 2.941   1.00 20.47  ? 7   GLY A C   1 
ATOM   54   O O   . GLY A 1 7   ? 10.173  -18.417 2.148   1.00 26.85  ? 7   GLY A O   1 
ATOM   55   N N   . TYR A 1 8   ? 9.233   -19.951 3.547   1.00 20.56  ? 8   TYR A N   1 
ATOM   56   C CA  . TYR A 1 8   ? 7.849   -19.548 3.310   1.00 30.54  ? 8   TYR A CA  1 
ATOM   57   C C   . TYR A 1 8   ? 7.557   -18.284 4.071   1.00 30.57  ? 8   TYR A C   1 
ATOM   58   O O   . TYR A 1 8   ? 8.280   -17.967 4.996   1.00 23.31  ? 8   TYR A O   1 
ATOM   59   C CB  . TYR A 1 8   ? 6.880   -20.686 3.877   1.00 26.43  ? 8   TYR A CB  1 
ATOM   60   C CG  . TYR A 1 8   ? 7.012   -22.015 3.162   1.00 21.19  ? 8   TYR A CG  1 
ATOM   61   C CD1 . TYR A 1 8   ? 6.522   -22.196 1.882   1.00 21.27  ? 8   TYR A CD1 1 
ATOM   62   C CD2 . TYR A 1 8   ? 7.667   -23.097 3.728   1.00 28.98  ? 8   TYR A CD2 1 
ATOM   63   C CE1 . TYR A 1 8   ? 6.620   -23.412 1.196   1.00 20.41  ? 8   TYR A CE1 1 
ATOM   64   C CE2 . TYR A 1 8   ? 7.806   -24.308 3.064   1.00 24.10  ? 8   TYR A CE2 1 
ATOM   65   C CZ  . TYR A 1 8   ? 7.287   -24.477 1.783   1.00 35.03  ? 8   TYR A CZ  1 
ATOM   66   O OH  . TYR A 1 8   ? 7.435   -25.681 1.102   1.00 29.38  ? 8   TYR A OH  1 
ATOM   67   N N   . CYS A 1 9   ? 6.492   -17.585 3.703   1.00 17.65  ? 9   CYS A N   1 
ATOM   68   C CA  . CYS A 1 9   ? 6.142   -16.365 4.414   1.00 19.99  ? 9   CYS A CA  1 
ATOM   69   C C   . CYS A 1 9   ? 5.823   -16.743 5.815   1.00 26.37  ? 9   CYS A C   1 
ATOM   70   O O   . CYS A 1 9   ? 5.298   -17.816 5.972   1.00 29.52  ? 9   CYS A O   1 
ATOM   71   C CB  . CYS A 1 9   ? 4.782   -15.939 3.786   1.00 12.38  ? 9   CYS A CB  1 
ATOM   72   S SG  . CYS A 1 9   ? 5.098   -15.222 2.185   1.00 25.90  ? 9   CYS A SG  1 
ATOM   73   N N   . PRO A 1 10  ? 6.107   -15.906 6.817   1.00 29.05  ? 10  PRO A N   1 
ATOM   74   C CA  . PRO A 1 10  ? 5.803   -16.247 8.199   1.00 28.92  ? 10  PRO A CA  1 
ATOM   75   C C   . PRO A 1 10  ? 4.347   -16.070 8.537   1.00 22.10  ? 10  PRO A C   1 
ATOM   76   O O   . PRO A 1 10  ? 3.545   -15.442 7.809   1.00 27.60  ? 10  PRO A O   1 
ATOM   77   C CB  . PRO A 1 10  ? 6.422   -15.185 9.090   1.00 21.52  ? 10  PRO A CB  1 
ATOM   78   C CG  . PRO A 1 10  ? 6.681   -14.049 8.131   1.00 25.24  ? 10  PRO A CG  1 
ATOM   79   C CD  . PRO A 1 10  ? 6.985   -14.744 6.815   1.00 24.10  ? 10  PRO A CD  1 
ATOM   80   N N   . ASP A 1 11  ? 4.002   -16.622 9.686   1.00 25.49  ? 11  ASP A N   1 
ATOM   81   C CA  . ASP A 1 11  ? 2.622   -16.479 10.086  1.00 20.08  ? 11  ASP A CA  1 
ATOM   82   C C   . ASP A 1 11  ? 2.441   -15.013 10.462  1.00 25.91  ? 11  ASP A C   1 
ATOM   83   O O   . ASP A 1 11  ? 3.317   -14.380 11.045  1.00 29.69  ? 11  ASP A O   1 
ATOM   84   C CB  . ASP A 1 11  ? 2.419   -17.365 11.309  1.00 30.55  ? 11  ASP A CB  1 
ATOM   85   C CG  . ASP A 1 11  ? 0.998   -17.401 11.932  1.00 45.57  ? 11  ASP A CG  1 
ATOM   86   O OD1 . ASP A 1 11  ? 0.797   -17.776 13.086  1.00 72.15  ? 11  ASP A OD1 1 
ATOM   87   O OD2 . ASP A 1 11  ? 0.023   -16.986 11.125  1.00 41.02  ? 11  ASP A OD2 1 
ATOM   88   N N   . VAL A 1 12  ? 1.315   -14.458 10.120  1.00 27.99  ? 12  VAL A N   1 
ATOM   89   C CA  . VAL A 1 12  ? 1.007   -13.073 10.435  1.00 30.71  ? 12  VAL A CA  1 
ATOM   90   C C   . VAL A 1 12  ? -0.511  -12.890 10.454  1.00 23.38  ? 12  VAL A C   1 
ATOM   91   O O   . VAL A 1 12  ? -1.246  -13.518 9.712   1.00 26.62  ? 12  VAL A O   1 
ATOM   92   C CB  . VAL A 1 12  ? 1.655   -12.165 9.422   1.00 43.33  ? 12  VAL A CB  1 
ATOM   93   C CG1 . VAL A 1 12  ? 1.315   -12.725 8.117   1.00 35.18  ? 12  VAL A CG1 1 
ATOM   94   C CG2 . VAL A 1 12  ? 0.819   -10.924 9.430   1.00 48.79  ? 12  VAL A CG2 1 
ATOM   95   N N   . LYS A 1 13  ? -1.008  -12.059 11.322  1.00 28.43  ? 13  LYS A N   1 
ATOM   96   C CA  . LYS A 1 13  ? -2.441  -11.811 11.425  1.00 24.62  ? 13  LYS A CA  1 
ATOM   97   C C   . LYS A 1 13  ? -2.651  -10.321 11.348  1.00 30.61  ? 13  LYS A C   1 
ATOM   98   O O   . LYS A 1 13  ? -2.069  -9.602  12.127  1.00 29.26  ? 13  LYS A O   1 
ATOM   99   C CB  . LYS A 1 13  ? -2.939  -12.297 12.781  1.00 23.66  ? 13  LYS A CB  1 
ATOM   100  C CG  . LYS A 1 13  ? -4.396  -11.979 13.017  1.00 31.16  ? 13  LYS A CG  1 
ATOM   101  C CD  . LYS A 1 13  ? -4.905  -12.133 14.463  1.00 25.08  ? 13  LYS A CD  1 
ATOM   102  C CE  . LYS A 1 13  ? -4.600  -10.883 15.290  1.00 32.54  ? 13  LYS A CE  1 
ATOM   103  N NZ  . LYS A 1 13  ? -5.140  -9.590  14.779  1.00 28.59  ? 13  LYS A NZ  1 
ATOM   104  N N   . PRO A 1 14  ? -3.442  -9.858  10.400  1.00 29.79  ? 14  PRO A N   1 
ATOM   105  C CA  . PRO A 1 14  ? -3.702  -8.460  10.205  1.00 21.56  ? 14  PRO A CA  1 
ATOM   106  C C   . PRO A 1 14  ? -4.613  -7.890  11.270  1.00 34.13  ? 14  PRO A C   1 
ATOM   107  O O   . PRO A 1 14  ? -5.070  -8.601  12.140  1.00 24.96  ? 14  PRO A O   1 
ATOM   108  C CB  . PRO A 1 14  ? -4.339  -8.354  8.845   1.00 29.52  ? 14  PRO A CB  1 
ATOM   109  C CG  . PRO A 1 14  ? -4.844  -9.745  8.487   1.00 23.46  ? 14  PRO A CG  1 
ATOM   110  C CD  . PRO A 1 14  ? -4.235  -10.669 9.506   1.00 21.58  ? 14  PRO A CD  1 
ATOM   111  N N   . VAL A 1 15  ? -4.852  -6.596  11.190  1.00 20.82  ? 15  VAL A N   1 
ATOM   112  C CA  . VAL A 1 15  ? -5.683  -5.919  12.146  1.00 26.09  ? 15  VAL A CA  1 
ATOM   113  C C   . VAL A 1 15  ? -7.105  -6.480  12.277  1.00 25.16  ? 15  VAL A C   1 
ATOM   114  O O   . VAL A 1 15  ? -7.740  -6.886  11.303  1.00 28.32  ? 15  VAL A O   1 
ATOM   115  C CB  . VAL A 1 15  ? -5.668  -4.413  11.820  1.00 41.36  ? 15  VAL A CB  1 
ATOM   116  C CG1 . VAL A 1 15  ? -6.402  -4.179  10.513  1.00 21.55  ? 15  VAL A CG1 1 
ATOM   117  C CG2 . VAL A 1 15  ? -6.391  -3.611  12.917  1.00 29.18  ? 15  VAL A CG2 1 
ATOM   118  N N   . ASN A 1 16  ? -7.601  -6.482  13.506  1.00 21.51  ? 16  ASN A N   1 
ATOM   119  C CA  . ASN A 1 16  ? -8.945  -6.954  13.789  1.00 22.89  ? 16  ASN A CA  1 
ATOM   120  C C   . ASN A 1 16  ? -10.025 -5.848  13.714  1.00 32.22  ? 16  ASN A C   1 
ATOM   121  O O   . ASN A 1 16  ? -9.784  -4.638  13.917  1.00 29.08  ? 16  ASN A O   1 
ATOM   122  C CB  . ASN A 1 16  ? -9.001  -7.486  15.240  1.00 17.88  ? 16  ASN A CB  1 
ATOM   123  C CG  . ASN A 1 16  ? -8.406  -8.840  15.306  1.00 31.34  ? 16  ASN A CG  1 
ATOM   124  O OD1 . ASN A 1 16  ? -7.516  -9.128  16.069  1.00 27.10  ? 16  ASN A OD1 1 
ATOM   125  N ND2 . ASN A 1 16  ? -8.915  -9.699  14.494  1.00 19.92  ? 16  ASN A ND2 1 
ATOM   126  N N   . ASP A 1 17  ? -11.254 -6.264  13.458  1.00 27.93  ? 17  ASP A N   1 
ATOM   127  C CA  . ASP A 1 17  ? -12.328 -5.289  13.421  1.00 15.53  ? 17  ASP A CA  1 
ATOM   128  C C   . ASP A 1 17  ? -12.118 -4.216  12.415  1.00 34.62  ? 17  ASP A C   1 
ATOM   129  O O   . ASP A 1 17  ? -12.401 -3.064  12.667  1.00 25.03  ? 17  ASP A O   1 
ATOM   130  C CB  . ASP A 1 17  ? -12.451 -4.629  14.785  1.00 28.63  ? 17  ASP A CB  1 
ATOM   131  C CG  . ASP A 1 17  ? -13.741 -5.103  15.421  1.00 42.49  ? 17  ASP A CG  1 
ATOM   132  O OD1 . ASP A 1 17  ? -13.832 -5.455  16.595  1.00 51.30  ? 17  ASP A OD1 1 
ATOM   133  O OD2 . ASP A 1 17  ? -14.752 -5.122  14.560  1.00 51.04  ? 17  ASP A OD2 1 
ATOM   134  N N   . PHE A 1 18  ? -11.624 -4.618  11.269  1.00 29.69  ? 18  PHE A N   1 
ATOM   135  C CA  . PHE A 1 18  ? -11.382 -3.658  10.247  1.00 25.20  ? 18  PHE A CA  1 
ATOM   136  C C   . PHE A 1 18  ? -12.637 -2.920  9.802   1.00 33.38  ? 18  PHE A C   1 
ATOM   137  O O   . PHE A 1 18  ? -13.660 -3.546  9.550   1.00 33.11  ? 18  PHE A O   1 
ATOM   138  C CB  . PHE A 1 18  ? -10.859 -4.420  9.059   1.00 23.51  ? 18  PHE A CB  1 
ATOM   139  C CG  . PHE A 1 18  ? -10.349 -3.470  7.972   1.00 22.88  ? 18  PHE A CG  1 
ATOM   140  C CD1 . PHE A 1 18  ? -10.793 -3.489  6.647   1.00 34.02  ? 18  PHE A CD1 1 
ATOM   141  C CD2 . PHE A 1 18  ? -9.368  -2.539  8.284   1.00 28.91  ? 18  PHE A CD2 1 
ATOM   142  C CE1 . PHE A 1 18  ? -10.297 -2.639  5.645   1.00 27.69  ? 18  PHE A CE1 1 
ATOM   143  C CE2 . PHE A 1 18  ? -8.870  -1.666  7.315   1.00 32.10  ? 18  PHE A CE2 1 
ATOM   144  C CZ  . PHE A 1 18  ? -9.305  -1.722  5.983   1.00 23.99  ? 18  PHE A CZ  1 
ATOM   145  N N   . ASP A 1 19  ? -12.514 -1.583  9.682   1.00 31.96  ? 19  ASP A N   1 
ATOM   146  C CA  . ASP A 1 19  ? -13.575 -0.686  9.249   1.00 27.35  ? 19  ASP A CA  1 
ATOM   147  C C   . ASP A 1 19  ? -13.237 0.016   7.917   1.00 37.13  ? 19  ASP A C   1 
ATOM   148  O O   . ASP A 1 19  ? -12.534 1.046   7.842   1.00 30.58  ? 19  ASP A O   1 
ATOM   149  C CB  . ASP A 1 19  ? -13.892 0.412   10.313  1.00 37.81  ? 19  ASP A CB  1 
ATOM   150  C CG  . ASP A 1 19  ? -15.176 1.241   10.064  1.00 70.22  ? 19  ASP A CG  1 
ATOM   151  O OD1 . ASP A 1 19  ? -15.850 1.703   10.972  1.00 72.09  ? 19  ASP A OD1 1 
ATOM   152  O OD2 . ASP A 1 19  ? -15.499 1.436   8.788   1.00 41.13  ? 19  ASP A OD2 1 
ATOM   153  N N   . LEU A 1 20  ? -13.766 -0.535  6.856   1.00 27.39  ? 20  LEU A N   1 
ATOM   154  C CA  . LEU A 1 20  ? -13.498 0.061   5.561   1.00 30.01  ? 20  LEU A CA  1 
ATOM   155  C C   . LEU A 1 20  ? -13.962 1.490   5.368   1.00 38.63  ? 20  LEU A C   1 
ATOM   156  O O   . LEU A 1 20  ? -13.305 2.290   4.699   1.00 30.88  ? 20  LEU A O   1 
ATOM   157  C CB  . LEU A 1 20  ? -13.961 -0.834  4.414   1.00 32.07  ? 20  LEU A CB  1 
ATOM   158  C CG  . LEU A 1 20  ? -13.611 -0.349  3.004   1.00 29.32  ? 20  LEU A CG  1 
ATOM   159  C CD1 . LEU A 1 20  ? -12.116 -0.179  2.774   1.00 31.78  ? 20  LEU A CD1 1 
ATOM   160  C CD2 . LEU A 1 20  ? -14.281 -1.232  1.943   1.00 27.02  ? 20  LEU A CD2 1 
ATOM   161  N N   . SER A 1 21  ? -15.098 1.839   5.928   1.00 28.50  ? 21  SER A N   1 
ATOM   162  C CA  . SER A 1 21  ? -15.503 3.185   5.692   1.00 28.05  ? 21  SER A CA  1 
ATOM   163  C C   . SER A 1 21  ? -14.634 4.142   6.426   1.00 30.86  ? 21  SER A C   1 
ATOM   164  O O   . SER A 1 21  ? -14.430 5.271   5.995   1.00 36.23  ? 21  SER A O   1 
ATOM   165  C CB  . SER A 1 21  ? -16.957 3.464   5.982   1.00 40.81  ? 21  SER A CB  1 
ATOM   166  O OG  . SER A 1 21  ? -17.078 3.833   7.330   1.00 68.60  ? 21  SER A OG  1 
ATOM   167  N N   . ALA A 1 22  ? -14.129 3.693   7.557   1.00 29.84  ? 22  ALA A N   1 
ATOM   168  C CA  . ALA A 1 22  ? -13.285 4.571   8.317   1.00 30.67  ? 22  ALA A CA  1 
ATOM   169  C C   . ALA A 1 22  ? -11.933 4.638   7.622   1.00 31.00  ? 22  ALA A C   1 
ATOM   170  O O   . ALA A 1 22  ? -11.198 5.619   7.667   1.00 28.59  ? 22  ALA A O   1 
ATOM   171  C CB  . ALA A 1 22  ? -13.148 3.946   9.701   1.00 35.91  ? 22  ALA A CB  1 
ATOM   172  N N   . PHE A 1 23  ? -11.592 3.570   6.939   1.00 29.99  ? 23  PHE A N   1 
ATOM   173  C CA  . PHE A 1 23  ? -10.315 3.553   6.278   1.00 23.77  ? 23  PHE A CA  1 
ATOM   174  C C   . PHE A 1 23  ? -10.226 4.360   5.015   1.00 31.26  ? 23  PHE A C   1 
ATOM   175  O O   . PHE A 1 23  ? -9.154  4.768   4.601   1.00 27.25  ? 23  PHE A O   1 
ATOM   176  C CB  . PHE A 1 23  ? -10.003 2.085   6.031   1.00 29.47  ? 23  PHE A CB  1 
ATOM   177  C CG  . PHE A 1 23  ? -8.589  1.783   5.614   1.00 32.55  ? 23  PHE A CG  1 
ATOM   178  C CD1 . PHE A 1 23  ? -7.564  1.838   6.561   1.00 29.29  ? 23  PHE A CD1 1 
ATOM   179  C CD2 . PHE A 1 23  ? -8.290  1.406   4.301   1.00 26.66  ? 23  PHE A CD2 1 
ATOM   180  C CE1 . PHE A 1 23  ? -6.238  1.547   6.213   1.00 28.59  ? 23  PHE A CE1 1 
ATOM   181  C CE2 . PHE A 1 23  ? -6.969  1.126   3.928   1.00 26.71  ? 23  PHE A CE2 1 
ATOM   182  C CZ  . PHE A 1 23  ? -5.949  1.181   4.890   1.00 34.13  ? 23  PHE A CZ  1 
ATOM   183  N N   . ALA A 1 24  ? -11.359 4.548   4.405   1.00 33.68  ? 24  ALA A N   1 
ATOM   184  C CA  . ALA A 1 24  ? -11.427 5.301   3.190   1.00 35.35  ? 24  ALA A CA  1 
ATOM   185  C C   . ALA A 1 24  ? -10.748 6.675   3.307   1.00 26.58  ? 24  ALA A C   1 
ATOM   186  O O   . ALA A 1 24  ? -10.687 7.322   4.357   1.00 32.57  ? 24  ALA A O   1 
ATOM   187  C CB  . ALA A 1 24  ? -12.889 5.326   2.681   1.00 29.52  ? 24  ALA A CB  1 
ATOM   188  N N   . GLY A 1 25  ? -10.186 7.136   2.203   1.00 33.58  ? 25  GLY A N   1 
ATOM   189  C CA  . GLY A 1 25  ? -9.499  8.412   2.180   1.00 20.62  ? 25  GLY A CA  1 
ATOM   190  C C   . GLY A 1 25  ? -8.244  8.402   1.321   1.00 26.67  ? 25  GLY A C   1 
ATOM   191  O O   . GLY A 1 25  ? -7.970  7.484   0.583   1.00 32.40  ? 25  GLY A O   1 
ATOM   192  N N   . ALA A 1 26  ? -7.464  9.452   1.413   1.00 24.65  ? 26  ALA A N   1 
ATOM   193  C CA  . ALA A 1 26  ? -6.238  9.579   0.647   1.00 23.76  ? 26  ALA A CA  1 
ATOM   194  C C   . ALA A 1 26  ? -5.020  9.270   1.512   1.00 33.31  ? 26  ALA A C   1 
ATOM   195  O O   . ALA A 1 26  ? -4.645  9.964   2.478   1.00 31.05  ? 26  ALA A O   1 
ATOM   196  C CB  . ALA A 1 26  ? -6.197  11.002  0.135   1.00 23.91  ? 26  ALA A CB  1 
ATOM   197  N N   . TRP A 1 27  ? -4.372  8.194   1.169   1.00 31.88  ? 27  TRP A N   1 
ATOM   198  C CA  . TRP A 1 27  ? -3.218  7.823   1.970   1.00 22.30  ? 27  TRP A CA  1 
ATOM   199  C C   . TRP A 1 27  ? -1.923  8.143   1.280   1.00 30.35  ? 27  TRP A C   1 
ATOM   200  O O   . TRP A 1 27  ? -1.729  7.739   0.130   1.00 32.71  ? 27  TRP A O   1 
ATOM   201  C CB  . TRP A 1 27  ? -3.276  6.283   2.217   1.00 18.76  ? 27  TRP A CB  1 
ATOM   202  C CG  . TRP A 1 27  ? -4.368  5.841   3.141   1.00 21.71  ? 27  TRP A CG  1 
ATOM   203  C CD1 . TRP A 1 27  ? -5.585  5.298   2.792   1.00 22.88  ? 27  TRP A CD1 1 
ATOM   204  C CD2 . TRP A 1 27  ? -4.329  5.928   4.600   1.00 24.25  ? 27  TRP A CD2 1 
ATOM   205  N NE1 . TRP A 1 27  ? -6.298  5.045   3.947   1.00 22.77  ? 27  TRP A NE1 1 
ATOM   206  C CE2 . TRP A 1 27  ? -5.562  5.382   5.072   1.00 32.81  ? 27  TRP A CE2 1 
ATOM   207  C CE3 . TRP A 1 27  ? -3.392  6.402   5.533   1.00 23.74  ? 27  TRP A CE3 1 
ATOM   208  C CZ2 . TRP A 1 27  ? -5.887  5.303   6.440   1.00 21.62  ? 27  TRP A CZ2 1 
ATOM   209  C CZ3 . TRP A 1 27  ? -3.772  6.344   6.898   1.00 20.86  ? 27  TRP A CZ3 1 
ATOM   210  C CH2 . TRP A 1 27  ? -4.993  5.831   7.323   1.00 30.52  ? 27  TRP A CH2 1 
ATOM   211  N N   . HIS A 1 28  ? -1.049  8.858   1.994   1.00 26.51  ? 28  HIS A N   1 
ATOM   212  C CA  . HIS A 1 28  ? 0.251   9.221   1.490   1.00 27.48  ? 28  HIS A CA  1 
ATOM   213  C C   . HIS A 1 28  ? 1.241   8.162   1.911   1.00 32.83  ? 28  HIS A C   1 
ATOM   214  O O   . HIS A 1 28  ? 1.222   7.680   3.059   1.00 29.77  ? 28  HIS A O   1 
ATOM   215  C CB  . HIS A 1 28  ? 0.766   10.539  2.058   1.00 27.32  ? 28  HIS A CB  1 
ATOM   216  C CG  . HIS A 1 28  ? -0.238  11.615  1.802   1.00 33.02  ? 28  HIS A CG  1 
ATOM   217  N ND1 . HIS A 1 28  ? -1.380  11.722  2.553   1.00 38.55  ? 28  HIS A ND1 1 
ATOM   218  C CD2 . HIS A 1 28  ? -0.226  12.624  0.855   1.00 37.21  ? 28  HIS A CD2 1 
ATOM   219  C CE1 . HIS A 1 28  ? -2.041  12.758  2.061   1.00 36.59  ? 28  HIS A CE1 1 
ATOM   220  N NE2 . HIS A 1 28  ? -1.376  13.337  1.043   1.00 30.19  ? 28  HIS A NE2 1 
ATOM   221  N N   . GLU A 1 29  ? 2.101   7.781   0.975   1.00 24.90  ? 29  GLU A N   1 
ATOM   222  C CA  . GLU A 1 29  ? 3.094   6.763   1.286   1.00 26.66  ? 29  GLU A CA  1 
ATOM   223  C C   . GLU A 1 29  ? 4.321   7.453   1.872   1.00 25.73  ? 29  GLU A C   1 
ATOM   224  O O   . GLU A 1 29  ? 5.137   7.927   1.143   1.00 26.35  ? 29  GLU A O   1 
ATOM   225  C CB  . GLU A 1 29  ? 3.437   6.028   -0.008  1.00 16.39  ? 29  GLU A CB  1 
ATOM   226  C CG  . GLU A 1 29  ? 4.644   5.108   0.216   1.00 21.89  ? 29  GLU A CG  1 
ATOM   227  C CD  . GLU A 1 29  ? 4.972   4.436   -1.048  1.00 27.51  ? 29  GLU A CD  1 
ATOM   228  O OE1 . GLU A 1 29  ? 4.330   3.481   -1.482  1.00 24.39  ? 29  GLU A OE1 1 
ATOM   229  O OE2 . GLU A 1 29  ? 5.968   5.022   -1.653  1.00 23.73  ? 29  GLU A OE2 1 
ATOM   230  N N   . ILE A 1 30  ? 4.417   7.545   3.186   1.00 22.18  ? 30  ILE A N   1 
ATOM   231  C CA  . ILE A 1 30  ? 5.511   8.215   3.838   1.00 21.32  ? 30  ILE A CA  1 
ATOM   232  C C   . ILE A 1 30  ? 6.750   7.451   3.573   1.00 29.03  ? 30  ILE A C   1 
ATOM   233  O O   . ILE A 1 30  ? 7.822   7.984   3.349   1.00 28.59  ? 30  ILE A O   1 
ATOM   234  C CB  . ILE A 1 30  ? 5.218   8.235   5.343   1.00 25.67  ? 30  ILE A CB  1 
ATOM   235  C CG1 . ILE A 1 30  ? 4.009   9.083   5.622   1.00 31.77  ? 30  ILE A CG1 1 
ATOM   236  C CG2 . ILE A 1 30  ? 6.388   8.809   6.104   1.00 25.32  ? 30  ILE A CG2 1 
ATOM   237  C CD1 . ILE A 1 30  ? 4.156   10.461  5.035   1.00 32.28  ? 30  ILE A CD1 1 
ATOM   238  N N   . ALA A 1 31  ? 6.623   6.156   3.600   1.00 28.37  ? 31  ALA A N   1 
ATOM   239  C CA  . ALA A 1 31  ? 7.816   5.363   3.340   1.00 29.39  ? 31  ALA A CA  1 
ATOM   240  C C   . ALA A 1 31  ? 7.401   3.984   2.952   1.00 36.57  ? 31  ALA A C   1 
ATOM   241  O O   . ALA A 1 31  ? 6.258   3.583   3.237   1.00 20.45  ? 31  ALA A O   1 
ATOM   242  C CB  . ALA A 1 31  ? 8.700   5.223   4.552   1.00 21.33  ? 31  ALA A CB  1 
ATOM   243  N N   . LYS A 1 32  ? 8.310   3.245   2.319   1.00 27.93  ? 32  LYS A N   1 
ATOM   244  C CA  . LYS A 1 32  ? 7.970   1.865   1.941   1.00 33.28  ? 32  LYS A CA  1 
ATOM   245  C C   . LYS A 1 32  ? 9.225   1.018   1.883   1.00 33.66  ? 32  LYS A C   1 
ATOM   246  O O   . LYS A 1 32  ? 10.294  1.597   1.895   1.00 23.01  ? 32  LYS A O   1 
ATOM   247  C CB  . LYS A 1 32  ? 7.432   1.830   0.472   1.00 22.33  ? 32  LYS A CB  1 
ATOM   248  C CG  . LYS A 1 32  ? 8.431   2.436   -0.547  1.00 27.50  ? 32  LYS A CG  1 
ATOM   249  C CD  . LYS A 1 32  ? 8.064   2.215   -2.011  1.00 28.44  ? 32  LYS A CD  1 
ATOM   250  C CE  . LYS A 1 32  ? 8.921   3.056   -3.001  1.00 24.26  ? 32  LYS A CE  1 
ATOM   251  N NZ  . LYS A 1 32  ? 8.551   4.462   -2.879  1.00 22.75  ? 32  LYS A NZ  1 
ATOM   252  N N   . LEU A 1 33  ? 9.074   -0.332  1.820   1.00 23.55  ? 33  LEU A N   1 
ATOM   253  C CA  . LEU A 1 33  ? 10.209  -1.188  1.636   1.00 24.39  ? 33  LEU A CA  1 
ATOM   254  C C   . LEU A 1 33  ? 10.348  -1.180  0.085   1.00 31.96  ? 33  LEU A C   1 
ATOM   255  O O   . LEU A 1 33  ? 9.308   -0.904  -0.571  1.00 26.55  ? 33  LEU A O   1 
ATOM   256  C CB  . LEU A 1 33  ? 9.966   -2.625  2.095   1.00 24.51  ? 33  LEU A CB  1 
ATOM   257  C CG  . LEU A 1 33  ? 9.865   -2.813  3.620   1.00 30.80  ? 33  LEU A CG  1 
ATOM   258  C CD1 . LEU A 1 33  ? 9.825   -4.297  3.949   1.00 27.23  ? 33  LEU A CD1 1 
ATOM   259  C CD2 . LEU A 1 33  ? 10.988  -2.186  4.383   1.00 23.75  ? 33  LEU A CD2 1 
ATOM   260  N N   . PRO A 1 34  ? 11.530  -1.397  -0.491  1.00 27.83  ? 34  PRO A N   1 
ATOM   261  C CA  . PRO A 1 34  ? 11.638  -1.378  -1.929  1.00 25.67  ? 34  PRO A CA  1 
ATOM   262  C C   . PRO A 1 34  ? 10.650  -2.317  -2.627  1.00 30.23  ? 34  PRO A C   1 
ATOM   263  O O   . PRO A 1 34  ? 10.373  -3.406  -2.110  1.00 26.47  ? 34  PRO A O   1 
ATOM   264  C CB  . PRO A 1 34  ? 12.973  -2.024  -2.235  1.00 27.27  ? 34  PRO A CB  1 
ATOM   265  C CG  . PRO A 1 34  ? 13.783  -1.989  -0.998  1.00 30.41  ? 34  PRO A CG  1 
ATOM   266  C CD  . PRO A 1 34  ? 12.823  -1.726  0.115   1.00 19.18  ? 34  PRO A CD  1 
ATOM   267  N N   . LEU A 1 35  ? 10.032  -1.782  -3.680  1.00 31.97  ? 35  LEU A N   1 
ATOM   268  C CA  . LEU A 1 35  ? 9.015   -2.468  -4.501  1.00 29.55  ? 35  LEU A CA  1 
ATOM   269  C C   . LEU A 1 35  ? 9.232   -2.045  -5.946  1.00 33.13  ? 35  LEU A C   1 
ATOM   270  O O   . LEU A 1 35  ? 9.019   -0.861  -6.255  1.00 33.47  ? 35  LEU A O   1 
ATOM   271  C CB  . LEU A 1 35  ? 7.592   -2.214  -3.968  1.00 23.34  ? 35  LEU A CB  1 
ATOM   272  C CG  . LEU A 1 35  ? 6.465   -2.784  -4.865  1.00 23.15  ? 35  LEU A CG  1 
ATOM   273  C CD1 . LEU A 1 35  ? 6.684   -4.296  -5.135  1.00 26.67  ? 35  LEU A CD1 1 
ATOM   274  C CD2 . LEU A 1 35  ? 5.087   -2.526  -4.227  1.00 25.62  ? 35  LEU A CD2 1 
ATOM   275  N N   . GLU A 1 36  ? 9.757   -2.964  -6.724  1.00 30.78  ? 36  GLU A N   1 
ATOM   276  C CA  . GLU A 1 36  ? 10.052  -2.672  -8.103  1.00 25.59  ? 36  GLU A CA  1 
ATOM   277  C C   . GLU A 1 36  ? 9.112   -1.780  -8.927  1.00 35.32  ? 36  GLU A C   1 
ATOM   278  O O   . GLU A 1 36  ? 9.547   -0.721  -9.339  1.00 34.19  ? 36  GLU A O   1 
ATOM   279  C CB  . GLU A 1 36  ? 10.162  -3.944  -8.970  1.00 24.15  ? 36  GLU A CB  1 
ATOM   280  C CG  . GLU A 1 36  ? 11.158  -3.804  -10.110 1.00 69.95  ? 36  GLU A CG  1 
ATOM   281  C CD  . GLU A 1 36  ? 12.544  -3.636  -9.573  1.00 100.00 ? 36  GLU A CD  1 
ATOM   282  O OE1 . GLU A 1 36  ? 12.927  -4.134  -8.534  1.00 100.00 ? 36  GLU A OE1 1 
ATOM   283  O OE2 . GLU A 1 36  ? 13.286  -2.876  -10.325 1.00 100.00 ? 36  GLU A OE2 1 
ATOM   284  N N   . ASN A 1 37  ? 7.849   -2.075  -8.928  1.00 18.93  ? 37  ASN A N   1 
ATOM   285  C CA  . ASN A 1 37  ? 6.933   -1.284  -9.683  1.00 23.39  ? 37  ASN A CA  1 
ATOM   286  C C   . ASN A 1 37  ? 6.809   0.096   -9.204  1.00 28.48  ? 37  ASN A C   1 
ATOM   287  O O   . ASN A 1 37  ? 6.291   0.894   -9.935  1.00 28.52  ? 37  ASN A O   1 
ATOM   288  C CB  . ASN A 1 37  ? 5.532   -1.886  -9.903  1.00 25.67  ? 37  ASN A CB  1 
ATOM   289  C CG  . ASN A 1 37  ? 4.766   -2.030  -8.583  1.00 26.63  ? 37  ASN A CG  1 
ATOM   290  O OD1 . ASN A 1 37  ? 4.805   -1.173  -7.706  1.00 28.29  ? 37  ASN A OD1 1 
ATOM   291  N ND2 . ASN A 1 37  ? 3.924   -3.048  -8.492  1.00 22.26  ? 37  ASN A ND2 1 
ATOM   292  N N   . GLU A 1 38  ? 7.215   0.404   -8.004  1.00 31.67  ? 38  GLU A N   1 
ATOM   293  C CA  . GLU A 1 38  ? 6.977   1.790   -7.658  1.00 26.41  ? 38  GLU A CA  1 
ATOM   294  C C   . GLU A 1 38  ? 8.174   2.562   -7.118  1.00 27.29  ? 38  GLU A C   1 
ATOM   295  O O   . GLU A 1 38  ? 8.096   3.693   -6.592  1.00 27.37  ? 38  GLU A O   1 
ATOM   296  C CB  . GLU A 1 38  ? 5.772   1.821   -6.771  1.00 26.70  ? 38  GLU A CB  1 
ATOM   297  C CG  . GLU A 1 38  ? 6.118   1.206   -5.362  1.00 18.45  ? 38  GLU A CG  1 
ATOM   298  C CD  . GLU A 1 38  ? 5.007   1.523   -4.368  1.00 55.28  ? 38  GLU A CD  1 
ATOM   299  O OE1 . GLU A 1 38  ? 4.212   0.761   -3.887  1.00 29.00  ? 38  GLU A OE1 1 
ATOM   300  O OE2 . GLU A 1 38  ? 5.016   2.755   -4.027  1.00 24.15  ? 38  GLU A OE2 1 
ATOM   301  N N   . ASN A 1 39  ? 9.287   1.933   -7.250  1.00 30.60  ? 39  ASN A N   1 
ATOM   302  C CA  . ASN A 1 39  ? 10.497  2.552   -6.776  1.00 30.49  ? 39  ASN A CA  1 
ATOM   303  C C   . ASN A 1 39  ? 10.794  3.951   -7.330  1.00 44.62  ? 39  ASN A C   1 
ATOM   304  O O   . ASN A 1 39  ? 11.266  4.759   -6.582  1.00 29.78  ? 39  ASN A O   1 
ATOM   305  C CB  . ASN A 1 39  ? 11.695  1.617   -7.058  1.00 38.37  ? 39  ASN A CB  1 
ATOM   306  C CG  . ASN A 1 39  ? 11.762  0.490   -6.059  1.00 46.41  ? 39  ASN A CG  1 
ATOM   307  O OD1 . ASN A 1 39  ? 11.329  0.711   -4.943  1.00 34.83  ? 39  ASN A OD1 1 
ATOM   308  N ND2 . ASN A 1 39  ? 12.292  -0.684  -6.434  1.00 35.46  ? 39  ASN A ND2 1 
ATOM   309  N N   . GLN A 1 40  ? 10.434  4.228   -8.571  1.00 30.45  ? 40  GLN A N   1 
ATOM   310  C CA  . GLN A 1 40  ? 10.691  5.539   -9.163  1.00 35.86  ? 40  GLN A CA  1 
ATOM   311  C C   . GLN A 1 40  ? 9.663   6.643   -8.965  1.00 28.20  ? 40  GLN A C   1 
ATOM   312  O O   . GLN A 1 40  ? 9.980   7.785   -9.237  1.00 46.60  ? 40  GLN A O   1 
ATOM   313  C CB  . GLN A 1 40  ? 10.838  5.338   -10.676 1.00 35.12  ? 40  GLN A CB  1 
ATOM   314  C CG  . GLN A 1 40  ? 12.269  5.168   -11.237 1.00 100.00 ? 40  GLN A CG  1 
ATOM   315  C CD  . GLN A 1 40  ? 12.263  5.238   -12.810 1.00 100.00 ? 40  GLN A CD  1 
ATOM   316  O OE1 . GLN A 1 40  ? 12.330  6.357   -13.427 1.00 100.00 ? 40  GLN A OE1 1 
ATOM   317  N NE2 . GLN A 1 40  ? 12.164  4.059   -13.491 1.00 100.00 ? 40  GLN A NE2 1 
ATOM   318  N N   . GLY A 1 41  ? 8.445   6.321   -8.525  1.00 27.25  ? 41  GLY A N   1 
ATOM   319  C CA  . GLY A 1 41  ? 7.406   7.320   -8.325  1.00 25.94  ? 41  GLY A CA  1 
ATOM   320  C C   . GLY A 1 41  ? 7.582   8.145   -7.049  1.00 33.90  ? 41  GLY A C   1 
ATOM   321  O O   . GLY A 1 41  ? 8.122   7.717   -6.037  1.00 35.12  ? 41  GLY A O   1 
ATOM   322  N N   . LYS A 1 42  ? 7.121   9.359   -7.069  1.00 28.29  ? 42  LYS A N   1 
ATOM   323  C CA  . LYS A 1 42  ? 7.256   10.165  -5.883  1.00 32.89  ? 42  LYS A CA  1 
ATOM   324  C C   . LYS A 1 42  ? 5.920   10.750  -5.657  1.00 25.22  ? 42  LYS A C   1 
ATOM   325  O O   . LYS A 1 42  ? 5.110   10.583  -6.565  1.00 22.23  ? 42  LYS A O   1 
ATOM   326  C CB  . LYS A 1 42  ? 8.282   11.248  -6.045  1.00 29.89  ? 42  LYS A CB  1 
ATOM   327  C CG  . LYS A 1 42  ? 9.507   10.593  -6.625  1.00 74.22  ? 42  LYS A CG  1 
ATOM   328  C CD  . LYS A 1 42  ? 10.760  10.737  -5.774  1.00 60.70  ? 42  LYS A CD  1 
ATOM   329  C CE  . LYS A 1 42  ? 11.567  11.956  -6.265  1.00 100.00 ? 42  LYS A CE  1 
ATOM   330  N NZ  . LYS A 1 42  ? 12.554  11.681  -7.333  1.00 100.00 ? 42  LYS A NZ  1 
ATOM   331  N N   . CYS A 1 43  ? 5.733   11.375  -4.490  1.00 30.54  ? 43  CYS A N   1 
ATOM   332  C CA  . CYS A 1 43  ? 4.464   11.958  -4.182  1.00 25.67  ? 43  CYS A CA  1 
ATOM   333  C C   . CYS A 1 43  ? 3.415   10.889  -4.357  1.00 26.80  ? 43  CYS A C   1 
ATOM   334  O O   . CYS A 1 43  ? 2.353   11.148  -4.884  1.00 26.26  ? 43  CYS A O   1 
ATOM   335  C CB  . CYS A 1 43  ? 4.179   13.077  -5.192  1.00 18.44  ? 43  CYS A CB  1 
ATOM   336  S SG  . CYS A 1 43  ? 2.736   14.042  -4.770  1.00 30.92  ? 43  CYS A SG  1 
ATOM   337  N N   . THR A 1 44  ? 3.754   9.673   -3.937  1.00 27.97  ? 44  THR A N   1 
ATOM   338  C CA  . THR A 1 44  ? 2.858   8.528   -4.041  1.00 25.82  ? 44  THR A CA  1 
ATOM   339  C C   . THR A 1 44  ? 1.673   8.549   -3.075  1.00 23.36  ? 44  THR A C   1 
ATOM   340  O O   . THR A 1 44  ? 1.846   8.586   -1.866  1.00 27.23  ? 44  THR A O   1 
ATOM   341  C CB  . THR A 1 44  ? 3.652   7.278   -3.752  1.00 25.46  ? 44  THR A CB  1 
ATOM   342  O OG1 . THR A 1 44  ? 4.695   7.353   -4.603  1.00 27.49  ? 44  THR A OG1 1 
ATOM   343  C CG2 . THR A 1 44  ? 2.844   6.012   -4.099  1.00 23.84  ? 44  THR A CG2 1 
ATOM   344  N N   . ILE A 1 45  ? 0.460   8.504   -3.627  1.00 19.80  ? 45  ILE A N   1 
ATOM   345  C CA  . ILE A 1 45  ? -0.714  8.522   -2.805  1.00 27.08  ? 45  ILE A CA  1 
ATOM   346  C C   . ILE A 1 45  ? -1.752  7.532   -3.311  1.00 31.62  ? 45  ILE A C   1 
ATOM   347  O O   . ILE A 1 45  ? -2.023  7.394   -4.500  1.00 31.33  ? 45  ILE A O   1 
ATOM   348  C CB  . ILE A 1 45  ? -1.291  9.907   -2.954  1.00 29.03  ? 45  ILE A CB  1 
ATOM   349  C CG1 . ILE A 1 45  ? -0.218  10.959  -2.707  1.00 36.36  ? 45  ILE A CG1 1 
ATOM   350  C CG2 . ILE A 1 45  ? -2.568  10.081  -2.106  1.00 25.31  ? 45  ILE A CG2 1 
ATOM   351  C CD1 . ILE A 1 45  ? -0.761  12.369  -2.872  1.00 22.73  ? 45  ILE A CD1 1 
ATOM   352  N N   . ALA A 1 46  ? -2.351  6.827   -2.396  1.00 24.68  ? 46  ALA A N   1 
ATOM   353  C CA  . ALA A 1 46  ? -3.389  5.871   -2.742  1.00 25.72  ? 46  ALA A CA  1 
ATOM   354  C C   . ALA A 1 46  ? -4.682  6.421   -2.185  1.00 24.08  ? 46  ALA A C   1 
ATOM   355  O O   . ALA A 1 46  ? -4.760  6.692   -0.976  1.00 31.20  ? 46  ALA A O   1 
ATOM   356  C CB  . ALA A 1 46  ? -3.112  4.495   -2.120  1.00 17.45  ? 46  ALA A CB  1 
ATOM   357  N N   . GLU A 1 47  ? -5.704  6.607   -3.026  1.00 25.96  ? 47  GLU A N   1 
ATOM   358  C CA  . GLU A 1 47  ? -6.970  7.130   -2.539  1.00 21.27  ? 47  GLU A CA  1 
ATOM   359  C C   . GLU A 1 47  ? -8.067  6.121   -2.713  1.00 31.68  ? 47  GLU A C   1 
ATOM   360  O O   . GLU A 1 47  ? -8.318  5.674   -3.831  1.00 33.38  ? 47  GLU A O   1 
ATOM   361  C CB  . GLU A 1 47  ? -7.385  8.320   -3.347  1.00 23.72  ? 47  GLU A CB  1 
ATOM   362  C CG  . GLU A 1 47  ? -8.654  9.036   -2.811  1.00 43.10  ? 47  GLU A CG  1 
ATOM   363  C CD  . GLU A 1 47  ? -9.137  10.137  -3.774  1.00 57.09  ? 47  GLU A CD  1 
ATOM   364  O OE1 . GLU A 1 47  ? -10.290 10.232  -4.166  1.00 100.00 ? 47  GLU A OE1 1 
ATOM   365  O OE2 . GLU A 1 47  ? -8.179  10.959  -4.173  1.00 48.01  ? 47  GLU A OE2 1 
ATOM   366  N N   . TYR A 1 48  ? -8.711  5.777   -1.583  1.00 23.62  ? 48  TYR A N   1 
ATOM   367  C CA  . TYR A 1 48  ? -9.768  4.810   -1.531  1.00 20.38  ? 48  TYR A CA  1 
ATOM   368  C C   . TYR A 1 48  ? -11.030 5.549   -1.223  1.00 32.42  ? 48  TYR A C   1 
ATOM   369  O O   . TYR A 1 48  ? -11.032 6.334   -0.298  1.00 38.02  ? 48  TYR A O   1 
ATOM   370  C CB  . TYR A 1 48  ? -9.526  3.793   -0.363  1.00 26.96  ? 48  TYR A CB  1 
ATOM   371  C CG  . TYR A 1 48  ? -8.146  3.079   -0.441  1.00 25.23  ? 48  TYR A CG  1 
ATOM   372  C CD1 . TYR A 1 48  ? -7.626  2.681   -1.676  1.00 24.47  ? 48  TYR A CD1 1 
ATOM   373  C CD2 . TYR A 1 48  ? -7.337  2.874   0.681   1.00 35.16  ? 48  TYR A CD2 1 
ATOM   374  C CE1 . TYR A 1 48  ? -6.389  2.049   -1.790  1.00 29.47  ? 48  TYR A CE1 1 
ATOM   375  C CE2 . TYR A 1 48  ? -6.100  2.226   0.597   1.00 28.91  ? 48  TYR A CE2 1 
ATOM   376  C CZ  . TYR A 1 48  ? -5.626  1.801   -0.651  1.00 30.93  ? 48  TYR A CZ  1 
ATOM   377  O OH  . TYR A 1 48  ? -4.429  1.129   -0.807  1.00 28.81  ? 48  TYR A OH  1 
ATOM   378  N N   . LYS A 1 49  ? -12.056 5.294   -2.026  1.00 28.99  ? 49  LYS A N   1 
ATOM   379  C CA  . LYS A 1 49  ? -13.393 5.878   -1.925  1.00 32.01  ? 49  LYS A CA  1 
ATOM   380  C C   . LYS A 1 49  ? -14.396 4.764   -1.614  1.00 31.19  ? 49  LYS A C   1 
ATOM   381  O O   . LYS A 1 49  ? -14.328 3.678   -2.186  1.00 49.64  ? 49  LYS A O   1 
ATOM   382  C CB  . LYS A 1 49  ? -13.700 6.398   -3.265  1.00 35.00  ? 49  LYS A CB  1 
ATOM   383  C CG  . LYS A 1 49  ? -14.044 7.833   -3.356  1.00 52.55  ? 49  LYS A CG  1 
ATOM   384  C CD  . LYS A 1 49  ? -15.184 8.017   -4.367  1.00 100.00 ? 49  LYS A CD  1 
ATOM   385  C CE  . LYS A 1 49  ? -15.585 9.496   -4.635  1.00 100.00 ? 49  LYS A CE  1 
ATOM   386  N NZ  . LYS A 1 49  ? -14.915 10.231  -5.762  1.00 100.00 ? 49  LYS A NZ  1 
ATOM   387  N N   . TYR A 1 50  ? -15.330 4.985   -0.692  1.00 49.38  ? 50  TYR A N   1 
ATOM   388  C CA  . TYR A 1 50  ? -16.316 3.965   -0.332  1.00 37.15  ? 50  TYR A CA  1 
ATOM   389  C C   . TYR A 1 50  ? -17.762 4.487   -0.458  1.00 44.84  ? 50  TYR A C   1 
ATOM   390  O O   . TYR A 1 50  ? -18.065 5.627   -0.112  1.00 76.57  ? 50  TYR A O   1 
ATOM   391  C CB  . TYR A 1 50  ? -16.067 3.480   1.139   1.00 36.21  ? 50  TYR A CB  1 
ATOM   392  C CG  . TYR A 1 50  ? -16.886 2.273   1.610   1.00 42.08  ? 50  TYR A CG  1 
ATOM   393  C CD1 . TYR A 1 50  ? -17.274 1.277   0.706   1.00 100.00 ? 50  TYR A CD1 1 
ATOM   394  C CD2 . TYR A 1 50  ? -17.327 2.151   2.929   1.00 100.00 ? 50  TYR A CD2 1 
ATOM   395  C CE1 . TYR A 1 50  ? -18.043 0.174   1.083   1.00 56.82  ? 50  TYR A CE1 1 
ATOM   396  C CE2 . TYR A 1 50  ? -18.093 1.051   3.331   1.00 60.52  ? 50  TYR A CE2 1 
ATOM   397  C CZ  . TYR A 1 50  ? -18.446 0.059   2.410   1.00 77.99  ? 50  TYR A CZ  1 
ATOM   398  O OH  . TYR A 1 50  ? -19.184 -1.056  2.729   1.00 82.10  ? 50  TYR A OH  1 
ATOM   399  N N   . ASP A 1 51  ? -18.643 3.636   -0.955  1.00 87.93  ? 51  ASP A N   1 
ATOM   400  C CA  . ASP A 1 51  ? -20.035 3.981   -1.118  1.00 68.06  ? 51  ASP A CA  1 
ATOM   401  C C   . ASP A 1 51  ? -20.850 3.408   0.023   1.00 61.15  ? 51  ASP A C   1 
ATOM   402  O O   . ASP A 1 51  ? -21.749 4.059   0.514   1.00 79.69  ? 51  ASP A O   1 
ATOM   403  C CB  . ASP A 1 51  ? -20.609 3.239   -2.338  1.00 41.14  ? 51  ASP A CB  1 
ATOM   404  C CG  . ASP A 1 51  ? -20.627 4.233   -3.420  1.00 100.00 ? 51  ASP A CG  1 
ATOM   405  O OD1 . ASP A 1 51  ? -20.192 5.364   -3.219  1.00 100.00 ? 51  ASP A OD1 1 
ATOM   406  O OD2 . ASP A 1 51  ? -21.128 3.765   -4.555  1.00 100.00 ? 51  ASP A OD2 1 
ATOM   407  N N   . GLY A 1 52  ? -20.526 2.172   0.406   1.00 69.40  ? 52  GLY A N   1 
ATOM   408  C CA  . GLY A 1 52  ? -21.194 1.408   1.456   1.00 56.31  ? 52  GLY A CA  1 
ATOM   409  C C   . GLY A 1 52  ? -21.517 0.078   0.802   1.00 69.39  ? 52  GLY A C   1 
ATOM   410  O O   . GLY A 1 52  ? -21.801 -0.949  1.420   1.00 100.00 ? 52  GLY A O   1 
ATOM   411  N N   . LYS A 1 53  ? -21.437 0.149   -0.511  1.00 45.58  ? 53  LYS A N   1 
ATOM   412  C CA  . LYS A 1 53  ? -21.707 -0.989  -1.326  1.00 91.71  ? 53  LYS A CA  1 
ATOM   413  C C   . LYS A 1 53  ? -20.558 -1.115  -2.258  1.00 100.00 ? 53  LYS A C   1 
ATOM   414  O O   . LYS A 1 53  ? -20.156 -2.206  -2.668  1.00 100.00 ? 53  LYS A O   1 
ATOM   415  C CB  . LYS A 1 53  ? -22.991 -0.768  -2.173  1.00 100.00 ? 53  LYS A CB  1 
ATOM   416  C CG  . LYS A 1 53  ? -23.719 -2.048  -2.670  1.00 100.00 ? 53  LYS A CG  1 
ATOM   417  C CD  . LYS A 1 53  ? -24.826 -1.837  -3.725  1.00 100.00 ? 53  LYS A CD  1 
ATOM   418  C CE  . LYS A 1 53  ? -25.216 -3.120  -4.492  1.00 100.00 ? 53  LYS A CE  1 
ATOM   419  N NZ  . LYS A 1 53  ? -26.638 -3.531  -4.404  1.00 100.00 ? 53  LYS A NZ  1 
ATOM   420  N N   . LYS A 1 54  ? -20.023 0.029   -2.604  1.00 40.95  ? 54  LYS A N   1 
ATOM   421  C CA  . LYS A 1 54  ? -18.930 -0.072  -3.519  1.00 74.56  ? 54  LYS A CA  1 
ATOM   422  C C   . LYS A 1 54  ? -17.730 0.749   -3.176  1.00 51.66  ? 54  LYS A C   1 
ATOM   423  O O   . LYS A 1 54  ? -17.846 1.899   -2.744  1.00 44.91  ? 54  LYS A O   1 
ATOM   424  C CB  . LYS A 1 54  ? -19.336 0.114   -4.932  1.00 49.42  ? 54  LYS A CB  1 
ATOM   425  C CG  . LYS A 1 54  ? -18.181 -0.193  -5.875  1.00 100.00 ? 54  LYS A CG  1 
ATOM   426  C CD  . LYS A 1 54  ? -18.539 0.053   -7.355  1.00 100.00 ? 54  LYS A CD  1 
ATOM   427  C CE  . LYS A 1 54  ? -17.485 0.768   -8.253  1.00 100.00 ? 54  LYS A CE  1 
ATOM   428  N NZ  . LYS A 1 54  ? -18.061 1.517   -9.422  1.00 100.00 ? 54  LYS A NZ  1 
ATOM   429  N N   . ALA A 1 55  ? -16.580 0.127   -3.396  1.00 42.86  ? 55  ALA A N   1 
ATOM   430  C CA  . ALA A 1 55  ? -15.310 0.759   -3.127  1.00 30.83  ? 55  ALA A CA  1 
ATOM   431  C C   . ALA A 1 55  ? -14.423 0.799   -4.360  1.00 45.76  ? 55  ALA A C   1 
ATOM   432  O O   . ALA A 1 55  ? -14.397 -0.133  -5.135  1.00 35.73  ? 55  ALA A O   1 
ATOM   433  C CB  . ALA A 1 55  ? -14.665 0.086   -1.943  1.00 37.78  ? 55  ALA A CB  1 
ATOM   434  N N   . SER A 1 56  ? -13.708 1.899   -4.551  1.00 32.75  ? 56  SER A N   1 
ATOM   435  C CA  . SER A 1 56  ? -12.833 2.035   -5.704  1.00 29.15  ? 56  SER A CA  1 
ATOM   436  C C   . SER A 1 56  ? -11.472 2.572   -5.314  1.00 40.29  ? 56  SER A C   1 
ATOM   437  O O   . SER A 1 56  ? -11.276 3.097   -4.220  1.00 35.41  ? 56  SER A O   1 
ATOM   438  C CB  . SER A 1 56  ? -13.419 2.950   -6.731  1.00 37.50  ? 56  SER A CB  1 
ATOM   439  O OG  . SER A 1 56  ? -13.549 4.234   -6.229  1.00 32.36  ? 56  SER A OG  1 
ATOM   440  N N   . VAL A 1 57  ? -10.506 2.445   -6.194  1.00 29.41  ? 57  VAL A N   1 
ATOM   441  C CA  . VAL A 1 57  ? -9.180  2.948   -5.865  1.00 20.02  ? 57  VAL A CA  1 
ATOM   442  C C   . VAL A 1 57  ? -8.610  3.845   -6.952  1.00 26.65  ? 57  VAL A C   1 
ATOM   443  O O   . VAL A 1 57  ? -8.807  3.629   -8.139  1.00 30.26  ? 57  VAL A O   1 
ATOM   444  C CB  . VAL A 1 57  ? -8.191  1.826   -5.413  1.00 33.02  ? 57  VAL A CB  1 
ATOM   445  C CG1 . VAL A 1 57  ? -8.460  0.499   -6.067  1.00 26.07  ? 57  VAL A CG1 1 
ATOM   446  C CG2 . VAL A 1 57  ? -6.745  2.163   -5.673  1.00 23.87  ? 57  VAL A CG2 1 
ATOM   447  N N   . TYR A 1 58  ? -7.892  4.851   -6.533  1.00 22.84  ? 58  TYR A N   1 
ATOM   448  C CA  . TYR A 1 58  ? -7.252  5.734   -7.418  1.00 15.02  ? 58  TYR A CA  1 
ATOM   449  C C   . TYR A 1 58  ? -5.810  5.844   -6.892  1.00 28.38  ? 58  TYR A C   1 
ATOM   450  O O   . TYR A 1 58  ? -5.548  6.410   -5.832  1.00 28.85  ? 58  TYR A O   1 
ATOM   451  C CB  . TYR A 1 58  ? -7.947  7.109   -7.449  1.00 24.09  ? 58  TYR A CB  1 
ATOM   452  C CG  . TYR A 1 58  ? -7.181  8.050   -8.363  1.00 31.97  ? 58  TYR A CG  1 
ATOM   453  C CD1 . TYR A 1 58  ? -7.470  8.100   -9.728  1.00 25.26  ? 58  TYR A CD1 1 
ATOM   454  C CD2 . TYR A 1 58  ? -6.190  8.900   -7.895  1.00 34.88  ? 58  TYR A CD2 1 
ATOM   455  C CE1 . TYR A 1 58  ? -6.783  8.923   -10.610 1.00 23.67  ? 58  TYR A CE1 1 
ATOM   456  C CE2 . TYR A 1 58  ? -5.496  9.755   -8.757  1.00 28.83  ? 58  TYR A CE2 1 
ATOM   457  C CZ  . TYR A 1 58  ? -5.798  9.757   -10.110 1.00 36.20  ? 58  TYR A CZ  1 
ATOM   458  O OH  . TYR A 1 58  ? -5.178  10.610  -10.952 1.00 37.02  ? 58  TYR A OH  1 
ATOM   459  N N   . ASN A 1 59  ? -4.855  5.286   -7.628  1.00 21.92  ? 59  ASN A N   1 
ATOM   460  C CA  . ASN A 1 59  ? -3.484  5.372   -7.198  1.00 19.29  ? 59  ASN A CA  1 
ATOM   461  C C   . ASN A 1 59  ? -2.686  6.255   -8.148  1.00 23.58  ? 59  ASN A C   1 
ATOM   462  O O   . ASN A 1 59  ? -2.839  6.206   -9.384  1.00 28.56  ? 59  ASN A O   1 
ATOM   463  C CB  . ASN A 1 59  ? -2.771  4.002   -7.322  1.00 20.36  ? 59  ASN A CB  1 
ATOM   464  C CG  . ASN A 1 59  ? -2.967  2.952   -6.238  1.00 22.83  ? 59  ASN A CG  1 
ATOM   465  O OD1 . ASN A 1 59  ? -3.329  3.262   -5.055  1.00 28.49  ? 59  ASN A OD1 1 
ATOM   466  N ND2 . ASN A 1 59  ? -2.735  1.641   -6.677  1.00 24.06  ? 59  ASN A ND2 1 
ATOM   467  N N   . SER A 1 60  ? -1.794  7.047   -7.584  1.00 24.17  ? 60  SER A N   1 
ATOM   468  C CA  . SER A 1 60  ? -0.987  7.879   -8.401  1.00 27.50  ? 60  SER A CA  1 
ATOM   469  C C   . SER A 1 60  ? 0.337   8.242   -7.803  1.00 27.07  ? 60  SER A C   1 
ATOM   470  O O   . SER A 1 60  ? 0.560   8.244   -6.604  1.00 24.36  ? 60  SER A O   1 
ATOM   471  C CB  . SER A 1 60  ? -1.695  9.189   -8.795  1.00 36.57  ? 60  SER A CB  1 
ATOM   472  O OG  . SER A 1 60  ? -1.679  10.165  -7.744  1.00 28.16  ? 60  SER A OG  1 
ATOM   473  N N   . PHE A 1 61  ? 1.209   8.596   -8.708  1.00 25.64  ? 61  PHE A N   1 
ATOM   474  C CA  . PHE A 1 61  ? 2.527   9.038   -8.390  1.00 25.01  ? 61  PHE A CA  1 
ATOM   475  C C   . PHE A 1 61  ? 3.049   9.838   -9.555  1.00 17.88  ? 61  PHE A C   1 
ATOM   476  O O   . PHE A 1 61  ? 2.441   9.886   -10.631 1.00 34.34  ? 61  PHE A O   1 
ATOM   477  C CB  . PHE A 1 61  ? 3.483   8.028   -7.818  1.00 24.10  ? 61  PHE A CB  1 
ATOM   478  C CG  . PHE A 1 61  ? 3.816   6.840   -8.679  1.00 31.88  ? 61  PHE A CG  1 
ATOM   479  C CD1 . PHE A 1 61  ? 3.845   6.892   -10.085 1.00 25.22  ? 61  PHE A CD1 1 
ATOM   480  C CD2 . PHE A 1 61  ? 4.165   5.641   -8.056  1.00 29.12  ? 61  PHE A CD2 1 
ATOM   481  C CE1 . PHE A 1 61  ? 4.197   5.783   -10.855 1.00 44.97  ? 61  PHE A CE1 1 
ATOM   482  C CE2 . PHE A 1 61  ? 4.542   4.522   -8.813  1.00 28.54  ? 61  PHE A CE2 1 
ATOM   483  C CZ  . PHE A 1 61  ? 4.555   4.580   -10.220 1.00 21.04  ? 61  PHE A CZ  1 
ATOM   484  N N   . VAL A 1 62  ? 4.167   10.446  -9.329  1.00 25.00  ? 62  VAL A N   1 
ATOM   485  C CA  . VAL A 1 62  ? 4.803   11.258  -10.331 1.00 28.71  ? 62  VAL A CA  1 
ATOM   486  C C   . VAL A 1 62  ? 6.229   10.785  -10.694 1.00 38.80  ? 62  VAL A C   1 
ATOM   487  O O   . VAL A 1 62  ? 7.112   10.567  -9.838  1.00 28.96  ? 62  VAL A O   1 
ATOM   488  C CB  . VAL A 1 62  ? 4.828   12.768  -9.890  1.00 42.30  ? 62  VAL A CB  1 
ATOM   489  C CG1 . VAL A 1 62  ? 5.433   13.668  -10.965 1.00 30.45  ? 62  VAL A CG1 1 
ATOM   490  C CG2 . VAL A 1 62  ? 3.433   13.328  -9.561  1.00 27.03  ? 62  VAL A CG2 1 
ATOM   491  N N   . SER A 1 63  ? 6.452   10.651  -12.002 1.00 30.77  ? 63  SER A N   1 
ATOM   492  C CA  . SER A 1 63  ? 7.736   10.262  -12.555 1.00 43.42  ? 63  SER A CA  1 
ATOM   493  C C   . SER A 1 63  ? 8.022   11.281  -13.641 1.00 28.95  ? 63  SER A C   1 
ATOM   494  O O   . SER A 1 63  ? 7.217   11.432  -14.556 1.00 38.47  ? 63  SER A O   1 
ATOM   495  C CB  . SER A 1 63  ? 7.794   8.807   -13.077 1.00 31.63  ? 63  SER A CB  1 
ATOM   496  O OG  . SER A 1 63  ? 7.087   8.018   -12.119 1.00 62.05  ? 63  SER A OG  1 
ATOM   497  N N   . ASN A 1 64  ? 9.128   12.001  -13.496 1.00 50.71  ? 64  ASN A N   1 
ATOM   498  C CA  . ASN A 1 64  ? 9.574   13.010  -14.448 1.00 74.34  ? 64  ASN A CA  1 
ATOM   499  C C   . ASN A 1 64  ? 8.519   13.917  -15.003 1.00 33.39  ? 64  ASN A C   1 
ATOM   500  O O   . ASN A 1 64  ? 8.409   14.049  -16.215 1.00 45.06  ? 64  ASN A O   1 
ATOM   501  C CB  . ASN A 1 64  ? 10.294  12.389  -15.669 1.00 73.53  ? 64  ASN A CB  1 
ATOM   502  C CG  . ASN A 1 64  ? 11.349  11.390  -15.224 1.00 100.00 ? 64  ASN A CG  1 
ATOM   503  O OD1 . ASN A 1 64  ? 11.296  10.123  -15.433 1.00 82.05  ? 64  ASN A OD1 1 
ATOM   504  N ND2 . ASN A 1 64  ? 12.330  12.001  -14.569 1.00 100.00 ? 64  ASN A ND2 1 
ATOM   505  N N   . GLY A 1 65  ? 7.763   14.550  -14.128 1.00 34.56  ? 65  GLY A N   1 
ATOM   506  C CA  . GLY A 1 65  ? 6.750   15.472  -14.583 1.00 34.38  ? 65  GLY A CA  1 
ATOM   507  C C   . GLY A 1 65  ? 5.473   14.850  -15.037 1.00 49.36  ? 65  GLY A C   1 
ATOM   508  O O   . GLY A 1 65  ? 4.532   15.533  -15.417 1.00 42.16  ? 65  GLY A O   1 
ATOM   509  N N   . VAL A 1 66  ? 5.440   13.555  -14.991 1.00 33.20  ? 66  VAL A N   1 
ATOM   510  C CA  . VAL A 1 66  ? 4.231   12.905  -15.412 1.00 27.49  ? 66  VAL A CA  1 
ATOM   511  C C   . VAL A 1 66  ? 3.538   12.226  -14.274 1.00 32.02  ? 66  VAL A C   1 
ATOM   512  O O   . VAL A 1 66  ? 4.150   11.508  -13.459 1.00 34.29  ? 66  VAL A O   1 
ATOM   513  C CB  . VAL A 1 66  ? 4.553   11.801  -16.370 1.00 40.66  ? 66  VAL A CB  1 
ATOM   514  C CG1 . VAL A 1 66  ? 3.199   11.195  -16.786 1.00 29.19  ? 66  VAL A CG1 1 
ATOM   515  C CG2 . VAL A 1 66  ? 5.308   12.506  -17.489 1.00 30.13  ? 66  VAL A CG2 1 
ATOM   516  N N   . LYS A 1 67  ? 2.251   12.453  -14.251 1.00 33.38  ? 67  LYS A N   1 
ATOM   517  C CA  . LYS A 1 67  ? 1.513   11.851  -13.217 1.00 35.69  ? 67  LYS A CA  1 
ATOM   518  C C   . LYS A 1 67  ? 0.906   10.603  -13.713 1.00 33.22  ? 67  LYS A C   1 
ATOM   519  O O   . LYS A 1 67  ? -0.047  10.658  -14.485 1.00 33.03  ? 67  LYS A O   1 
ATOM   520  C CB  . LYS A 1 67  ? 0.391   12.705  -12.673 1.00 33.57  ? 67  LYS A CB  1 
ATOM   521  C CG  . LYS A 1 67  ? -0.156  12.232  -11.332 1.00 24.98  ? 67  LYS A CG  1 
ATOM   522  C CD  . LYS A 1 67  ? -1.658  12.265  -11.139 1.00 33.62  ? 67  LYS A CD  1 
ATOM   523  C CE  . LYS A 1 67  ? -2.454  13.564  -11.169 1.00 41.35  ? 67  LYS A CE  1 
ATOM   524  N NZ  . LYS A 1 67  ? -3.106  13.905  -9.876  1.00 91.96  ? 67  LYS A NZ  1 
ATOM   525  N N   . GLU A 1 68  ? 1.436   9.494   -13.235 1.00 27.16  ? 68  GLU A N   1 
ATOM   526  C CA  . GLU A 1 68  ? 0.869   8.221   -13.624 1.00 24.24  ? 68  GLU A CA  1 
ATOM   527  C C   . GLU A 1 68  ? -0.138  7.725   -12.596 1.00 28.12  ? 68  GLU A C   1 
ATOM   528  O O   . GLU A 1 68  ? 0.053   7.797   -11.346 1.00 39.95  ? 68  GLU A O   1 
ATOM   529  C CB  . GLU A 1 68  ? 1.921   7.174   -13.900 1.00 33.93  ? 68  GLU A CB  1 
ATOM   530  C CG  . GLU A 1 68  ? 2.872   7.670   -14.953 1.00 36.73  ? 68  GLU A CG  1 
ATOM   531  C CD  . GLU A 1 68  ? 4.038   6.734   -15.085 1.00 39.73  ? 68  GLU A CD  1 
ATOM   532  O OE1 . GLU A 1 68  ? 4.089   5.666   -14.510 1.00 47.69  ? 68  GLU A OE1 1 
ATOM   533  O OE2 . GLU A 1 68  ? 4.986   7.179   -15.847 1.00 100.00 ? 68  GLU A OE2 1 
ATOM   534  N N   . TYR A 1 69  ? -1.244  7.191   -13.140 1.00 21.35  ? 69  TYR A N   1 
ATOM   535  C CA  . TYR A 1 69  ? -2.240  6.710   -12.235 1.00 25.71  ? 69  TYR A CA  1 
ATOM   536  C C   . TYR A 1 69  ? -2.904  5.417   -12.658 1.00 24.17  ? 69  TYR A C   1 
ATOM   537  O O   . TYR A 1 69  ? -2.753  4.959   -13.794 1.00 28.89  ? 69  TYR A O   1 
ATOM   538  C CB  . TYR A 1 69  ? -3.233  7.820   -11.972 1.00 28.67  ? 69  TYR A CB  1 
ATOM   539  C CG  . TYR A 1 69  ? -3.950  8.168   -13.211 1.00 31.93  ? 69  TYR A CG  1 
ATOM   540  C CD1 . TYR A 1 69  ? -5.219  7.612   -13.384 1.00 31.56  ? 69  TYR A CD1 1 
ATOM   541  C CD2 . TYR A 1 69  ? -3.393  9.034   -14.169 1.00 43.04  ? 69  TYR A CD2 1 
ATOM   542  C CE1 . TYR A 1 69  ? -5.960  7.926   -14.527 1.00 26.90  ? 69  TYR A CE1 1 
ATOM   543  C CE2 . TYR A 1 69  ? -4.119  9.366   -15.320 1.00 31.69  ? 69  TYR A CE2 1 
ATOM   544  C CZ  . TYR A 1 69  ? -5.398  8.799   -15.474 1.00 33.54  ? 69  TYR A CZ  1 
ATOM   545  O OH  . TYR A 1 69  ? -6.168  9.072   -16.578 1.00 44.53  ? 69  TYR A OH  1 
ATOM   546  N N   . MET A 1 70  ? -3.634  4.832   -11.702 1.00 21.39  ? 70  MET A N   1 
ATOM   547  C CA  . MET A 1 70  ? -4.341  3.578   -11.914 1.00 26.10  ? 70  MET A CA  1 
ATOM   548  C C   . MET A 1 70  ? -5.673  3.658   -11.234 1.00 38.08  ? 70  MET A C   1 
ATOM   549  O O   . MET A 1 70  ? -5.764  4.139   -10.100 1.00 33.88  ? 70  MET A O   1 
ATOM   550  C CB  . MET A 1 70  ? -3.661  2.466   -11.099 1.00 20.00  ? 70  MET A CB  1 
ATOM   551  C CG  . MET A 1 70  ? -2.239  2.198   -11.465 1.00 24.41  ? 70  MET A CG  1 
ATOM   552  S SD  . MET A 1 70  ? -1.356  1.224   -10.213 1.00 31.94  ? 70  MET A SD  1 
ATOM   553  C CE  . MET A 1 70  ? -1.863  -0.448  -10.515 1.00 22.60  ? 70  MET A CE  1 
ATOM   554  N N   . GLU A 1 71  ? -6.692  3.174   -11.918 1.00 28.47  ? 71  GLU A N   1 
ATOM   555  C CA  . GLU A 1 71  ? -8.029  3.166   -11.364 1.00 24.87  ? 71  GLU A CA  1 
ATOM   556  C C   . GLU A 1 71  ? -8.510  1.740   -11.223 1.00 32.16  ? 71  GLU A C   1 
ATOM   557  O O   . GLU A 1 71  ? -8.335  0.957   -12.156 1.00 28.16  ? 71  GLU A O   1 
ATOM   558  C CB  . GLU A 1 71  ? -8.986  3.940   -12.270 1.00 33.93  ? 71  GLU A CB  1 
ATOM   559  C CG  . GLU A 1 71  ? -8.434  5.349   -12.590 1.00 70.49  ? 71  GLU A CG  1 
ATOM   560  C CD  . GLU A 1 71  ? -9.446  6.294   -13.222 1.00 54.79  ? 71  GLU A CD  1 
ATOM   561  O OE1 . GLU A 1 71  ? -10.041 7.091   -12.556 1.00 58.95  ? 71  GLU A OE1 1 
ATOM   562  O OE2 . GLU A 1 71  ? -9.637  6.153   -14.520 1.00 60.08  ? 71  GLU A OE2 1 
ATOM   563  N N   . GLY A 1 72  ? -9.086  1.364   -10.067 1.00 21.35  ? 72  GLY A N   1 
ATOM   564  C CA  . GLY A 1 72  ? -9.535  -0.005  -9.944  1.00 22.39  ? 72  GLY A CA  1 
ATOM   565  C C   . GLY A 1 72  ? -10.598 -0.140  -8.904  1.00 35.40  ? 72  GLY A C   1 
ATOM   566  O O   . GLY A 1 72  ? -11.071 0.848   -8.380  1.00 28.43  ? 72  GLY A O   1 
ATOM   567  N N   . ASP A 1 73  ? -10.944 -1.386  -8.626  1.00 28.05  ? 73  ASP A N   1 
ATOM   568  C CA  . ASP A 1 73  ? -11.933 -1.706  -7.669  1.00 30.32  ? 73  ASP A CA  1 
ATOM   569  C C   . ASP A 1 73  ? -11.277 -2.172  -6.409  1.00 18.53  ? 73  ASP A C   1 
ATOM   570  O O   . ASP A 1 73  ? -10.158 -2.674  -6.415  1.00 29.64  ? 73  ASP A O   1 
ATOM   571  C CB  . ASP A 1 73  ? -12.836 -2.794  -8.256  1.00 30.32  ? 73  ASP A CB  1 
ATOM   572  C CG  . ASP A 1 73  ? -13.585 -2.297  -9.519  1.00 40.36  ? 73  ASP A CG  1 
ATOM   573  O OD1 . ASP A 1 73  ? -13.530 -2.885  -10.598 1.00 93.58  ? 73  ASP A OD1 1 
ATOM   574  O OD2 . ASP A 1 73  ? -14.291 -1.190  -9.322  1.00 81.97  ? 73  ASP A OD2 1 
ATOM   575  N N   . LEU A 1 74  ? -12.006 -1.998  -5.341  1.00 28.11  ? 74  LEU A N   1 
ATOM   576  C CA  . LEU A 1 74  ? -11.508 -2.400  -4.052  1.00 21.19  ? 74  LEU A CA  1 
ATOM   577  C C   . LEU A 1 74  ? -12.556 -3.186  -3.303  1.00 32.45  ? 74  LEU A C   1 
ATOM   578  O O   . LEU A 1 74  ? -13.724 -2.815  -3.299  1.00 28.36  ? 74  LEU A O   1 
ATOM   579  C CB  . LEU A 1 74  ? -11.094 -1.112  -3.264  1.00 25.15  ? 74  LEU A CB  1 
ATOM   580  C CG  . LEU A 1 74  ? -10.235 -1.446  -2.033  1.00 45.71  ? 74  LEU A CG  1 
ATOM   581  C CD1 . LEU A 1 74  ? -9.539  -0.231  -1.462  1.00 29.26  ? 74  LEU A CD1 1 
ATOM   582  C CD2 . LEU A 1 74  ? -11.077 -1.978  -0.916  1.00 29.15  ? 74  LEU A CD2 1 
ATOM   583  N N   . GLU A 1 75  ? -12.158 -4.250  -2.640  1.00 27.97  ? 75  GLU A N   1 
ATOM   584  C CA  . GLU A 1 75  ? -13.111 -5.032  -1.882  1.00 24.28  ? 75  GLU A CA  1 
ATOM   585  C C   . GLU A 1 75  ? -12.416 -5.749  -0.740  1.00 27.13  ? 75  GLU A C   1 
ATOM   586  O O   . GLU A 1 75  ? -11.196 -5.994  -0.781  1.00 24.18  ? 75  GLU A O   1 
ATOM   587  C CB  . GLU A 1 75  ? -13.688 -6.070  -2.825  1.00 26.67  ? 75  GLU A CB  1 
ATOM   588  C CG  . GLU A 1 75  ? -15.081 -6.545  -2.535  1.00 100.00 ? 75  GLU A CG  1 
ATOM   589  C CD  . GLU A 1 75  ? -15.365 -7.690  -3.408  1.00 69.80  ? 75  GLU A CD  1 
ATOM   590  O OE1 . GLU A 1 75  ? -16.365 -8.395  -3.298  1.00 100.00 ? 75  GLU A OE1 1 
ATOM   591  O OE2 . GLU A 1 75  ? -14.394 -7.841  -4.291  1.00 100.00 ? 75  GLU A OE2 1 
ATOM   592  N N   . ILE A 1 76  ? -13.204 -6.079  0.275   1.00 23.58  ? 76  ILE A N   1 
ATOM   593  C CA  . ILE A 1 76  ? -12.622 -6.778  1.369   1.00 29.55  ? 76  ILE A CA  1 
ATOM   594  C C   . ILE A 1 76  ? -12.303 -8.189  0.914   1.00 24.91  ? 76  ILE A C   1 
ATOM   595  O O   . ILE A 1 76  ? -13.081 -8.854  0.206   1.00 26.54  ? 76  ILE A O   1 
ATOM   596  C CB  . ILE A 1 76  ? -13.581 -6.920  2.556   1.00 23.23  ? 76  ILE A CB  1 
ATOM   597  C CG1 . ILE A 1 76  ? -14.026 -5.579  3.142   1.00 42.08  ? 76  ILE A CG1 1 
ATOM   598  C CG2 . ILE A 1 76  ? -12.991 -7.797  3.685   1.00 28.58  ? 76  ILE A CG2 1 
ATOM   599  C CD1 . ILE A 1 76  ? -12.926 -4.696  3.734   1.00 28.16  ? 76  ILE A CD1 1 
ATOM   600  N N   . ALA A 1 77  ? -11.146 -8.696  1.340   1.00 23.52  ? 77  ALA A N   1 
ATOM   601  C CA  . ALA A 1 77  ? -10.764 -10.063 0.986   1.00 18.86  ? 77  ALA A CA  1 
ATOM   602  C C   . ALA A 1 77  ? -11.809 -11.081 1.480   1.00 20.52  ? 77  ALA A C   1 
ATOM   603  O O   . ALA A 1 77  ? -12.374 -10.980 2.583   1.00 28.05  ? 77  ALA A O   1 
ATOM   604  C CB  . ALA A 1 77  ? -9.312  -10.435 1.385   1.00 13.17  ? 77  ALA A CB  1 
ATOM   605  N N   . PRO A 1 78  ? -12.070 -12.060 0.621   1.00 30.70  ? 78  PRO A N   1 
ATOM   606  C CA  . PRO A 1 78  ? -13.029 -13.104 0.865   1.00 28.00  ? 78  PRO A CA  1 
ATOM   607  C C   . PRO A 1 78  ? -12.848 -13.740 2.183   1.00 29.85  ? 78  PRO A C   1 
ATOM   608  O O   . PRO A 1 78  ? -13.829 -13.954 2.808   1.00 23.54  ? 78  PRO A O   1 
ATOM   609  C CB  . PRO A 1 78  ? -12.914 -14.208 -0.176  1.00 25.76  ? 78  PRO A CB  1 
ATOM   610  C CG  . PRO A 1 78  ? -11.869 -13.718 -1.099  1.00 29.29  ? 78  PRO A CG  1 
ATOM   611  C CD  . PRO A 1 78  ? -11.413 -12.330 -0.642  1.00 25.64  ? 78  PRO A CD  1 
ATOM   612  N N   . ASP A 1 79  ? -11.630 -14.063 2.587   1.00 17.79  ? 79  ASP A N   1 
ATOM   613  C CA  . ASP A 1 79  ? -11.497 -14.667 3.874   1.00 18.70  ? 79  ASP A CA  1 
ATOM   614  C C   . ASP A 1 79  ? -11.775 -13.646 5.016   1.00 29.77  ? 79  ASP A C   1 
ATOM   615  O O   . ASP A 1 79  ? -12.339 -13.995 6.050   1.00 26.84  ? 79  ASP A O   1 
ATOM   616  C CB  . ASP A 1 79  ? -10.127 -15.329 4.053   1.00 21.11  ? 79  ASP A CB  1 
ATOM   617  C CG  . ASP A 1 79  ? -8.986  -14.307 4.075   1.00 32.66  ? 79  ASP A CG  1 
ATOM   618  O OD1 . ASP A 1 79  ? -8.034  -14.378 4.747   1.00 23.21  ? 79  ASP A OD1 1 
ATOM   619  O OD2 . ASP A 1 79  ? -9.073  -13.357 3.242   1.00 26.05  ? 79  ASP A OD2 1 
ATOM   620  N N   . ALA A 1 80  ? -11.389 -12.397 4.830   1.00 21.72  ? 80  ALA A N   1 
ATOM   621  C CA  . ALA A 1 80  ? -11.559 -11.312 5.812   1.00 26.54  ? 80  ALA A CA  1 
ATOM   622  C C   . ALA A 1 80  ? -13.015 -10.961 5.989   1.00 23.62  ? 80  ALA A C   1 
ATOM   623  O O   . ALA A 1 80  ? -13.433 -10.259 6.895   1.00 26.64  ? 80  ALA A O   1 
ATOM   624  C CB  . ALA A 1 80  ? -10.821 -10.086 5.240   1.00 23.45  ? 80  ALA A CB  1 
ATOM   625  N N   . LYS A 1 81  ? -13.828 -11.417 5.081   1.00 25.26  ? 81  LYS A N   1 
ATOM   626  C CA  . LYS A 1 81  ? -15.225 -11.099 5.251   1.00 26.25  ? 81  LYS A CA  1 
ATOM   627  C C   . LYS A 1 81  ? -15.760 -11.822 6.496   1.00 34.40  ? 81  LYS A C   1 
ATOM   628  O O   . LYS A 1 81  ? -16.615 -11.336 7.214   1.00 31.13  ? 81  LYS A O   1 
ATOM   629  C CB  . LYS A 1 81  ? -16.129 -11.421 4.045   1.00 26.38  ? 81  LYS A CB  1 
ATOM   630  C CG  . LYS A 1 81  ? -15.996 -10.344 3.015   1.00 36.95  ? 81  LYS A CG  1 
ATOM   631  C CD  . LYS A 1 81  ? -16.345 -10.776 1.633   1.00 60.52  ? 81  LYS A CD  1 
ATOM   632  C CE  . LYS A 1 81  ? -16.793 -9.570  0.839   1.00 88.49  ? 81  LYS A CE  1 
ATOM   633  N NZ  . LYS A 1 81  ? -17.282 -9.946  -0.482  1.00 62.77  ? 81  LYS A NZ  1 
ATOM   634  N N   . TYR A 1 82  ? -15.227 -12.999 6.729   1.00 27.71  ? 82  TYR A N   1 
ATOM   635  C CA  . TYR A 1 82  ? -15.601 -13.827 7.831   1.00 25.81  ? 82  TYR A CA  1 
ATOM   636  C C   . TYR A 1 82  ? -14.884 -13.502 9.107   1.00 30.78  ? 82  TYR A C   1 
ATOM   637  O O   . TYR A 1 82  ? -15.463 -13.601 10.203  1.00 28.95  ? 82  TYR A O   1 
ATOM   638  C CB  . TYR A 1 82  ? -15.279 -15.288 7.452   1.00 26.98  ? 82  TYR A CB  1 
ATOM   639  C CG  . TYR A 1 82  ? -16.333 -15.804 6.499   1.00 24.06  ? 82  TYR A CG  1 
ATOM   640  C CD1 . TYR A 1 82  ? -16.097 -15.705 5.117   1.00 26.97  ? 82  TYR A CD1 1 
ATOM   641  C CD2 . TYR A 1 82  ? -17.527 -16.386 6.974   1.00 24.69  ? 82  TYR A CD2 1 
ATOM   642  C CE1 . TYR A 1 82  ? -17.058 -16.146 4.201   1.00 30.33  ? 82  TYR A CE1 1 
ATOM   643  C CE2 . TYR A 1 82  ? -18.500 -16.820 6.062   1.00 34.11  ? 82  TYR A CE2 1 
ATOM   644  C CZ  . TYR A 1 82  ? -18.258 -16.676 4.687   1.00 35.65  ? 82  TYR A CZ  1 
ATOM   645  O OH  . TYR A 1 82  ? -19.164 -17.100 3.804   1.00 51.55  ? 82  TYR A OH  1 
ATOM   646  N N   . THR A 1 83  ? -13.616 -13.139 8.976   1.00 30.34  ? 83  THR A N   1 
ATOM   647  C CA  . THR A 1 83  ? -12.877 -12.836 10.177  1.00 30.02  ? 83  THR A CA  1 
ATOM   648  C C   . THR A 1 83  ? -12.979 -11.362 10.540  1.00 23.86  ? 83  THR A C   1 
ATOM   649  O O   . THR A 1 83  ? -12.724 -11.003 11.661  1.00 25.48  ? 83  THR A O   1 
ATOM   650  C CB  . THR A 1 83  ? -11.387 -13.189 10.078  1.00 15.97  ? 83  THR A CB  1 
ATOM   651  O OG1 . THR A 1 83  ? -10.838 -12.400 8.991   1.00 23.24  ? 83  THR A OG1 1 
ATOM   652  C CG2 . THR A 1 83  ? -11.162 -14.669 9.780   1.00 25.82  ? 83  THR A CG2 1 
ATOM   653  N N   . LYS A 1 84  ? -13.337 -10.506 9.603   1.00 30.57  ? 84  LYS A N   1 
ATOM   654  C CA  . LYS A 1 84  ? -13.426 -9.063  9.889   1.00 24.33  ? 84  LYS A CA  1 
ATOM   655  C C   . LYS A 1 84  ? -12.047 -8.423  10.033  1.00 24.87  ? 84  LYS A C   1 
ATOM   656  O O   . LYS A 1 84  ? -11.932 -7.316  10.571  1.00 28.32  ? 84  LYS A O   1 
ATOM   657  C CB  . LYS A 1 84  ? -14.266 -8.698  11.095  1.00 26.48  ? 84  LYS A CB  1 
ATOM   658  C CG  . LYS A 1 84  ? -15.543 -9.521  11.127  1.00 39.56  ? 84  LYS A CG  1 
ATOM   659  C CD  . LYS A 1 84  ? -16.382 -9.311  9.889   1.00 59.26  ? 84  LYS A CD  1 
ATOM   660  C CE  . LYS A 1 84  ? -17.786 -9.910  9.945   1.00 39.07  ? 84  LYS A CE  1 
ATOM   661  N NZ  . LYS A 1 84  ? -17.794 -11.376 10.202  1.00 42.32  ? 84  LYS A NZ  1 
ATOM   662  N N   . GLN A 1 85  ? -11.008 -9.138  9.554   1.00 24.42  ? 85  GLN A N   1 
ATOM   663  C CA  . GLN A 1 85  ? -9.622  -8.633  9.624   1.00 18.39  ? 85  GLN A CA  1 
ATOM   664  C C   . GLN A 1 85  ? -9.292  -7.646  8.496   1.00 29.76  ? 85  GLN A C   1 
ATOM   665  O O   . GLN A 1 85  ? -10.016 -7.546  7.477   1.00 24.41  ? 85  GLN A O   1 
ATOM   666  C CB  . GLN A 1 85  ? -8.588  -9.750  9.718   1.00 27.76  ? 85  GLN A CB  1 
ATOM   667  C CG  . GLN A 1 85  ? -8.614  -10.570 11.035  1.00 38.72  ? 85  GLN A CG  1 
ATOM   668  C CD  . GLN A 1 85  ? -7.962  -11.893 10.726  1.00 51.24  ? 85  GLN A CD  1 
ATOM   669  O OE1 . GLN A 1 85  ? -7.469  -12.081 9.605   1.00 33.60  ? 85  GLN A OE1 1 
ATOM   670  N NE2 . GLN A 1 85  ? -7.930  -12.803 11.659  1.00 33.01  ? 85  GLN A NE2 1 
ATOM   671  N N   . GLY A 1 86  ? -8.188  -6.893  8.630   1.00 25.03  ? 86  GLY A N   1 
ATOM   672  C CA  . GLY A 1 86  ? -7.861  -5.918  7.577   1.00 20.40  ? 86  GLY A CA  1 
ATOM   673  C C   . GLY A 1 86  ? -7.026  -6.466  6.451   1.00 22.04  ? 86  GLY A C   1 
ATOM   674  O O   . GLY A 1 86  ? -5.768  -6.542  6.480   1.00 27.68  ? 86  GLY A O   1 
ATOM   675  N N   . LYS A 1 87  ? -7.774  -6.871  5.463   1.00 30.71  ? 87  LYS A N   1 
ATOM   676  C CA  . LYS A 1 87  ? -7.218  -7.450  4.278   1.00 22.08  ? 87  LYS A CA  1 
ATOM   677  C C   . LYS A 1 87  ? -8.148  -7.094  3.139   1.00 28.01  ? 87  LYS A C   1 
ATOM   678  O O   . LYS A 1 87  ? -9.364  -7.337  3.202   1.00 32.16  ? 87  LYS A O   1 
ATOM   679  C CB  . LYS A 1 87  ? -7.073  -8.961  4.574   1.00 20.23  ? 87  LYS A CB  1 
ATOM   680  C CG  . LYS A 1 87  ? -6.074  -9.617  3.634   1.00 25.40  ? 87  LYS A CG  1 
ATOM   681  C CD  . LYS A 1 87  ? -6.073  -11.142 3.730   1.00 25.67  ? 87  LYS A CD  1 
ATOM   682  C CE  . LYS A 1 87  ? -5.621  -11.688 5.070   1.00 24.76  ? 87  LYS A CE  1 
ATOM   683  N NZ  . LYS A 1 87  ? -5.566  -13.175 5.034   1.00 27.62  ? 87  LYS A NZ  1 
ATOM   684  N N   . TYR A 1 88  ? -7.593  -6.485  2.094   1.00 20.34  ? 88  TYR A N   1 
ATOM   685  C CA  . TYR A 1 88  ? -8.403  -6.078  0.968   1.00 24.93  ? 88  TYR A CA  1 
ATOM   686  C C   . TYR A 1 88  ? -7.775  -6.387  -0.380  1.00 30.33  ? 88  TYR A C   1 
ATOM   687  O O   . TYR A 1 88  ? -6.575  -6.624  -0.530  1.00 25.52  ? 88  TYR A O   1 
ATOM   688  C CB  . TYR A 1 88  ? -8.864  -4.593  1.163   1.00 21.78  ? 88  TYR A CB  1 
ATOM   689  C CG  . TYR A 1 88  ? -7.740  -3.597  1.150   1.00 24.57  ? 88  TYR A CG  1 
ATOM   690  C CD1 . TYR A 1 88  ? -7.320  -2.979  -0.040  1.00 20.65  ? 88  TYR A CD1 1 
ATOM   691  C CD2 . TYR A 1 88  ? -7.043  -3.326  2.334   1.00 32.82  ? 88  TYR A CD2 1 
ATOM   692  C CE1 . TYR A 1 88  ? -6.287  -2.031  -0.068  1.00 25.11  ? 88  TYR A CE1 1 
ATOM   693  C CE2 . TYR A 1 88  ? -5.996  -2.404  2.330   1.00 25.61  ? 88  TYR A CE2 1 
ATOM   694  C CZ  . TYR A 1 88  ? -5.631  -1.764  1.142   1.00 36.55  ? 88  TYR A CZ  1 
ATOM   695  O OH  . TYR A 1 88  ? -4.577  -0.884  1.184   1.00 28.97  ? 88  TYR A OH  1 
ATOM   696  N N   . VAL A 1 89  ? -8.619  -6.381  -1.384  1.00 21.49  ? 89  VAL A N   1 
ATOM   697  C CA  . VAL A 1 89  ? -8.174  -6.665  -2.733  1.00 24.98  ? 89  VAL A CA  1 
ATOM   698  C C   . VAL A 1 89  ? -8.448  -5.486  -3.639  1.00 26.21  ? 89  VAL A C   1 
ATOM   699  O O   . VAL A 1 89  ? -9.529  -4.912  -3.553  1.00 32.41  ? 89  VAL A O   1 
ATOM   700  C CB  . VAL A 1 89  ? -9.005  -7.807  -3.297  1.00 25.37  ? 89  VAL A CB  1 
ATOM   701  C CG1 . VAL A 1 89  ? -8.516  -8.194  -4.725  1.00 16.05  ? 89  VAL A CG1 1 
ATOM   702  C CG2 . VAL A 1 89  ? -9.057  -8.940  -2.252  1.00 32.89  ? 89  VAL A CG2 1 
ATOM   703  N N   . MET A 1 90  ? -7.440  -5.162  -4.476  1.00 24.16  ? 90  MET A N   1 
ATOM   704  C CA  . MET A 1 90  ? -7.478  -4.094  -5.444  1.00 27.57  ? 90  MET A CA  1 
ATOM   705  C C   . MET A 1 90  ? -7.354  -4.765  -6.785  1.00 32.69  ? 90  MET A C   1 
ATOM   706  O O   . MET A 1 90  ? -6.418  -5.512  -7.017  1.00 25.97  ? 90  MET A O   1 
ATOM   707  C CB  . MET A 1 90  ? -6.325  -3.149  -5.229  1.00 22.41  ? 90  MET A CB  1 
ATOM   708  C CG  . MET A 1 90  ? -6.472  -2.482  -3.864  1.00 22.80  ? 90  MET A CG  1 
ATOM   709  S SD  . MET A 1 90  ? -5.227  -1.163  -3.720  1.00 28.82  ? 90  MET A SD  1 
ATOM   710  C CE  . MET A 1 90  ? -3.628  -2.082  -3.678  1.00 22.31  ? 90  MET A CE  1 
ATOM   711  N N   . THR A 1 91  ? -8.327  -4.527  -7.638  1.00 28.21  ? 91  THR A N   1 
ATOM   712  C CA  . THR A 1 91  ? -8.295  -5.142  -8.909  1.00 23.60  ? 91  THR A CA  1 
ATOM   713  C C   . THR A 1 91  ? -8.175  -4.092  -9.937  1.00 33.74  ? 91  THR A C   1 
ATOM   714  O O   . THR A 1 91  ? -8.955  -3.119  -10.005 1.00 29.93  ? 91  THR A O   1 
ATOM   715  C CB  . THR A 1 91  ? -9.609  -5.826  -9.115  1.00 23.84  ? 91  THR A CB  1 
ATOM   716  O OG1 . THR A 1 91  ? -9.782  -6.819  -8.099  1.00 32.50  ? 91  THR A OG1 1 
ATOM   717  C CG2 . THR A 1 91  ? -9.631  -6.440  -10.515 1.00 21.78  ? 91  THR A CG2 1 
ATOM   718  N N   . PHE A 1 92  ? -7.161  -4.314  -10.727 1.00 21.44  ? 92  PHE A N   1 
ATOM   719  C CA  . PHE A 1 92  ? -6.813  -3.427  -11.847 1.00 27.32  ? 92  PHE A CA  1 
ATOM   720  C C   . PHE A 1 92  ? -6.772  -4.182  -13.178 1.00 35.44  ? 92  PHE A C   1 
ATOM   721  O O   . PHE A 1 92  ? -6.378  -5.334  -13.216 1.00 36.29  ? 92  PHE A O   1 
ATOM   722  C CB  . PHE A 1 92  ? -5.402  -2.823  -11.679 1.00 27.20  ? 92  PHE A CB  1 
ATOM   723  C CG  . PHE A 1 92  ? -5.360  -1.990  -10.459 1.00 29.51  ? 92  PHE A CG  1 
ATOM   724  C CD1 . PHE A 1 92  ? -5.961  -0.726  -10.429 1.00 29.24  ? 92  PHE A CD1 1 
ATOM   725  C CD2 . PHE A 1 92  ? -4.768  -2.527  -9.314  1.00 27.52  ? 92  PHE A CD2 1 
ATOM   726  C CE1 . PHE A 1 92  ? -5.917  0.020   -9.252  1.00 25.75  ? 92  PHE A CE1 1 
ATOM   727  C CE2 . PHE A 1 92  ? -4.702  -1.787  -8.124  1.00 32.33  ? 92  PHE A CE2 1 
ATOM   728  C CZ  . PHE A 1 92  ? -5.286  -0.521  -8.127  1.00 23.55  ? 92  PHE A CZ  1 
ATOM   729  N N   . LYS A 1 93  ? -7.163  -3.545  -14.275 1.00 26.77  ? 93  LYS A N   1 
ATOM   730  C CA  . LYS A 1 93  ? -7.135  -4.227  -15.554 1.00 26.67  ? 93  LYS A CA  1 
ATOM   731  C C   . LYS A 1 93  ? -6.254  -3.507  -16.549 1.00 31.85  ? 93  LYS A C   1 
ATOM   732  O O   . LYS A 1 93  ? -6.386  -2.300  -16.702 1.00 23.51  ? 93  LYS A O   1 
ATOM   733  C CB  . LYS A 1 93  ? -8.524  -4.300  -16.133 1.00 24.91  ? 93  LYS A CB  1 
ATOM   734  C CG  . LYS A 1 93  ? -9.505  -5.084  -15.286 1.00 37.18  ? 93  LYS A CG  1 
ATOM   735  C CD  . LYS A 1 93  ? -10.958 -4.998  -15.744 1.00 99.75  ? 93  LYS A CD  1 
ATOM   736  C CE  . LYS A 1 93  ? -11.893 -5.937  -14.995 1.00 94.50  ? 93  LYS A CE  1 
ATOM   737  N NZ  . LYS A 1 93  ? -13.202 -5.305  -14.752 1.00 100.00 ? 93  LYS A NZ  1 
ATOM   738  N N   . PHE A 1 94  ? -5.349  -4.245  -17.216 1.00 24.66  ? 94  PHE A N   1 
ATOM   739  C CA  . PHE A 1 94  ? -4.491  -3.662  -18.217 1.00 24.65  ? 94  PHE A CA  1 
ATOM   740  C C   . PHE A 1 94  ? -4.920  -4.431  -19.415 1.00 44.01  ? 94  PHE A C   1 
ATOM   741  O O   . PHE A 1 94  ? -4.454  -5.567  -19.579 1.00 31.04  ? 94  PHE A O   1 
ATOM   742  C CB  . PHE A 1 94  ? -3.075  -4.024  -17.871 1.00 28.94  ? 94  PHE A CB  1 
ATOM   743  C CG  . PHE A 1 94  ? -2.809  -3.464  -16.542 1.00 22.53  ? 94  PHE A CG  1 
ATOM   744  C CD1 . PHE A 1 94  ? -3.027  -4.290  -15.440 1.00 34.49  ? 94  PHE A CD1 1 
ATOM   745  C CD2 . PHE A 1 94  ? -2.385  -2.139  -16.386 1.00 24.99  ? 94  PHE A CD2 1 
ATOM   746  C CE1 . PHE A 1 94  ? -2.788  -3.812  -14.151 1.00 35.15  ? 94  PHE A CE1 1 
ATOM   747  C CE2 . PHE A 1 94  ? -2.140  -1.653  -15.096 1.00 31.77  ? 94  PHE A CE2 1 
ATOM   748  C CZ  . PHE A 1 94  ? -2.350  -2.493  -13.995 1.00 27.92  ? 94  PHE A CZ  1 
ATOM   749  N N   . GLY A 1 95  ? -5.829  -3.866  -20.203 1.00 30.30  ? 95  GLY A N   1 
ATOM   750  C CA  . GLY A 1 95  ? -6.293  -4.647  -21.355 1.00 27.65  ? 95  GLY A CA  1 
ATOM   751  C C   . GLY A 1 95  ? -6.940  -5.933  -20.815 1.00 38.80  ? 95  GLY A C   1 
ATOM   752  O O   . GLY A 1 95  ? -7.830  -5.867  -19.977 1.00 41.53  ? 95  GLY A O   1 
ATOM   753  N N   . GLN A 1 96  ? -6.448  -7.096  -21.251 1.00 38.33  ? 96  GLN A N   1 
ATOM   754  C CA  . GLN A 1 96  ? -6.945  -8.404  -20.808 1.00 30.20  ? 96  GLN A CA  1 
ATOM   755  C C   . GLN A 1 96  ? -6.251  -8.856  -19.540 1.00 64.41  ? 96  GLN A C   1 
ATOM   756  O O   . GLN A 1 96  ? -6.664  -9.819  -18.923 1.00 42.55  ? 96  GLN A O   1 
ATOM   757  C CB  . GLN A 1 96  ? -6.488  -9.504  -21.837 1.00 49.15  ? 96  GLN A CB  1 
ATOM   758  C CG  . GLN A 1 96  ? -7.611  -10.303 -22.522 1.00 100.00 ? 96  GLN A CG  1 
ATOM   759  C CD  . GLN A 1 96  ? -8.314  -9.461  -23.584 1.00 100.00 ? 96  GLN A CD  1 
ATOM   760  O OE1 . GLN A 1 96  ? -9.558  -9.191  -23.475 1.00 100.00 ? 96  GLN A OE1 1 
ATOM   761  N NE2 . GLN A 1 96  ? -7.509  -9.032  -24.602 1.00 100.00 ? 96  GLN A NE2 1 
ATOM   762  N N   . ARG A 1 97  ? -5.172  -8.202  -19.156 1.00 30.24  ? 97  ARG A N   1 
ATOM   763  C CA  . ARG A 1 97  ? -4.511  -8.626  -17.962 1.00 24.35  ? 97  ARG A CA  1 
ATOM   764  C C   . ARG A 1 97  ? -5.236  -8.065  -16.754 1.00 38.45  ? 97  ARG A C   1 
ATOM   765  O O   . ARG A 1 97  ? -5.492  -6.856  -16.656 1.00 29.02  ? 97  ARG A O   1 
ATOM   766  C CB  . ARG A 1 97  ? -3.040  -8.223  -17.956 1.00 24.42  ? 97  ARG A CB  1 
ATOM   767  C CG  . ARG A 1 97  ? -2.374  -8.640  -16.655 1.00 35.41  ? 97  ARG A CG  1 
ATOM   768  C CD  . ARG A 1 97  ? -0.884  -8.513  -16.841 1.00 32.00  ? 97  ARG A CD  1 
ATOM   769  N NE  . ARG A 1 97  ? -0.589  -7.141  -17.233 1.00 27.11  ? 97  ARG A NE  1 
ATOM   770  C CZ  . ARG A 1 97  ? -0.123  -6.238  -16.405 1.00 28.78  ? 97  ARG A CZ  1 
ATOM   771  N NH1 . ARG A 1 97  ? 0.120   -6.551  -15.132 1.00 30.29  ? 97  ARG A NH1 1 
ATOM   772  N NH2 . ARG A 1 97  ? 0.114   -4.989  -16.840 1.00 28.82  ? 97  ARG A NH2 1 
ATOM   773  N N   . VAL A 1 98  ? -5.582  -8.977  -15.846 1.00 26.69  ? 98  VAL A N   1 
ATOM   774  C CA  . VAL A 1 98  ? -6.281  -8.608  -14.623 1.00 33.02  ? 98  VAL A CA  1 
ATOM   775  C C   . VAL A 1 98  ? -5.387  -8.880  -13.418 1.00 31.80  ? 98  VAL A C   1 
ATOM   776  O O   . VAL A 1 98  ? -4.880  -9.988  -13.227 1.00 45.37  ? 98  VAL A O   1 
ATOM   777  C CB  . VAL A 1 98  ? -7.616  -9.344  -14.473 1.00 37.85  ? 98  VAL A CB  1 
ATOM   778  C CG1 . VAL A 1 98  ? -8.069  -9.350  -13.045 1.00 38.00  ? 98  VAL A CG1 1 
ATOM   779  C CG2 . VAL A 1 98  ? -8.696  -8.769  -15.355 1.00 30.30  ? 98  VAL A CG2 1 
ATOM   780  N N   . VAL A 1 99  ? -5.196  -7.855  -12.603 1.00 32.24  ? 99  VAL A N   1 
ATOM   781  C CA  . VAL A 1 99  ? -4.382  -7.960  -11.410 1.00 22.83  ? 99  VAL A CA  1 
ATOM   782  C C   . VAL A 1 99  ? -5.232  -7.812  -10.125 1.00 25.01  ? 99  VAL A C   1 
ATOM   783  O O   . VAL A 1 99  ? -6.113  -6.948  -10.030 1.00 30.00  ? 99  VAL A O   1 
ATOM   784  C CB  . VAL A 1 99  ? -3.340  -6.871  -11.576 1.00 49.39  ? 99  VAL A CB  1 
ATOM   785  C CG1 . VAL A 1 99  ? -2.668  -6.623  -10.254 1.00 33.52  ? 99  VAL A CG1 1 
ATOM   786  C CG2 . VAL A 1 99  ? -2.328  -7.274  -12.686 1.00 35.00  ? 99  VAL A CG2 1 
ATOM   787  N N   . ASN A 1 100 ? -4.962  -8.690  -9.155  1.00 28.98  ? 100 ASN A N   1 
ATOM   788  C CA  . ASN A 1 100 ? -5.618  -8.705  -7.853  1.00 25.50  ? 100 ASN A CA  1 
ATOM   789  C C   . ASN A 1 100 ? -4.591  -8.527  -6.734  1.00 25.30  ? 100 ASN A C   1 
ATOM   790  O O   . ASN A 1 100 ? -3.971  -9.472  -6.277  1.00 34.11  ? 100 ASN A O   1 
ATOM   791  C CB  . ASN A 1 100 ? -6.385  -9.954  -7.621  1.00 27.87  ? 100 ASN A CB  1 
ATOM   792  C CG  . ASN A 1 100 ? -7.502  -10.028 -8.636  1.00 45.59  ? 100 ASN A CG  1 
ATOM   793  O OD1 . ASN A 1 100 ? -8.467  -9.290  -8.624  1.00 37.76  ? 100 ASN A OD1 1 
ATOM   794  N ND2 . ASN A 1 100 ? -7.359  -10.886 -9.586  1.00 39.38  ? 100 ASN A ND2 1 
ATOM   795  N N   . LEU A 1 101 ? -4.402  -7.286  -6.310  1.00 20.71  ? 101 LEU A N   1 
ATOM   796  C CA  . LEU A 1 101 ? -3.451  -6.976  -5.250  1.00 28.32  ? 101 LEU A CA  1 
ATOM   797  C C   . LEU A 1 101 ? -4.090  -7.084  -3.882  1.00 29.84  ? 101 LEU A C   1 
ATOM   798  O O   . LEU A 1 101 ? -5.240  -6.639  -3.648  1.00 35.01  ? 101 LEU A O   1 
ATOM   799  C CB  . LEU A 1 101 ? -2.714  -5.636  -5.404  1.00 23.12  ? 101 LEU A CB  1 
ATOM   800  C CG  . LEU A 1 101 ? -2.156  -5.445  -6.831  1.00 23.06  ? 101 LEU A CG  1 
ATOM   801  C CD1 . LEU A 1 101 ? -1.496  -4.077  -6.935  1.00 23.48  ? 101 LEU A CD1 1 
ATOM   802  C CD2 . LEU A 1 101 ? -1.076  -6.519  -7.121  1.00 18.42  ? 101 LEU A CD2 1 
ATOM   803  N N   . VAL A 1 102 ? -3.304  -7.656  -2.965  1.00 23.50  ? 102 VAL A N   1 
ATOM   804  C CA  . VAL A 1 102 ? -3.800  -7.855  -1.655  1.00 28.95  ? 102 VAL A CA  1 
ATOM   805  C C   . VAL A 1 102 ? -2.960  -7.349  -0.507  1.00 20.05  ? 102 VAL A C   1 
ATOM   806  O O   . VAL A 1 102 ? -2.183  -8.117  0.049   1.00 24.48  ? 102 VAL A O   1 
ATOM   807  C CB  . VAL A 1 102 ? -4.090  -9.389  -1.461  1.00 40.52  ? 102 VAL A CB  1 
ATOM   808  C CG1 . VAL A 1 102 ? -4.744  -9.646  -0.105  1.00 24.47  ? 102 VAL A CG1 1 
ATOM   809  C CG2 . VAL A 1 102 ? -4.972  -10.003 -2.534  1.00 18.58  ? 102 VAL A CG2 1 
ATOM   810  N N   . PRO A 1 103 ? -3.148  -6.105  -0.105  1.00 32.57  ? 103 PRO A N   1 
ATOM   811  C CA  . PRO A 1 103 ? -2.384  -5.624  1.024   1.00 27.05  ? 103 PRO A CA  1 
ATOM   812  C C   . PRO A 1 103 ? -3.000  -6.075  2.356   1.00 23.58  ? 103 PRO A C   1 
ATOM   813  O O   . PRO A 1 103 ? -4.206  -6.167  2.535   1.00 25.62  ? 103 PRO A O   1 
ATOM   814  C CB  . PRO A 1 103 ? -2.496  -4.109  0.971   1.00 25.55  ? 103 PRO A CB  1 
ATOM   815  C CG  . PRO A 1 103 ? -3.223  -3.781  -0.333  1.00 17.27  ? 103 PRO A CG  1 
ATOM   816  C CD  . PRO A 1 103 ? -4.011  -5.027  -0.670  1.00 23.26  ? 103 PRO A CD  1 
ATOM   817  N N   . TRP A 1 104 ? -2.162  -6.370  3.296   1.00 21.50  ? 104 TRP A N   1 
ATOM   818  C CA  . TRP A 1 104 ? -2.625  -6.762  4.588   1.00 17.59  ? 104 TRP A CA  1 
ATOM   819  C C   . TRP A 1 104 ? -2.393  -5.553  5.504   1.00 32.18  ? 104 TRP A C   1 
ATOM   820  O O   . TRP A 1 104 ? -1.316  -4.978  5.513   1.00 27.66  ? 104 TRP A O   1 
ATOM   821  C CB  . TRP A 1 104 ? -1.738  -7.902  5.206   1.00 17.06  ? 104 TRP A CB  1 
ATOM   822  C CG  . TRP A 1 104 ? -1.897  -9.187  4.464   1.00 26.83  ? 104 TRP A CG  1 
ATOM   823  C CD1 . TRP A 1 104 ? -1.971  -9.302  3.104   1.00 20.85  ? 104 TRP A CD1 1 
ATOM   824  C CD2 . TRP A 1 104 ? -1.972  -10.511 4.991   1.00 21.55  ? 104 TRP A CD2 1 
ATOM   825  N NE1 . TRP A 1 104 ? -2.111  -10.617 2.747   1.00 25.75  ? 104 TRP A NE1 1 
ATOM   826  C CE2 . TRP A 1 104 ? -2.079  -11.396 3.903   1.00 33.13  ? 104 TRP A CE2 1 
ATOM   827  C CE3 . TRP A 1 104 ? -1.882  -11.040 6.265   1.00 20.29  ? 104 TRP A CE3 1 
ATOM   828  C CZ2 . TRP A 1 104 ? -2.126  -12.800 4.078   1.00 22.25  ? 104 TRP A CZ2 1 
ATOM   829  C CZ3 . TRP A 1 104 ? -1.964  -12.401 6.465   1.00 23.20  ? 104 TRP A CZ3 1 
ATOM   830  C CH2 . TRP A 1 104 ? -2.055  -13.273 5.375   1.00 27.29  ? 104 TRP A CH2 1 
ATOM   831  N N   . VAL A 1 105 ? -3.388  -5.168  6.283   1.00 25.11  ? 105 VAL A N   1 
ATOM   832  C CA  . VAL A 1 105 ? -3.253  -4.042  7.197   1.00 29.01  ? 105 VAL A CA  1 
ATOM   833  C C   . VAL A 1 105 ? -2.883  -4.579  8.559   1.00 24.26  ? 105 VAL A C   1 
ATOM   834  O O   . VAL A 1 105 ? -3.700  -5.206  9.253   1.00 29.25  ? 105 VAL A O   1 
ATOM   835  C CB  . VAL A 1 105 ? -4.572  -3.218  7.321   1.00 19.89  ? 105 VAL A CB  1 
ATOM   836  C CG1 . VAL A 1 105 ? -4.363  -1.902  8.156   1.00 19.82  ? 105 VAL A CG1 1 
ATOM   837  C CG2 . VAL A 1 105 ? -4.903  -2.807  5.888   1.00 28.17  ? 105 VAL A CG2 1 
ATOM   838  N N   . LEU A 1 106 ? -1.630  -4.344  8.938   1.00 15.81  ? 106 LEU A N   1 
ATOM   839  C CA  . LEU A 1 106 ? -1.168  -4.815  10.235  1.00 24.65  ? 106 LEU A CA  1 
ATOM   840  C C   . LEU A 1 106 ? -1.729  -3.991  11.390  1.00 40.37  ? 106 LEU A C   1 
ATOM   841  O O   . LEU A 1 106 ? -2.034  -4.494  12.467  1.00 25.32  ? 106 LEU A O   1 
ATOM   842  C CB  . LEU A 1 106 ? 0.361   -4.666  10.319  1.00 26.84  ? 106 LEU A CB  1 
ATOM   843  C CG  . LEU A 1 106 ? 1.123   -5.470  9.291   1.00 42.87  ? 106 LEU A CG  1 
ATOM   844  C CD1 . LEU A 1 106 ? 2.593   -5.632  9.688   1.00 23.74  ? 106 LEU A CD1 1 
ATOM   845  C CD2 . LEU A 1 106 ? 0.407   -6.792  9.095   1.00 28.89  ? 106 LEU A CD2 1 
ATOM   846  N N   . ALA A 1 107 ? -1.842  -2.699  11.170  1.00 24.36  ? 107 ALA A N   1 
ATOM   847  C CA  . ALA A 1 107 ? -2.360  -1.784  12.192  1.00 18.91  ? 107 ALA A CA  1 
ATOM   848  C C   . ALA A 1 107 ? -2.701  -0.395  11.634  1.00 24.37  ? 107 ALA A C   1 
ATOM   849  O O   . ALA A 1 107 ? -2.103  0.093   10.684  1.00 26.47  ? 107 ALA A O   1 
ATOM   850  C CB  . ALA A 1 107 ? -1.205  -1.460  13.123  1.00 23.29  ? 107 ALA A CB  1 
ATOM   851  N N   . THR A 1 108 ? -3.683  0.240   12.252  1.00 28.19  ? 108 THR A N   1 
ATOM   852  C CA  . THR A 1 108 ? -4.095  1.554   11.855  1.00 22.27  ? 108 THR A CA  1 
ATOM   853  C C   . THR A 1 108 ? -5.039  2.176   12.875  1.00 31.82  ? 108 THR A C   1 
ATOM   854  O O   . THR A 1 108 ? -5.805  1.496   13.585  1.00 29.96  ? 108 THR A O   1 
ATOM   855  C CB  . THR A 1 108 ? -4.924  1.427   10.578  1.00 26.82  ? 108 THR A CB  1 
ATOM   856  O OG1 . THR A 1 108 ? -5.204  2.742   10.121  1.00 26.97  ? 108 THR A OG1 1 
ATOM   857  C CG2 . THR A 1 108 ? -6.278  0.695   10.795  1.00 21.11  ? 108 THR A CG2 1 
ATOM   858  N N   . ASP A 1 109 ? -4.997  3.496   12.922  1.00 24.08  ? 109 ASP A N   1 
ATOM   859  C CA  . ASP A 1 109 ? -5.904  4.242   13.804  1.00 35.27  ? 109 ASP A CA  1 
ATOM   860  C C   . ASP A 1 109 ? -6.975  4.926   12.950  1.00 35.38  ? 109 ASP A C   1 
ATOM   861  O O   . ASP A 1 109 ? -7.734  5.736   13.421  1.00 31.41  ? 109 ASP A O   1 
ATOM   862  C CB  . ASP A 1 109 ? -5.356  5.311   14.689  1.00 27.09  ? 109 ASP A CB  1 
ATOM   863  C CG  . ASP A 1 109 ? -4.705  6.383   13.901  1.00 29.10  ? 109 ASP A CG  1 
ATOM   864  O OD1 . ASP A 1 109 ? -4.581  6.399   12.676  1.00 33.45  ? 109 ASP A OD1 1 
ATOM   865  O OD2 . ASP A 1 109 ? -4.302  7.282   14.695  1.00 33.29  ? 109 ASP A OD2 1 
ATOM   866  N N   . TYR A 1 110 ? -7.004  4.586   11.656  1.00 25.05  ? 110 TYR A N   1 
ATOM   867  C CA  . TYR A 1 110 ? -7.941  5.088   10.652  1.00 26.60  ? 110 TYR A CA  1 
ATOM   868  C C   . TYR A 1 110 ? -7.862  6.581   10.298  1.00 33.82  ? 110 TYR A C   1 
ATOM   869  O O   . TYR A 1 110 ? -7.966  6.941   9.129   1.00 35.16  ? 110 TYR A O   1 
ATOM   870  C CB  . TYR A 1 110 ? -9.384  4.720   10.962  1.00 23.53  ? 110 TYR A CB  1 
ATOM   871  C CG  . TYR A 1 110 ? -9.608  3.248   11.136  1.00 38.11  ? 110 TYR A CG  1 
ATOM   872  C CD1 . TYR A 1 110 ? -9.761  2.495   9.972   1.00 28.40  ? 110 TYR A CD1 1 
ATOM   873  C CD2 . TYR A 1 110 ? -9.672  2.616   12.389  1.00 36.38  ? 110 TYR A CD2 1 
ATOM   874  C CE1 . TYR A 1 110 ? -10.004 1.123   10.032  1.00 31.90  ? 110 TYR A CE1 1 
ATOM   875  C CE2 . TYR A 1 110 ? -9.887  1.236   12.464  1.00 36.42  ? 110 TYR A CE2 1 
ATOM   876  C CZ  . TYR A 1 110 ? -10.050 0.503   11.281  1.00 34.91  ? 110 TYR A CZ  1 
ATOM   877  O OH  . TYR A 1 110 ? -10.236 -0.846  11.344  1.00 25.68  ? 110 TYR A OH  1 
ATOM   878  N N   . LYS A 1 111 ? -7.685  7.454   11.290  1.00 40.21  ? 111 LYS A N   1 
ATOM   879  C CA  . LYS A 1 111 ? -7.607  8.887   11.021  1.00 30.87  ? 111 LYS A CA  1 
ATOM   880  C C   . LYS A 1 111 ? -6.219  9.361   10.693  1.00 26.66  ? 111 LYS A C   1 
ATOM   881  O O   . LYS A 1 111 ? -6.087  10.399  10.075  1.00 32.52  ? 111 LYS A O   1 
ATOM   882  C CB  . LYS A 1 111 ? -7.844  9.708   12.262  1.00 33.70  ? 111 LYS A CB  1 
ATOM   883  C CG  . LYS A 1 111 ? -9.040  9.208   12.971  1.00 39.43  ? 111 LYS A CG  1 
ATOM   884  C CD  . LYS A 1 111 ? -10.296 9.759   12.323  1.00 64.48  ? 111 LYS A CD  1 
ATOM   885  C CE  . LYS A 1 111 ? -11.551 9.496   13.152  1.00 100.00 ? 111 LYS A CE  1 
ATOM   886  N NZ  . LYS A 1 111 ? -12.284 8.262   12.773  1.00 100.00 ? 111 LYS A NZ  1 
ATOM   887  N N   . ASN A 1 112 ? -5.167  8.667   11.111  1.00 24.33  ? 112 ASN A N   1 
ATOM   888  C CA  . ASN A 1 112 ? -3.855  9.232   10.778  1.00 22.36  ? 112 ASN A CA  1 
ATOM   889  C C   . ASN A 1 112 ? -2.814  8.329   10.132  1.00 33.88  ? 112 ASN A C   1 
ATOM   890  O O   . ASN A 1 112 ? -2.023  8.798   9.327   1.00 27.49  ? 112 ASN A O   1 
ATOM   891  C CB  . ASN A 1 112 ? -3.120  9.508   12.103  1.00 30.86  ? 112 ASN A CB  1 
ATOM   892  C CG  . ASN A 1 112 ? -3.958  10.415  12.904  1.00 50.45  ? 112 ASN A CG  1 
ATOM   893  O OD1 . ASN A 1 112 ? -4.237  11.510  12.479  1.00 32.11  ? 112 ASN A OD1 1 
ATOM   894  N ND2 . ASN A 1 112 ? -4.443  9.933   14.003  1.00 31.44  ? 112 ASN A ND2 1 
ATOM   895  N N   . TYR A 1 113 ? -2.754  7.061   10.523  1.00 27.12  ? 113 TYR A N   1 
ATOM   896  C CA  . TYR A 1 113 ? -1.739  6.194   9.946   1.00 30.80  ? 113 TYR A CA  1 
ATOM   897  C C   . TYR A 1 113 ? -2.253  4.783   9.749   1.00 27.68  ? 113 TYR A C   1 
ATOM   898  O O   . TYR A 1 113 ? -3.249  4.333   10.362  1.00 26.79  ? 113 TYR A O   1 
ATOM   899  C CB  . TYR A 1 113 ? -0.489  6.117   10.911  1.00 19.96  ? 113 TYR A CB  1 
ATOM   900  C CG  . TYR A 1 113 ? -0.780  5.169   12.062  1.00 36.03  ? 113 TYR A CG  1 
ATOM   901  C CD1 . TYR A 1 113 ? -0.512  3.792   11.987  1.00 28.43  ? 113 TYR A CD1 1 
ATOM   902  C CD2 . TYR A 1 113 ? -1.368  5.659   13.233  1.00 24.93  ? 113 TYR A CD2 1 
ATOM   903  C CE1 . TYR A 1 113 ? -0.870  2.926   13.026  1.00 33.02  ? 113 TYR A CE1 1 
ATOM   904  C CE2 . TYR A 1 113 ? -1.716  4.823   14.295  1.00 32.38  ? 113 TYR A CE2 1 
ATOM   905  C CZ  . TYR A 1 113 ? -1.468  3.453   14.174  1.00 35.72  ? 113 TYR A CZ  1 
ATOM   906  O OH  . TYR A 1 113 ? -1.807  2.642   15.198  1.00 34.72  ? 113 TYR A OH  1 
ATOM   907  N N   . ALA A 1 114 ? -1.520  4.097   8.893   1.00 26.03  ? 114 ALA A N   1 
ATOM   908  C CA  . ALA A 1 114 ? -1.765  2.708   8.590   1.00 26.46  ? 114 ALA A CA  1 
ATOM   909  C C   . ALA A 1 114 ? -0.440  2.047   8.292   1.00 25.25  ? 114 ALA A C   1 
ATOM   910  O O   . ALA A 1 114 ? 0.435   2.665   7.692   1.00 24.56  ? 114 ALA A O   1 
ATOM   911  C CB  . ALA A 1 114 ? -2.703  2.395   7.415   1.00 17.93  ? 114 ALA A CB  1 
ATOM   912  N N   . ILE A 1 115 ? -0.295  0.784   8.708   1.00 27.80  ? 115 ILE A N   1 
ATOM   913  C CA  . ILE A 1 115 ? 0.897   -0.022  8.437   1.00 20.37  ? 115 ILE A CA  1 
ATOM   914  C C   . ILE A 1 115 ? 0.395   -1.221  7.635   1.00 21.27  ? 115 ILE A C   1 
ATOM   915  O O   . ILE A 1 115 ? -0.320  -2.098  8.166   1.00 27.83  ? 115 ILE A O   1 
ATOM   916  C CB  . ILE A 1 115 ? 1.723   -0.416  9.649   1.00 28.36  ? 115 ILE A CB  1 
ATOM   917  C CG1 . ILE A 1 115 ? 2.143   0.844   10.391  1.00 27.33  ? 115 ILE A CG1 1 
ATOM   918  C CG2 . ILE A 1 115 ? 2.974   -1.165  9.245   1.00 22.76  ? 115 ILE A CG2 1 
ATOM   919  C CD1 . ILE A 1 115 ? 2.611   0.469   11.794  1.00 45.51  ? 115 ILE A CD1 1 
ATOM   920  N N   . ASN A 1 116 ? 0.747   -1.222  6.335   1.00 19.59  ? 116 ASN A N   1 
ATOM   921  C CA  . ASN A 1 116 ? 0.358   -2.258  5.361   1.00 19.76  ? 116 ASN A CA  1 
ATOM   922  C C   . ASN A 1 116 ? 1.516   -3.162  5.004   1.00 30.13  ? 116 ASN A C   1 
ATOM   923  O O   . ASN A 1 116 ? 2.670   -2.748  5.062   1.00 22.08  ? 116 ASN A O   1 
ATOM   924  C CB  . ASN A 1 116 ? -0.247  -1.614  4.092   1.00 25.73  ? 116 ASN A CB  1 
ATOM   925  C CG  . ASN A 1 116 ? -1.678  -1.162  4.316   1.00 21.58  ? 116 ASN A CG  1 
ATOM   926  O OD1 . ASN A 1 116 ? -2.426  -0.940  3.382   1.00 35.17  ? 116 ASN A OD1 1 
ATOM   927  N ND2 . ASN A 1 116 ? -2.040  -1.032  5.511   1.00 24.48  ? 116 ASN A ND2 1 
ATOM   928  N N   . TYR A 1 117 ? 1.206   -4.393  4.634   1.00 22.58  ? 117 TYR A N   1 
ATOM   929  C CA  . TYR A 1 117 ? 2.270   -5.323  4.314   1.00 24.71  ? 117 TYR A CA  1 
ATOM   930  C C   . TYR A 1 117 ? 1.841   -6.445  3.397   1.00 26.97  ? 117 TYR A C   1 
ATOM   931  O O   . TYR A 1 117 ? 0.690   -6.613  3.175   1.00 21.05  ? 117 TYR A O   1 
ATOM   932  C CB  . TYR A 1 117 ? 2.493   -5.979  5.692   1.00 20.44  ? 117 TYR A CB  1 
ATOM   933  C CG  . TYR A 1 117 ? 3.220   -7.329  5.849   1.00 26.82  ? 117 TYR A CG  1 
ATOM   934  C CD1 . TYR A 1 117 ? 4.568   -7.353  6.216   1.00 28.66  ? 117 TYR A CD1 1 
ATOM   935  C CD2 . TYR A 1 117 ? 2.547   -8.541  5.673   1.00 25.91  ? 117 TYR A CD2 1 
ATOM   936  C CE1 . TYR A 1 117 ? 5.272   -8.546  6.404   1.00 28.27  ? 117 TYR A CE1 1 
ATOM   937  C CE2 . TYR A 1 117 ? 3.224   -9.746  5.868   1.00 24.36  ? 117 TYR A CE2 1 
ATOM   938  C CZ  . TYR A 1 117 ? 4.572   -9.740  6.237   1.00 27.61  ? 117 TYR A CZ  1 
ATOM   939  O OH  . TYR A 1 117 ? 5.218   -10.920 6.430   1.00 29.66  ? 117 TYR A OH  1 
ATOM   940  N N   . ASN A 1 118 ? 2.779   -7.198  2.856   1.00 27.07  ? 118 ASN A N   1 
ATOM   941  C CA  . ASN A 1 118 ? 2.495   -8.339  1.999   1.00 24.90  ? 118 ASN A CA  1 
ATOM   942  C C   . ASN A 1 118 ? 3.734   -9.230  1.993   1.00 36.27  ? 118 ASN A C   1 
ATOM   943  O O   . ASN A 1 118 ? 4.804   -8.771  2.335   1.00 22.96  ? 118 ASN A O   1 
ATOM   944  C CB  . ASN A 1 118 ? 1.823   -8.189  0.645   1.00 15.15  ? 118 ASN A CB  1 
ATOM   945  C CG  . ASN A 1 118 ? 2.812   -8.236  -0.496  1.00 14.85  ? 118 ASN A CG  1 
ATOM   946  O OD1 . ASN A 1 118 ? 3.781   -7.462  -0.556  1.00 28.34  ? 118 ASN A OD1 1 
ATOM   947  N ND2 . ASN A 1 118 ? 2.523   -9.100  -1.435  1.00 27.77  ? 118 ASN A ND2 1 
ATOM   948  N N   . CYS A 1 119 ? 3.561   -10.485 1.652   1.00 27.55  ? 119 CYS A N   1 
ATOM   949  C CA  . CYS A 1 119 ? 4.586   -11.498 1.598   1.00 19.89  ? 119 CYS A CA  1 
ATOM   950  C C   . CYS A 1 119 ? 4.275   -12.286 0.373   1.00 28.44  ? 119 CYS A C   1 
ATOM   951  O O   . CYS A 1 119 ? 3.186   -12.801 0.216   1.00 22.98  ? 119 CYS A O   1 
ATOM   952  C CB  . CYS A 1 119 ? 4.631   -12.403 2.875   1.00 18.29  ? 119 CYS A CB  1 
ATOM   953  S SG  . CYS A 1 119 ? 6.080   -13.494 2.730   1.00 25.23  ? 119 CYS A SG  1 
ATOM   954  N N   . ASP A 1 120 ? 5.238   -12.331 -0.512  1.00 28.06  ? 120 ASP A N   1 
ATOM   955  C CA  . ASP A 1 120 ? 5.134   -13.021 -1.789  1.00 26.91  ? 120 ASP A CA  1 
ATOM   956  C C   . ASP A 1 120 ? 6.101   -14.195 -1.836  1.00 34.26  ? 120 ASP A C   1 
ATOM   957  O O   . ASP A 1 120 ? 7.327   -14.001 -1.846  1.00 24.27  ? 120 ASP A O   1 
ATOM   958  C CB  . ASP A 1 120 ? 5.521   -11.956 -2.823  1.00 26.77  ? 120 ASP A CB  1 
ATOM   959  C CG  . ASP A 1 120 ? 5.241   -12.360 -4.253  1.00 39.12  ? 120 ASP A CG  1 
ATOM   960  O OD1 . ASP A 1 120 ? 4.823   -11.566 -5.080  1.00 27.54  ? 120 ASP A OD1 1 
ATOM   961  O OD2 . ASP A 1 120 ? 5.440   -13.622 -4.538  1.00 26.92  ? 120 ASP A OD2 1 
ATOM   962  N N   . TYR A 1 121 ? 5.550   -15.409 -1.863  1.00 26.07  ? 121 TYR A N   1 
ATOM   963  C CA  . TYR A 1 121 ? 6.402   -16.600 -1.878  1.00 28.08  ? 121 TYR A CA  1 
ATOM   964  C C   . TYR A 1 121 ? 6.773   -17.079 -3.284  1.00 27.05  ? 121 TYR A C   1 
ATOM   965  O O   . TYR A 1 121 ? 5.902   -17.249 -4.107  1.00 28.73  ? 121 TYR A O   1 
ATOM   966  C CB  . TYR A 1 121 ? 5.837   -17.744 -0.959  1.00 21.59  ? 121 TYR A CB  1 
ATOM   967  C CG  . TYR A 1 121 ? 6.730   -19.002 -0.976  1.00 27.57  ? 121 TYR A CG  1 
ATOM   968  C CD1 . TYR A 1 121 ? 7.947   -19.062 -0.301  1.00 28.49  ? 121 TYR A CD1 1 
ATOM   969  C CD2 . TYR A 1 121 ? 6.375   -20.151 -1.686  1.00 35.56  ? 121 TYR A CD2 1 
ATOM   970  C CE1 . TYR A 1 121 ? 8.773   -20.180 -0.351  1.00 24.81  ? 121 TYR A CE1 1 
ATOM   971  C CE2 . TYR A 1 121 ? 7.146   -21.316 -1.710  1.00 21.51  ? 121 TYR A CE2 1 
ATOM   972  C CZ  . TYR A 1 121 ? 8.369   -21.304 -1.062  1.00 25.84  ? 121 TYR A CZ  1 
ATOM   973  O OH  . TYR A 1 121 ? 9.146   -22.379 -1.124  1.00 32.27  ? 121 TYR A OH  1 
ATOM   974  N N   . HIS A 1 122 ? 8.065   -17.292 -3.560  1.00 22.22  ? 122 HIS A N   1 
ATOM   975  C CA  . HIS A 1 122 ? 8.571   -17.791 -4.850  1.00 30.26  ? 122 HIS A CA  1 
ATOM   976  C C   . HIS A 1 122 ? 9.073   -19.232 -4.648  1.00 31.83  ? 122 HIS A C   1 
ATOM   977  O O   . HIS A 1 122 ? 10.177  -19.450 -4.207  1.00 30.90  ? 122 HIS A O   1 
ATOM   978  C CB  . HIS A 1 122 ? 9.790   -16.977 -5.202  1.00 24.29  ? 122 HIS A CB  1 
ATOM   979  C CG  . HIS A 1 122 ? 9.377   -15.608 -5.601  1.00 29.00  ? 122 HIS A CG  1 
ATOM   980  N ND1 . HIS A 1 122 ? 9.514   -15.140 -6.908  1.00 51.24  ? 122 HIS A ND1 1 
ATOM   981  C CD2 . HIS A 1 122 ? 8.850   -14.588 -4.858  1.00 35.09  ? 122 HIS A CD2 1 
ATOM   982  C CE1 . HIS A 1 122 ? 9.062   -13.866 -6.932  1.00 37.94  ? 122 HIS A CE1 1 
ATOM   983  N NE2 . HIS A 1 122 ? 8.654   -13.511 -5.718  1.00 34.56  ? 122 HIS A NE2 1 
ATOM   984  N N   . PRO A 1 123 ? 8.270   -20.227 -4.929  1.00 32.28  ? 123 PRO A N   1 
ATOM   985  C CA  . PRO A 1 123 ? 8.652   -21.609 -4.738  1.00 29.96  ? 123 PRO A CA  1 
ATOM   986  C C   . PRO A 1 123 ? 9.880   -21.966 -5.502  1.00 23.26  ? 123 PRO A C   1 
ATOM   987  O O   . PRO A 1 123 ? 10.680  -22.760 -5.030  1.00 26.70  ? 123 PRO A O   1 
ATOM   988  C CB  . PRO A 1 123 ? 7.522   -22.467 -5.207  1.00 32.76  ? 123 PRO A CB  1 
ATOM   989  C CG  . PRO A 1 123 ? 6.490   -21.502 -5.770  1.00 26.94  ? 123 PRO A CG  1 
ATOM   990  C CD  . PRO A 1 123 ? 7.089   -20.106 -5.755  1.00 31.12  ? 123 PRO A CD  1 
ATOM   991  N N   . ASP A 1 124 ? 10.016  -21.361 -6.668  1.00 31.75  ? 124 ASP A N   1 
ATOM   992  C CA  . ASP A 1 124 ? 11.202  -21.634 -7.442  1.00 34.01  ? 124 ASP A CA  1 
ATOM   993  C C   . ASP A 1 124 ? 12.440  -21.076 -6.740  1.00 52.93  ? 124 ASP A C   1 
ATOM   994  O O   . ASP A 1 124 ? 13.555  -21.367 -7.111  1.00 41.47  ? 124 ASP A O   1 
ATOM   995  C CB  . ASP A 1 124 ? 11.227  -21.042 -8.851  1.00 29.16  ? 124 ASP A CB  1 
ATOM   996  C CG  . ASP A 1 124 ? 11.046  -19.546 -8.842  1.00 55.97  ? 124 ASP A CG  1 
ATOM   997  O OD1 . ASP A 1 124 ? 11.828  -18.819 -9.410  1.00 81.79  ? 124 ASP A OD1 1 
ATOM   998  O OD2 . ASP A 1 124 ? 9.988   -19.109 -8.160  1.00 65.77  ? 124 ASP A OD2 1 
ATOM   999  N N   . LYS A 1 125 ? 12.294  -20.256 -5.728  1.00 42.14  ? 125 LYS A N   1 
ATOM   1000 C CA  . LYS A 1 125 ? 13.493  -19.762 -5.099  1.00 28.17  ? 125 LYS A CA  1 
ATOM   1001 C C   . LYS A 1 125 ? 13.525  -20.186 -3.670  1.00 24.15  ? 125 LYS A C   1 
ATOM   1002 O O   . LYS A 1 125 ? 14.523  -19.957 -3.028  1.00 28.80  ? 125 LYS A O   1 
ATOM   1003 C CB  . LYS A 1 125 ? 13.583  -18.249 -5.022  1.00 26.39  ? 125 LYS A CB  1 
ATOM   1004 C CG  . LYS A 1 125 ? 13.816  -17.652 -6.412  1.00 43.76  ? 125 LYS A CG  1 
ATOM   1005 C CD  . LYS A 1 125 ? 13.736  -16.128 -6.493  1.00 100.00 ? 125 LYS A CD  1 
ATOM   1006 C CE  . LYS A 1 125 ? 14.431  -15.433 -5.317  1.00 100.00 ? 125 LYS A CE  1 
ATOM   1007 N NZ  . LYS A 1 125 ? 15.368  -14.334 -5.652  1.00 100.00 ? 125 LYS A NZ  1 
ATOM   1008 N N   . LYS A 1 126 ? 12.425  -20.793 -3.196  1.00 29.28  ? 126 LYS A N   1 
ATOM   1009 C CA  . LYS A 1 126 ? 12.317  -21.191 -1.816  1.00 29.77  ? 126 LYS A CA  1 
ATOM   1010 C C   . LYS A 1 126 ? 12.606  -19.973 -0.952  1.00 28.92  ? 126 LYS A C   1 
ATOM   1011 O O   . LYS A 1 126 ? 13.296  -20.038 0.030   1.00 25.04  ? 126 LYS A O   1 
ATOM   1012 C CB  . LYS A 1 126 ? 13.119  -22.383 -1.354  1.00 38.93  ? 126 LYS A CB  1 
ATOM   1013 C CG  . LYS A 1 126 ? 12.897  -23.602 -2.262  1.00 36.22  ? 126 LYS A CG  1 
ATOM   1014 C CD  . LYS A 1 126 ? 12.288  -24.752 -1.472  1.00 82.67  ? 126 LYS A CD  1 
ATOM   1015 C CE  . LYS A 1 126 ? 12.490  -26.121 -2.112  1.00 100.00 ? 126 LYS A CE  1 
ATOM   1016 N NZ  . LYS A 1 126 ? 11.324  -26.575 -2.894  1.00 100.00 ? 126 LYS A NZ  1 
ATOM   1017 N N   . ALA A 1 127 ? 12.084  -18.833 -1.331  1.00 25.92  ? 127 ALA A N   1 
ATOM   1018 C CA  . ALA A 1 127 ? 12.289  -17.620 -0.559  1.00 22.77  ? 127 ALA A CA  1 
ATOM   1019 C C   . ALA A 1 127 ? 11.099  -16.702 -0.799  1.00 27.18  ? 127 ALA A C   1 
ATOM   1020 O O   . ALA A 1 127 ? 10.313  -16.889 -1.748  1.00 29.09  ? 127 ALA A O   1 
ATOM   1021 C CB  . ALA A 1 127 ? 13.579  -16.946 -0.972  1.00 18.67  ? 127 ALA A CB  1 
ATOM   1022 N N   . HIS A 1 128 ? 10.942  -15.700 0.054   1.00 25.00  ? 128 HIS A N   1 
ATOM   1023 C CA  . HIS A 1 128 ? 9.829   -14.797 -0.140  1.00 27.74  ? 128 HIS A CA  1 
ATOM   1024 C C   . HIS A 1 128 ? 10.335  -13.393 -0.074  1.00 27.72  ? 128 HIS A C   1 
ATOM   1025 O O   . HIS A 1 128 ? 11.361  -13.075 0.569   1.00 22.68  ? 128 HIS A O   1 
ATOM   1026 C CB  . HIS A 1 128 ? 8.659   -14.980 0.952   1.00 21.57  ? 128 HIS A CB  1 
ATOM   1027 C CG  . HIS A 1 128 ? 9.233   -14.913 2.337   1.00 29.73  ? 128 HIS A CG  1 
ATOM   1028 N ND1 . HIS A 1 128 ? 9.972   -15.976 2.878   1.00 26.12  ? 128 HIS A ND1 1 
ATOM   1029 C CD2 . HIS A 1 128 ? 9.193   -13.918 3.256   1.00 27.62  ? 128 HIS A CD2 1 
ATOM   1030 C CE1 . HIS A 1 128 ? 10.349  -15.582 4.088   1.00 24.20  ? 128 HIS A CE1 1 
ATOM   1031 N NE2 . HIS A 1 128 ? 9.906   -14.361 4.365   1.00 23.86  ? 128 HIS A NE2 1 
ATOM   1032 N N   . SER A 1 129 ? 9.592   -12.544 -0.763  1.00 29.57  ? 129 SER A N   1 
ATOM   1033 C CA  . SER A 1 129 ? 9.939   -11.140 -0.721  1.00 28.06  ? 129 SER A CA  1 
ATOM   1034 C C   . SER A 1 129 ? 8.941   -10.474 0.242   1.00 35.86  ? 129 SER A C   1 
ATOM   1035 O O   . SER A 1 129 ? 7.807   -10.936 0.393   1.00 29.45  ? 129 SER A O   1 
ATOM   1036 C CB  . SER A 1 129 ? 9.938   -10.380 -2.035  1.00 22.01  ? 129 SER A CB  1 
ATOM   1037 O OG  . SER A 1 129 ? 8.739   -10.620 -2.769  1.00 27.62  ? 129 SER A OG  1 
ATOM   1038 N N   . ILE A 1 130 ? 9.344   -9.401  0.907   1.00 24.18  ? 130 ILE A N   1 
ATOM   1039 C CA  . ILE A 1 130 ? 8.475   -8.698  1.824   1.00 37.26  ? 130 ILE A CA  1 
ATOM   1040 C C   . ILE A 1 130 ? 8.260   -7.253  1.374   1.00 22.12  ? 130 ILE A C   1 
ATOM   1041 O O   . ILE A 1 130 ? 9.202   -6.512  1.012   1.00 23.57  ? 130 ILE A O   1 
ATOM   1042 C CB  . ILE A 1 130 ? 9.085   -8.677  3.250   1.00 26.01  ? 130 ILE A CB  1 
ATOM   1043 C CG1 . ILE A 1 130 ? 9.150   -10.090 3.922   1.00 15.99  ? 130 ILE A CG1 1 
ATOM   1044 C CG2 . ILE A 1 130 ? 8.358   -7.628  4.109   1.00 26.70  ? 130 ILE A CG2 1 
ATOM   1045 C CD1 . ILE A 1 130 ? 7.777   -10.755 3.993   1.00 19.47  ? 130 ILE A CD1 1 
ATOM   1046 N N   . HIS A 1 131 ? 7.018   -6.828  1.402   1.00 30.38  ? 131 HIS A N   1 
ATOM   1047 C CA  . HIS A 1 131 ? 6.733   -5.456  1.047   1.00 20.68  ? 131 HIS A CA  1 
ATOM   1048 C C   . HIS A 1 131 ? 6.011   -4.773  2.195   1.00 27.46  ? 131 HIS A C   1 
ATOM   1049 O O   . HIS A 1 131 ? 5.208   -5.406  2.871   1.00 24.66  ? 131 HIS A O   1 
ATOM   1050 C CB  . HIS A 1 131 ? 5.957   -5.251  -0.238  1.00 16.88  ? 131 HIS A CB  1 
ATOM   1051 C CG  . HIS A 1 131 ? 6.633   -6.003  -1.312  1.00 26.40  ? 131 HIS A CG  1 
ATOM   1052 N ND1 . HIS A 1 131 ? 6.179   -7.237  -1.764  1.00 22.54  ? 131 HIS A ND1 1 
ATOM   1053 C CD2 . HIS A 1 131 ? 7.761   -5.699  -2.000  1.00 24.50  ? 131 HIS A CD2 1 
ATOM   1054 C CE1 . HIS A 1 131 ? 7.069   -7.630  -2.736  1.00 20.49  ? 131 HIS A CE1 1 
ATOM   1055 N NE2 . HIS A 1 131 ? 8.019   -6.726  -2.901  1.00 29.15  ? 131 HIS A NE2 1 
ATOM   1056 N N   . ALA A 1 132 ? 6.281   -3.484  2.436   1.00 23.98  ? 132 ALA A N   1 
ATOM   1057 C CA  . ALA A 1 132 ? 5.599   -2.777  3.521   1.00 20.46  ? 132 ALA A CA  1 
ATOM   1058 C C   . ALA A 1 132 ? 5.494   -1.306  3.225   1.00 22.74  ? 132 ALA A C   1 
ATOM   1059 O O   . ALA A 1 132 ? 6.363   -0.769  2.528   1.00 20.41  ? 132 ALA A O   1 
ATOM   1060 C CB  . ALA A 1 132 ? 6.296   -2.951  4.854   1.00 17.59  ? 132 ALA A CB  1 
ATOM   1061 N N   . TRP A 1 133 ? 4.435   -0.658  3.769   1.00 20.77  ? 133 TRP A N   1 
ATOM   1062 C CA  . TRP A 1 133 ? 4.214   0.767   3.541   1.00 35.55  ? 133 TRP A CA  1 
ATOM   1063 C C   . TRP A 1 133 ? 3.725   1.518   4.750   1.00 30.25  ? 133 TRP A C   1 
ATOM   1064 O O   . TRP A 1 133 ? 2.797   1.076   5.446   1.00 27.32  ? 133 TRP A O   1 
ATOM   1065 C CB  . TRP A 1 133 ? 3.028   0.958   2.585   1.00 22.63  ? 133 TRP A CB  1 
ATOM   1066 C CG  . TRP A 1 133 ? 3.185   0.377   1.244   1.00 16.38  ? 133 TRP A CG  1 
ATOM   1067 C CD1 . TRP A 1 133 ? 3.500   1.061   0.088   1.00 28.11  ? 133 TRP A CD1 1 
ATOM   1068 C CD2 . TRP A 1 133 ? 3.001   -1.041  0.898   1.00 18.84  ? 133 TRP A CD2 1 
ATOM   1069 N NE1 . TRP A 1 133 ? 3.523   0.125   -0.971  1.00 24.29  ? 133 TRP A NE1 1 
ATOM   1070 C CE2 . TRP A 1 133 ? 3.245   -1.159  -0.518  1.00 27.32  ? 133 TRP A CE2 1 
ATOM   1071 C CE3 . TRP A 1 133 ? 2.696   -2.186  1.669   1.00 23.79  ? 133 TRP A CE3 1 
ATOM   1072 C CZ2 . TRP A 1 133 ? 3.155   -2.426  -1.204  1.00 25.76  ? 133 TRP A CZ2 1 
ATOM   1073 C CZ3 . TRP A 1 133 ? 2.618   -3.423  1.054   1.00 22.27  ? 133 TRP A CZ3 1 
ATOM   1074 C CH2 . TRP A 1 133 ? 2.827   -3.547  -0.375  1.00 26.33  ? 133 TRP A CH2 1 
ATOM   1075 N N   . ILE A 1 134 ? 4.333   2.663   4.992   1.00 26.53  ? 134 ILE A N   1 
ATOM   1076 C CA  . ILE A 1 134 ? 3.889   3.467   6.112   1.00 20.24  ? 134 ILE A CA  1 
ATOM   1077 C C   . ILE A 1 134 ? 2.979   4.504   5.494   1.00 15.27  ? 134 ILE A C   1 
ATOM   1078 O O   . ILE A 1 134 ? 3.389   5.321   4.650   1.00 28.58  ? 134 ILE A O   1 
ATOM   1079 C CB  . ILE A 1 134 ? 5.006   4.078   6.900   1.00 23.73  ? 134 ILE A CB  1 
ATOM   1080 C CG1 . ILE A 1 134 ? 5.590   2.971   7.720   1.00 27.47  ? 134 ILE A CG1 1 
ATOM   1081 C CG2 . ILE A 1 134 ? 4.399   4.993   7.915   1.00 25.37  ? 134 ILE A CG2 1 
ATOM   1082 C CD1 . ILE A 1 134 ? 7.056   3.341   7.842   1.00 40.84  ? 134 ILE A CD1 1 
ATOM   1083 N N   . LEU A 1 135 ? 1.716   4.451   5.853   1.00 26.60  ? 135 LEU A N   1 
ATOM   1084 C CA  . LEU A 1 135 ? 0.784   5.372   5.250   1.00 18.74  ? 135 LEU A CA  1 
ATOM   1085 C C   . LEU A 1 135 ? 0.206   6.379   6.225   1.00 30.56  ? 135 LEU A C   1 
ATOM   1086 O O   . LEU A 1 135 ? -0.094  6.054   7.373   1.00 26.34  ? 135 LEU A O   1 
ATOM   1087 C CB  . LEU A 1 135 ? -0.459  4.612   4.689   1.00 22.86  ? 135 LEU A CB  1 
ATOM   1088 C CG  . LEU A 1 135 ? -0.073  3.438   3.807   1.00 21.40  ? 135 LEU A CG  1 
ATOM   1089 C CD1 . LEU A 1 135 ? -1.373  2.766   3.458   1.00 18.61  ? 135 LEU A CD1 1 
ATOM   1090 C CD2 . LEU A 1 135 ? 0.527   4.029   2.557   1.00 24.49  ? 135 LEU A CD2 1 
ATOM   1091 N N   . SER A 1 136 ? 0.014   7.612   5.737   1.00 28.49  ? 136 SER A N   1 
ATOM   1092 C CA  . SER A 1 136 ? -0.530  8.668   6.564   1.00 34.40  ? 136 SER A CA  1 
ATOM   1093 C C   . SER A 1 136 ? -1.538  9.521   5.841   1.00 24.35  ? 136 SER A C   1 
ATOM   1094 O O   . SER A 1 136 ? -1.420  9.783   4.644   1.00 29.88  ? 136 SER A O   1 
ATOM   1095 C CB  . SER A 1 136 ? 0.607   9.598   6.986   1.00 24.45  ? 136 SER A CB  1 
ATOM   1096 O OG  . SER A 1 136 ? 0.024   10.717  7.617   1.00 30.89  ? 136 SER A OG  1 
ATOM   1097 N N   . LYS A 1 137 ? -2.520  9.982   6.590   1.00 25.44  ? 137 LYS A N   1 
ATOM   1098 C CA  . LYS A 1 137 ? -3.524  10.868  6.002   1.00 31.05  ? 137 LYS A CA  1 
ATOM   1099 C C   . LYS A 1 137 ? -2.967  12.307  5.756   1.00 29.13  ? 137 LYS A C   1 
ATOM   1100 O O   . LYS A 1 137 ? -3.568  13.103  5.079   1.00 34.74  ? 137 LYS A O   1 
ATOM   1101 C CB  . LYS A 1 137 ? -4.886  10.750  6.643   1.00 26.06  ? 137 LYS A CB  1 
ATOM   1102 C CG  . LYS A 1 137 ? -5.614  9.557   6.038   1.00 32.82  ? 137 LYS A CG  1 
ATOM   1103 C CD  . LYS A 1 137 ? -7.016  9.492   6.584   1.00 31.63  ? 137 LYS A CD  1 
ATOM   1104 C CE  . LYS A 1 137 ? -7.741  8.259   6.144   1.00 38.65  ? 137 LYS A CE  1 
ATOM   1105 N NZ  . LYS A 1 137 ? -9.029  8.130   6.805   1.00 34.88  ? 137 LYS A NZ  1 
ATOM   1106 N N   . SER A 1 138 ? -1.788  12.638  6.296   1.00 31.94  ? 138 SER A N   1 
ATOM   1107 C CA  . SER A 1 138 ? -1.111  13.924  6.131   1.00 32.30  ? 138 SER A CA  1 
ATOM   1108 C C   . SER A 1 138 ? 0.082   13.616  5.282   1.00 31.22  ? 138 SER A C   1 
ATOM   1109 O O   . SER A 1 138 ? 0.410   12.446  5.162   1.00 29.26  ? 138 SER A O   1 
ATOM   1110 C CB  . SER A 1 138 ? -0.406  14.408  7.381   1.00 29.98  ? 138 SER A CB  1 
ATOM   1111 O OG  . SER A 1 138 ? -1.299  14.927  8.337   1.00 88.81  ? 138 SER A OG  1 
ATOM   1112 N N   . LYS A 1 139 ? 0.704   14.642  4.706   1.00 26.73  ? 139 LYS A N   1 
ATOM   1113 C CA  . LYS A 1 139 ? 1.880   14.502  3.856   1.00 30.79  ? 139 LYS A CA  1 
ATOM   1114 C C   . LYS A 1 139 ? 3.084   14.267  4.727   1.00 31.92  ? 139 LYS A C   1 
ATOM   1115 O O   . LYS A 1 139 ? 4.158   13.878  4.266   1.00 36.40  ? 139 LYS A O   1 
ATOM   1116 C CB  . LYS A 1 139 ? 2.192   15.683  2.910   1.00 31.03  ? 139 LYS A CB  1 
ATOM   1117 C CG  . LYS A 1 139 ? 1.165   16.077  1.856   1.00 55.07  ? 139 LYS A CG  1 
ATOM   1118 C CD  . LYS A 1 139 ? 1.410   17.522  1.338   1.00 56.15  ? 139 LYS A CD  1 
ATOM   1119 C CE  . LYS A 1 139 ? 0.115   18.252  0.845   1.00 100.00 ? 139 LYS A CE  1 
ATOM   1120 N NZ  . LYS A 1 139 ? 0.173   19.706  0.505   1.00 100.00 ? 139 LYS A NZ  1 
ATOM   1121 N N   . VAL A 1 140 ? 2.903   14.525  6.004   1.00 26.82  ? 140 VAL A N   1 
ATOM   1122 C CA  . VAL A 1 140 ? 3.981   14.290  6.939   1.00 38.46  ? 140 VAL A CA  1 
ATOM   1123 C C   . VAL A 1 140 ? 3.449   13.538  8.140   1.00 31.17  ? 140 VAL A C   1 
ATOM   1124 O O   . VAL A 1 140 ? 2.278   13.669  8.605   1.00 58.84  ? 140 VAL A O   1 
ATOM   1125 C CB  . VAL A 1 140 ? 4.604   15.477  7.567   1.00 45.16  ? 140 VAL A CB  1 
ATOM   1126 C CG1 . VAL A 1 140 ? 5.143   16.289  6.442   1.00 40.45  ? 140 VAL A CG1 1 
ATOM   1127 C CG2 . VAL A 1 140 ? 3.486   16.213  8.188   1.00 47.67  ? 140 VAL A CG2 1 
ATOM   1128 N N   . LEU A 1 141 ? 4.314   12.702  8.645   1.00 40.03  ? 141 LEU A N   1 
ATOM   1129 C CA  . LEU A 1 141 ? 4.001   11.916  9.802   1.00 59.65  ? 141 LEU A CA  1 
ATOM   1130 C C   . LEU A 1 141 ? 4.455   12.829  10.896  1.00 100.00 ? 141 LEU A C   1 
ATOM   1131 O O   . LEU A 1 141 ? 5.672   12.996  11.087  1.00 67.02  ? 141 LEU A O   1 
ATOM   1132 C CB  . LEU A 1 141 ? 4.931   10.747  9.778   1.00 49.68  ? 141 LEU A CB  1 
ATOM   1133 C CG  . LEU A 1 141 ? 4.369   9.622   10.542  1.00 57.73  ? 141 LEU A CG  1 
ATOM   1134 C CD1 . LEU A 1 141 ? 3.137   9.203   9.782   1.00 48.85  ? 141 LEU A CD1 1 
ATOM   1135 C CD2 . LEU A 1 141 ? 5.451   8.544   10.548  1.00 36.15  ? 141 LEU A CD2 1 
ATOM   1136 N N   . GLU A 1 142 ? 3.487   13.443  11.581  1.00 64.39  ? 142 GLU A N   1 
ATOM   1137 C CA  . GLU A 1 142 ? 3.845   14.389  12.610  1.00 100.00 ? 142 GLU A CA  1 
ATOM   1138 C C   . GLU A 1 142 ? 3.872   14.102  14.121  1.00 100.00 ? 142 GLU A C   1 
ATOM   1139 O O   . GLU A 1 142 ? 2.856   13.868  14.810  1.00 100.00 ? 142 GLU A O   1 
ATOM   1140 C CB  . GLU A 1 142 ? 3.168   15.718  12.330  1.00 100.00 ? 142 GLU A CB  1 
ATOM   1141 C CG  . GLU A 1 142 ? 1.621   15.626  12.110  1.00 100.00 ? 142 GLU A CG  1 
ATOM   1142 C CD  . GLU A 1 142 ? 1.072   16.965  11.535  1.00 100.00 ? 142 GLU A CD  1 
ATOM   1143 O OE1 . GLU A 1 142 ? 0.288   17.016  10.543  1.00 100.00 ? 142 GLU A OE1 1 
ATOM   1144 O OE2 . GLU A 1 142 ? 1.567   18.076  12.161  1.00 100.00 ? 142 GLU A OE2 1 
ATOM   1145 N N   . GLY A 1 143 ? 5.112   14.239  14.606  1.00 51.35  ? 143 GLY A N   1 
ATOM   1146 C CA  . GLY A 1 143 ? 5.528   14.109  15.992  1.00 100.00 ? 143 GLY A CA  1 
ATOM   1147 C C   . GLY A 1 143 ? 4.731   13.204  16.899  1.00 64.60  ? 143 GLY A C   1 
ATOM   1148 O O   . GLY A 1 143 ? 5.320   12.254  17.435  1.00 47.09  ? 143 GLY A O   1 
ATOM   1149 N N   . ASN A 1 144 ? 3.429   13.460  17.116  1.00 41.90  ? 144 ASN A N   1 
ATOM   1150 C CA  . ASN A 1 144 ? 2.772   12.505  17.993  1.00 38.20  ? 144 ASN A CA  1 
ATOM   1151 C C   . ASN A 1 144 ? 2.611   11.164  17.297  1.00 44.05  ? 144 ASN A C   1 
ATOM   1152 O O   . ASN A 1 144 ? 3.013   10.080  17.739  1.00 38.18  ? 144 ASN A O   1 
ATOM   1153 C CB  . ASN A 1 144 ? 1.850   12.825  19.199  1.00 40.84  ? 144 ASN A CB  1 
ATOM   1154 C CG  . ASN A 1 144 ? 1.840   11.678  20.321  1.00 100.00 ? 144 ASN A CG  1 
ATOM   1155 O OD1 . ASN A 1 144 ? 2.862   11.064  20.763  1.00 52.59  ? 144 ASN A OD1 1 
ATOM   1156 N ND2 . ASN A 1 144 ? 0.646   11.351  20.820  1.00 79.22  ? 144 ASN A ND2 1 
ATOM   1157 N N   . THR A 1 145 ? 2.022   11.299  16.155  1.00 36.83  ? 145 THR A N   1 
ATOM   1158 C CA  . THR A 1 145 ? 1.756   10.204  15.306  1.00 40.34  ? 145 THR A CA  1 
ATOM   1159 C C   . THR A 1 145 ? 3.024   9.495   14.937  1.00 29.76  ? 145 THR A C   1 
ATOM   1160 O O   . THR A 1 145 ? 3.007   8.281   14.784  1.00 29.81  ? 145 THR A O   1 
ATOM   1161 C CB  . THR A 1 145 ? 0.883   10.702  14.161  1.00 53.54  ? 145 THR A CB  1 
ATOM   1162 O OG1 . THR A 1 145 ? -0.365  11.047  14.766  1.00 60.78  ? 145 THR A OG1 1 
ATOM   1163 C CG2 . THR A 1 145 ? 0.768   9.670   13.030  1.00 35.44  ? 145 THR A CG2 1 
ATOM   1164 N N   . LYS A 1 146 ? 4.128   10.232  14.816  1.00 22.89  ? 146 LYS A N   1 
ATOM   1165 C CA  . LYS A 1 146 ? 5.413   9.595   14.465  1.00 20.74  ? 146 LYS A CA  1 
ATOM   1166 C C   . LYS A 1 146 ? 5.804   8.658   15.576  1.00 45.57  ? 146 LYS A C   1 
ATOM   1167 O O   . LYS A 1 146 ? 6.230   7.550   15.366  1.00 31.51  ? 146 LYS A O   1 
ATOM   1168 C CB  . LYS A 1 146 ? 6.560   10.544  14.310  1.00 30.32  ? 146 LYS A CB  1 
ATOM   1169 C CG  . LYS A 1 146 ? 7.558   9.897   13.414  1.00 49.83  ? 146 LYS A CG  1 
ATOM   1170 C CD  . LYS A 1 146 ? 8.935   9.681   14.013  1.00 69.19  ? 146 LYS A CD  1 
ATOM   1171 C CE  . LYS A 1 146 ? 9.838   8.934   13.032  1.00 100.00 ? 146 LYS A CE  1 
ATOM   1172 N NZ  . LYS A 1 146 ? 10.951  8.187   13.651  1.00 100.00 ? 146 LYS A NZ  1 
ATOM   1173 N N   . GLU A 1 147 ? 5.647   9.113   16.785  1.00 27.00  ? 147 GLU A N   1 
ATOM   1174 C CA  . GLU A 1 147 ? 5.968   8.273   17.903  1.00 31.53  ? 147 GLU A CA  1 
ATOM   1175 C C   . GLU A 1 147 ? 5.013   7.064   17.983  1.00 25.40  ? 147 GLU A C   1 
ATOM   1176 O O   . GLU A 1 147 ? 5.404   5.930   18.355  1.00 30.79  ? 147 GLU A O   1 
ATOM   1177 C CB  . GLU A 1 147 ? 5.949   9.095   19.192  1.00 33.43  ? 147 GLU A CB  1 
ATOM   1178 C CG  . GLU A 1 147 ? 6.724   8.425   20.361  1.00 53.09  ? 147 GLU A CG  1 
ATOM   1179 C CD  . GLU A 1 147 ? 6.259   8.805   21.789  1.00 62.48  ? 147 GLU A CD  1 
ATOM   1180 O OE1 . GLU A 1 147 ? 6.769   8.375   22.852  1.00 100.00 ? 147 GLU A OE1 1 
ATOM   1181 O OE2 . GLU A 1 147 ? 5.229   9.644   21.787  1.00 100.00 ? 147 GLU A OE2 1 
ATOM   1182 N N   . VAL A 1 148 ? 3.767   7.314   17.683  1.00 27.39  ? 148 VAL A N   1 
ATOM   1183 C CA  . VAL A 1 148 ? 2.820   6.243   17.718  1.00 22.71  ? 148 VAL A CA  1 
ATOM   1184 C C   . VAL A 1 148 ? 3.235   5.146   16.739  1.00 31.31  ? 148 VAL A C   1 
ATOM   1185 O O   . VAL A 1 148 ? 3.403   3.974   17.098  1.00 28.64  ? 148 VAL A O   1 
ATOM   1186 C CB  . VAL A 1 148 ? 1.453   6.756   17.375  1.00 27.09  ? 148 VAL A CB  1 
ATOM   1187 C CG1 . VAL A 1 148 ? 0.583   5.513   17.127  1.00 24.49  ? 148 VAL A CG1 1 
ATOM   1188 C CG2 . VAL A 1 148 ? 0.924   7.430   18.675  1.00 22.84  ? 148 VAL A CG2 1 
ATOM   1189 N N   . VAL A 1 149 ? 3.487   5.574   15.524  1.00 28.77  ? 149 VAL A N   1 
ATOM   1190 C CA  . VAL A 1 149 ? 3.899   4.657   14.471  1.00 29.61  ? 149 VAL A CA  1 
ATOM   1191 C C   . VAL A 1 149 ? 5.151   3.872   14.841  1.00 27.75  ? 149 VAL A C   1 
ATOM   1192 O O   . VAL A 1 149 ? 5.261   2.668   14.682  1.00 27.02  ? 149 VAL A O   1 
ATOM   1193 C CB  . VAL A 1 149 ? 4.149   5.516   13.205  1.00 30.20  ? 149 VAL A CB  1 
ATOM   1194 C CG1 . VAL A 1 149 ? 4.889   4.748   12.137  1.00 27.56  ? 149 VAL A CG1 1 
ATOM   1195 C CG2 . VAL A 1 149 ? 2.824   5.970   12.626  1.00 26.42  ? 149 VAL A CG2 1 
ATOM   1196 N N   . ASP A 1 150 ? 6.117   4.569   15.356  1.00 29.04  ? 150 ASP A N   1 
ATOM   1197 C CA  . ASP A 1 150 ? 7.317   3.880   15.698  1.00 23.33  ? 150 ASP A CA  1 
ATOM   1198 C C   . ASP A 1 150 ? 7.135   2.829   16.756  1.00 40.03  ? 150 ASP A C   1 
ATOM   1199 O O   . ASP A 1 150 ? 7.837   1.830   16.774  1.00 26.91  ? 150 ASP A O   1 
ATOM   1200 C CB  . ASP A 1 150 ? 8.299   4.820   16.385  1.00 32.24  ? 150 ASP A CB  1 
ATOM   1201 C CG  . ASP A 1 150 ? 9.018   5.819   15.525  1.00 51.12  ? 150 ASP A CG  1 
ATOM   1202 O OD1 . ASP A 1 150 ? 9.523   6.816   16.058  1.00 64.06  ? 150 ASP A OD1 1 
ATOM   1203 O OD2 . ASP A 1 150 ? 9.031   5.527   14.212  1.00 41.56  ? 150 ASP A OD2 1 
ATOM   1204 N N   . ASN A 1 151 ? 6.236   3.061   17.670  1.00 28.45  ? 151 ASN A N   1 
ATOM   1205 C CA  . ASN A 1 151 ? 6.067   2.071   18.717  1.00 22.05  ? 151 ASN A CA  1 
ATOM   1206 C C   . ASN A 1 151 ? 5.279   0.873   18.237  1.00 25.73  ? 151 ASN A C   1 
ATOM   1207 O O   . ASN A 1 151 ? 5.495   -0.255  18.669  1.00 27.94  ? 151 ASN A O   1 
ATOM   1208 C CB  . ASN A 1 151 ? 5.345   2.721   19.855  1.00 22.84  ? 151 ASN A CB  1 
ATOM   1209 C CG  . ASN A 1 151 ? 6.342   3.294   20.845  1.00 29.42  ? 151 ASN A CG  1 
ATOM   1210 O OD1 . ASN A 1 151 ? 6.705   2.626   21.824  1.00 29.78  ? 151 ASN A OD1 1 
ATOM   1211 N ND2 . ASN A 1 151 ? 6.801   4.531   20.600  1.00 21.23  ? 151 ASN A ND2 1 
ATOM   1212 N N   . VAL A 1 152 ? 4.352   1.126   17.335  1.00 33.15  ? 152 VAL A N   1 
ATOM   1213 C CA  . VAL A 1 152 ? 3.544   0.049   16.798  1.00 30.51  ? 152 VAL A CA  1 
ATOM   1214 C C   . VAL A 1 152 ? 4.442   -0.858  15.930  1.00 39.76  ? 152 VAL A C   1 
ATOM   1215 O O   . VAL A 1 152 ? 4.447   -2.127  16.055  1.00 30.00  ? 152 VAL A O   1 
ATOM   1216 C CB  . VAL A 1 152 ? 2.323   0.621   16.041  1.00 24.44  ? 152 VAL A CB  1 
ATOM   1217 C CG1 . VAL A 1 152 ? 1.683   -0.447  15.165  1.00 32.07  ? 152 VAL A CG1 1 
ATOM   1218 C CG2 . VAL A 1 152 ? 1.196   0.999   16.988  1.00 22.22  ? 152 VAL A CG2 1 
ATOM   1219 N N   . LEU A 1 153 ? 5.183   -0.183  15.061  1.00 24.65  ? 153 LEU A N   1 
ATOM   1220 C CA  . LEU A 1 153 ? 6.100   -0.870  14.181  1.00 38.11  ? 153 LEU A CA  1 
ATOM   1221 C C   . LEU A 1 153 ? 7.013   -1.785  14.954  1.00 31.57  ? 153 LEU A C   1 
ATOM   1222 O O   . LEU A 1 153 ? 7.238   -2.887  14.551  1.00 33.65  ? 153 LEU A O   1 
ATOM   1223 C CB  . LEU A 1 153 ? 7.116   0.063   13.552  1.00 30.45  ? 153 LEU A CB  1 
ATOM   1224 C CG  . LEU A 1 153 ? 6.757   0.377   12.152  1.00 36.41  ? 153 LEU A CG  1 
ATOM   1225 C CD1 . LEU A 1 153 ? 7.935   1.168   11.706  1.00 38.22  ? 153 LEU A CD1 1 
ATOM   1226 C CD2 . LEU A 1 153 ? 6.607   -0.877  11.294  1.00 26.69  ? 153 LEU A CD2 1 
ATOM   1227 N N   . LYS A 1 154 ? 7.423   -1.321  16.080  1.00 26.68  ? 154 LYS A N   1 
ATOM   1228 C CA  . LYS A 1 154 ? 8.262   -2.134  16.900  1.00 28.59  ? 154 LYS A CA  1 
ATOM   1229 C C   . LYS A 1 154 ? 7.626   -3.500  17.260  1.00 32.80  ? 154 LYS A C   1 
ATOM   1230 O O   . LYS A 1 154 ? 8.259   -4.546  17.283  1.00 29.20  ? 154 LYS A O   1 
ATOM   1231 C CB  . LYS A 1 154 ? 8.384   -1.348  18.167  1.00 40.02  ? 154 LYS A CB  1 
ATOM   1232 C CG  . LYS A 1 154 ? 9.754   -1.381  18.748  1.00 30.87  ? 154 LYS A CG  1 
ATOM   1233 C CD  . LYS A 1 154 ? 9.803   -0.954  20.216  1.00 100.00 ? 154 LYS A CD  1 
ATOM   1234 C CE  . LYS A 1 154 ? 10.983  -1.516  21.026  1.00 99.45  ? 154 LYS A CE  1 
ATOM   1235 N NZ  . LYS A 1 154 ? 10.707  -2.787  21.751  1.00 29.68  ? 154 LYS A NZ  1 
ATOM   1236 N N   . THR A 1 155 ? 6.325   -3.517  17.430  1.00 24.78  ? 155 THR A N   1 
ATOM   1237 C CA  . THR A 1 155 ? 5.748   -4.794  17.743  1.00 22.84  ? 155 THR A CA  1 
ATOM   1238 C C   . THR A 1 155 ? 5.779   -5.722  16.556  1.00 37.63  ? 155 THR A C   1 
ATOM   1239 O O   . THR A 1 155 ? 5.458   -6.878  16.649  1.00 31.75  ? 155 THR A O   1 
ATOM   1240 C CB  . THR A 1 155 ? 4.375   -4.660  18.281  1.00 32.18  ? 155 THR A CB  1 
ATOM   1241 O OG1 . THR A 1 155 ? 3.607   -4.283  17.164  1.00 23.42  ? 155 THR A OG1 1 
ATOM   1242 C CG2 . THR A 1 155 ? 4.481   -3.461  19.224  1.00 24.42  ? 155 THR A CG2 1 
ATOM   1243 N N   . PHE A 1 156 ? 6.170   -5.217  15.422  1.00 25.07  ? 156 PHE A N   1 
ATOM   1244 C CA  . PHE A 1 156 ? 6.254   -6.060  14.206  1.00 24.19  ? 156 PHE A CA  1 
ATOM   1245 C C   . PHE A 1 156 ? 7.691   -6.243  13.698  1.00 24.94  ? 156 PHE A C   1 
ATOM   1246 O O   . PHE A 1 156 ? 7.970   -6.599  12.530  1.00 26.39  ? 156 PHE A O   1 
ATOM   1247 C CB  . PHE A 1 156 ? 5.408   -5.522  13.041  1.00 28.82  ? 156 PHE A CB  1 
ATOM   1248 C CG  . PHE A 1 156 ? 3.941   -5.421  13.403  1.00 31.72  ? 156 PHE A CG  1 
ATOM   1249 C CD1 . PHE A 1 156 ? 3.218   -6.597  13.574  1.00 44.12  ? 156 PHE A CD1 1 
ATOM   1250 C CD2 . PHE A 1 156 ? 3.281   -4.199  13.576  1.00 26.10  ? 156 PHE A CD2 1 
ATOM   1251 C CE1 . PHE A 1 156 ? 1.866   -6.584  13.902  1.00 29.01  ? 156 PHE A CE1 1 
ATOM   1252 C CE2 . PHE A 1 156 ? 1.919   -4.178  13.904  1.00 27.23  ? 156 PHE A CE2 1 
ATOM   1253 C CZ  . PHE A 1 156 ? 1.211   -5.370  14.087  1.00 26.42  ? 156 PHE A CZ  1 
ATOM   1254 N N   . SER A 1 157 ? 8.629   -6.000  14.620  1.00 24.74  ? 157 SER A N   1 
ATOM   1255 C CA  . SER A 1 157 ? 10.035  -6.083  14.350  1.00 28.79  ? 157 SER A CA  1 
ATOM   1256 C C   . SER A 1 157 ? 10.452  -7.418  13.751  1.00 27.16  ? 157 SER A C   1 
ATOM   1257 O O   . SER A 1 157 ? 11.418  -7.464  13.007  1.00 29.55  ? 157 SER A O   1 
ATOM   1258 C CB  . SER A 1 157 ? 10.916  -5.483  15.467  1.00 29.41  ? 157 SER A CB  1 
ATOM   1259 O OG  . SER A 1 157 ? 10.663  -6.295  16.612  1.00 59.66  ? 157 SER A OG  1 
ATOM   1260 N N   . HIS A 1 158 ? 9.734   -8.486  14.047  1.00 27.55  ? 158 HIS A N   1 
ATOM   1261 C CA  . HIS A 1 158 ? 10.070  -9.815  13.508  1.00 28.84  ? 158 HIS A CA  1 
ATOM   1262 C C   . HIS A 1 158 ? 9.481   -10.036 12.139  1.00 34.31  ? 158 HIS A C   1 
ATOM   1263 O O   . HIS A 1 158 ? 9.614   -11.100 11.561  1.00 29.26  ? 158 HIS A O   1 
ATOM   1264 C CB  . HIS A 1 158 ? 9.512   -10.938 14.427  1.00 32.14  ? 158 HIS A CB  1 
ATOM   1265 C CG  . HIS A 1 158 ? 8.033   -10.904 14.587  1.00 27.48  ? 158 HIS A CG  1 
ATOM   1266 N ND1 . HIS A 1 158 ? 7.379   -9.843  15.168  1.00 25.19  ? 158 HIS A ND1 1 
ATOM   1267 C CD2 . HIS A 1 158 ? 7.093   -11.830 14.236  1.00 33.77  ? 158 HIS A CD2 1 
ATOM   1268 C CE1 . HIS A 1 158 ? 6.098   -10.120 15.152  1.00 32.88  ? 158 HIS A CE1 1 
ATOM   1269 N NE2 . HIS A 1 158 ? 5.893   -11.315 14.604  1.00 34.08  ? 158 HIS A NE2 1 
ATOM   1270 N N   . LEU A 1 159 ? 8.796   -9.043  11.624  1.00 29.44  ? 159 LEU A N   1 
ATOM   1271 C CA  . LEU A 1 159 ? 8.213   -9.219  10.331  1.00 24.53  ? 159 LEU A CA  1 
ATOM   1272 C C   . LEU A 1 159 ? 8.689   -8.155  9.365   1.00 37.51  ? 159 LEU A C   1 
ATOM   1273 O O   . LEU A 1 159 ? 8.700   -8.378  8.165   1.00 24.95  ? 159 LEU A O   1 
ATOM   1274 C CB  . LEU A 1 159 ? 6.703   -9.066  10.322  1.00 30.22  ? 159 LEU A CB  1 
ATOM   1275 C CG  . LEU A 1 159 ? 6.025   -10.069 11.204  1.00 32.31  ? 159 LEU A CG  1 
ATOM   1276 C CD1 . LEU A 1 159 ? 4.576   -9.641  11.259  1.00 26.28  ? 159 LEU A CD1 1 
ATOM   1277 C CD2 . LEU A 1 159 ? 6.080   -11.449 10.538  1.00 24.65  ? 159 LEU A CD2 1 
ATOM   1278 N N   . ILE A 1 160 ? 9.059   -7.003  9.905   1.00 30.11  ? 160 ILE A N   1 
ATOM   1279 C CA  . ILE A 1 160 ? 9.515   -5.895  9.100   1.00 27.09  ? 160 ILE A CA  1 
ATOM   1280 C C   . ILE A 1 160 ? 10.765  -5.283  9.626   1.00 40.87  ? 160 ILE A C   1 
ATOM   1281 O O   . ILE A 1 160 ? 10.819  -4.896  10.763  1.00 28.96  ? 160 ILE A O   1 
ATOM   1282 C CB  . ILE A 1 160 ? 8.476   -4.823  9.047   1.00 32.74  ? 160 ILE A CB  1 
ATOM   1283 C CG1 . ILE A 1 160 ? 7.271   -5.357  8.311   1.00 24.45  ? 160 ILE A CG1 1 
ATOM   1284 C CG2 . ILE A 1 160 ? 8.957   -3.531  8.369   1.00 27.30  ? 160 ILE A CG2 1 
ATOM   1285 C CD1 . ILE A 1 160 ? 6.075   -4.481  8.680   1.00 32.59  ? 160 ILE A CD1 1 
ATOM   1286 N N   . ASP A 1 161 ? 11.764  -5.193  8.789   1.00 24.03  ? 161 ASP A N   1 
ATOM   1287 C CA  . ASP A 1 161 ? 12.981  -4.593  9.209   1.00 23.31  ? 161 ASP A CA  1 
ATOM   1288 C C   . ASP A 1 161 ? 12.834  -3.093  8.872   1.00 27.28  ? 161 ASP A C   1 
ATOM   1289 O O   . ASP A 1 161 ? 13.014  -2.634  7.728   1.00 24.47  ? 161 ASP A O   1 
ATOM   1290 C CB  . ASP A 1 161 ? 14.079  -5.219  8.419   1.00 23.39  ? 161 ASP A CB  1 
ATOM   1291 C CG  . ASP A 1 161 ? 15.452  -4.567  8.701   1.00 33.76  ? 161 ASP A CG  1 
ATOM   1292 O OD1 . ASP A 1 161 ? 16.447  -5.036  8.265   1.00 32.23  ? 161 ASP A OD1 1 
ATOM   1293 O OD2 . ASP A 1 161 ? 15.521  -3.519  9.492   1.00 32.28  ? 161 ASP A OD2 1 
ATOM   1294 N N   . ALA A 1 162 ? 12.576  -2.364  9.927   1.00 24.52  ? 162 ALA A N   1 
ATOM   1295 C CA  . ALA A 1 162 ? 12.369  -0.947  9.848   1.00 25.60  ? 162 ALA A CA  1 
ATOM   1296 C C   . ALA A 1 162 ? 13.470  -0.163  9.252   1.00 31.65  ? 162 ALA A C   1 
ATOM   1297 O O   . ALA A 1 162 ? 13.288  0.882   8.643   1.00 37.01  ? 162 ALA A O   1 
ATOM   1298 C CB  . ALA A 1 162 ? 11.792  -0.367  11.094  1.00 23.63  ? 162 ALA A CB  1 
ATOM   1299 N N   . SER A 1 163 ? 14.635  -0.677  9.430   1.00 35.30  ? 163 SER A N   1 
ATOM   1300 C CA  . SER A 1 163 ? 15.772  0.010   8.898   1.00 29.78  ? 163 SER A CA  1 
ATOM   1301 C C   . SER A 1 163 ? 15.814  -0.080  7.406   1.00 31.72  ? 163 SER A C   1 
ATOM   1302 O O   . SER A 1 163 ? 16.660  0.505   6.770   1.00 34.83  ? 163 SER A O   1 
ATOM   1303 C CB  . SER A 1 163 ? 17.039  -0.592  9.474   1.00 30.41  ? 163 SER A CB  1 
ATOM   1304 O OG  . SER A 1 163 ? 17.349  -1.759  8.781   1.00 36.80  ? 163 SER A OG  1 
ATOM   1305 N N   . LYS A 1 164 ? 14.922  -0.818  6.824   1.00 32.76  ? 164 LYS A N   1 
ATOM   1306 C CA  . LYS A 1 164 ? 14.994  -0.897  5.389   1.00 23.47  ? 164 LYS A CA  1 
ATOM   1307 C C   . LYS A 1 164 ? 13.973  0.029   4.743   1.00 42.33  ? 164 LYS A C   1 
ATOM   1308 O O   . LYS A 1 164 ? 13.851  0.032   3.552   1.00 28.04  ? 164 LYS A O   1 
ATOM   1309 C CB  . LYS A 1 164 ? 14.684  -2.298  5.031   1.00 47.45  ? 164 LYS A CB  1 
ATOM   1310 C CG  . LYS A 1 164 ? 15.780  -3.233  5.509   1.00 33.02  ? 164 LYS A CG  1 
ATOM   1311 C CD  . LYS A 1 164 ? 17.090  -2.866  4.848   1.00 29.43  ? 164 LYS A CD  1 
ATOM   1312 C CE  . LYS A 1 164 ? 18.276  -3.727  5.266   1.00 46.20  ? 164 LYS A CE  1 
ATOM   1313 N NZ  . LYS A 1 164 ? 18.349  -4.994  4.527   1.00 100.00 ? 164 LYS A NZ  1 
ATOM   1314 N N   . PHE A 1 165 ? 13.214  0.815   5.503   1.00 30.12  ? 165 PHE A N   1 
ATOM   1315 C CA  . PHE A 1 165 ? 12.231  1.714   4.882   1.00 27.14  ? 165 PHE A CA  1 
ATOM   1316 C C   . PHE A 1 165 ? 12.879  2.846   4.090   1.00 30.54  ? 165 PHE A C   1 
ATOM   1317 O O   . PHE A 1 165 ? 13.936  3.356   4.410   1.00 37.61  ? 165 PHE A O   1 
ATOM   1318 C CB  . PHE A 1 165 ? 11.248  2.365   5.824   1.00 31.90  ? 165 PHE A CB  1 
ATOM   1319 C CG  . PHE A 1 165 ? 10.101  1.487   6.240   1.00 28.38  ? 165 PHE A CG  1 
ATOM   1320 C CD1 . PHE A 1 165 ? 9.093   1.171   5.341   1.00 29.75  ? 165 PHE A CD1 1 
ATOM   1321 C CD2 . PHE A 1 165 ? 10.031  0.972   7.535   1.00 26.44  ? 165 PHE A CD2 1 
ATOM   1322 C CE1 . PHE A 1 165 ? 8.041   0.338   5.726   1.00 32.85  ? 165 PHE A CE1 1 
ATOM   1323 C CE2 . PHE A 1 165 ? 9.006   0.136   7.956   1.00 32.86  ? 165 PHE A CE2 1 
ATOM   1324 C CZ  . PHE A 1 165 ? 8.014   -0.169  7.028   1.00 38.13  ? 165 PHE A CZ  1 
ATOM   1325 N N   . ILE A 1 166 ? 12.228  3.237   3.033   1.00 31.98  ? 166 ILE A N   1 
ATOM   1326 C CA  . ILE A 1 166 ? 12.718  4.301   2.193   1.00 25.53  ? 166 ILE A CA  1 
ATOM   1327 C C   . ILE A 1 166 ? 11.664  5.382   2.149   1.00 40.55  ? 166 ILE A C   1 
ATOM   1328 O O   . ILE A 1 166 ? 10.538  5.107   1.749   1.00 25.74  ? 166 ILE A O   1 
ATOM   1329 C CB  . ILE A 1 166 ? 12.976  3.794   0.803   1.00 36.02  ? 166 ILE A CB  1 
ATOM   1330 C CG1 . ILE A 1 166 ? 14.208  2.880   0.798   1.00 32.14  ? 166 ILE A CG1 1 
ATOM   1331 C CG2 . ILE A 1 166 ? 13.278  5.012   -0.056  1.00 31.11  ? 166 ILE A CG2 1 
ATOM   1332 C CD1 . ILE A 1 166 ? 14.030  1.872   -0.330  1.00 60.32  ? 166 ILE A CD1 1 
ATOM   1333 N N   . SER A 1 167 ? 12.033  6.609   2.548   1.00 31.18  ? 167 SER A N   1 
ATOM   1334 C CA  . SER A 1 167 ? 11.108  7.753   2.609   1.00 33.72  ? 167 SER A CA  1 
ATOM   1335 C C   . SER A 1 167 ? 10.693  8.290   1.275   1.00 25.92  ? 167 SER A C   1 
ATOM   1336 O O   . SER A 1 167 ? 11.538  8.344   0.384   1.00 33.89  ? 167 SER A O   1 
ATOM   1337 C CB  . SER A 1 167 ? 11.738  8.796   3.472   1.00 28.81  ? 167 SER A CB  1 
ATOM   1338 O OG  . SER A 1 167 ? 11.463  8.508   4.842   1.00 100.00 ? 167 SER A OG  1 
ATOM   1339 N N   . ASN A 1 168 ? 9.412   8.642   1.121   1.00 24.66  ? 168 ASN A N   1 
ATOM   1340 C CA  . ASN A 1 168 ? 8.898   9.190   -0.134  1.00 16.89  ? 168 ASN A CA  1 
ATOM   1341 C C   . ASN A 1 168 ? 8.982   10.741  -0.093  1.00 33.40  ? 168 ASN A C   1 
ATOM   1342 O O   . ASN A 1 168 ? 9.373   11.327  0.892   1.00 31.82  ? 168 ASN A O   1 
ATOM   1343 C CB  . ASN A 1 168 ? 7.495   8.786   -0.481  1.00 32.62  ? 168 ASN A CB  1 
ATOM   1344 C CG  . ASN A 1 168 ? 7.380   8.783   -1.982  1.00 31.49  ? 168 ASN A CG  1 
ATOM   1345 O OD1 . ASN A 1 168 ? 7.857   9.687   -2.693  1.00 34.83  ? 168 ASN A OD1 1 
ATOM   1346 N ND2 . ASN A 1 168 ? 6.782   7.732   -2.468  1.00 37.99  ? 168 ASN A ND2 1 
ATOM   1347 N N   . ASP A 1 169 ? 8.623   11.428  -1.134  1.00 39.15  ? 169 ASP A N   1 
ATOM   1348 C CA  . ASP A 1 169 ? 8.742   12.857  -1.072  1.00 26.59  ? 169 ASP A CA  1 
ATOM   1349 C C   . ASP A 1 169 ? 7.497   13.482  -1.564  1.00 33.28  ? 169 ASP A C   1 
ATOM   1350 O O   . ASP A 1 169 ? 6.940   13.108  -2.598  1.00 30.06  ? 169 ASP A O   1 
ATOM   1351 C CB  . ASP A 1 169 ? 10.040  13.249  -1.854  1.00 32.75  ? 169 ASP A CB  1 
ATOM   1352 C CG  . ASP A 1 169 ? 10.340  14.730  -2.164  1.00 40.00  ? 169 ASP A CG  1 
ATOM   1353 O OD1 . ASP A 1 169 ? 11.116  15.060  -3.045  1.00 38.38  ? 169 ASP A OD1 1 
ATOM   1354 O OD2 . ASP A 1 169 ? 9.656   15.619  -1.483  1.00 38.75  ? 169 ASP A OD2 1 
ATOM   1355 N N   . PHE A 1 170 ? 7.080   14.436  -0.767  1.00 27.06  ? 170 PHE A N   1 
ATOM   1356 C CA  . PHE A 1 170 ? 5.874   15.183  -1.024  1.00 30.21  ? 170 PHE A CA  1 
ATOM   1357 C C   . PHE A 1 170 ? 6.099   16.701  -1.197  1.00 40.33  ? 170 PHE A C   1 
ATOM   1358 O O   . PHE A 1 170 ? 5.195   17.494  -0.974  1.00 30.44  ? 170 PHE A O   1 
ATOM   1359 C CB  . PHE A 1 170 ? 4.823   14.894  0.106   1.00 36.08  ? 170 PHE A CB  1 
ATOM   1360 C CG  . PHE A 1 170 ? 4.426   13.431  0.008   1.00 26.30  ? 170 PHE A CG  1 
ATOM   1361 C CD1 . PHE A 1 170 ? 3.396   13.022  -0.841  1.00 32.40  ? 170 PHE A CD1 1 
ATOM   1362 C CD2 . PHE A 1 170 ? 5.154   12.472  0.723   1.00 30.73  ? 170 PHE A CD2 1 
ATOM   1363 C CE1 . PHE A 1 170 ? 3.087   11.666  -0.971  1.00 42.98  ? 170 PHE A CE1 1 
ATOM   1364 C CE2 . PHE A 1 170 ? 4.857   11.109  0.624   1.00 35.43  ? 170 PHE A CE2 1 
ATOM   1365 C CZ  . PHE A 1 170 ? 3.822   10.728  -0.237  1.00 23.51  ? 170 PHE A CZ  1 
ATOM   1366 N N   . SER A 1 171 ? 7.285   17.133  -1.589  1.00 43.41  ? 171 SER A N   1 
ATOM   1367 C CA  . SER A 1 171 ? 7.514   18.554  -1.786  1.00 36.43  ? 171 SER A CA  1 
ATOM   1368 C C   . SER A 1 171 ? 6.695   19.012  -2.988  1.00 46.98  ? 171 SER A C   1 
ATOM   1369 O O   . SER A 1 171 ? 6.226   18.172  -3.813  1.00 28.90  ? 171 SER A O   1 
ATOM   1370 C CB  . SER A 1 171 ? 8.985   18.827  -1.955  1.00 25.36  ? 171 SER A CB  1 
ATOM   1371 O OG  . SER A 1 171 ? 9.322   18.367  -3.227  1.00 33.84  ? 171 SER A OG  1 
ATOM   1372 N N   . GLU A 1 172 ? 6.504   20.327  -3.080  1.00 33.25  ? 172 GLU A N   1 
ATOM   1373 C CA  . GLU A 1 172 ? 5.713   20.824  -4.174  1.00 35.56  ? 172 GLU A CA  1 
ATOM   1374 C C   . GLU A 1 172 ? 6.325   20.417  -5.493  1.00 36.52  ? 172 GLU A C   1 
ATOM   1375 O O   . GLU A 1 172 ? 5.653   20.076  -6.471  1.00 33.77  ? 172 GLU A O   1 
ATOM   1376 C CB  . GLU A 1 172 ? 5.433   22.314  -4.030  1.00 28.38  ? 172 GLU A CB  1 
ATOM   1377 C CG  . GLU A 1 172 ? 3.928   22.586  -3.805  1.00 100.00 ? 172 GLU A CG  1 
ATOM   1378 C CD  . GLU A 1 172 ? 3.539   24.047  -4.049  1.00 100.00 ? 172 GLU A CD  1 
ATOM   1379 O OE1 . GLU A 1 172 ? 2.473   24.578  -3.656  1.00 100.00 ? 172 GLU A OE1 1 
ATOM   1380 O OE2 . GLU A 1 172 ? 4.472   24.685  -4.757  1.00 100.00 ? 172 GLU A OE2 1 
ATOM   1381 N N   . ALA A 1 173 ? 7.645   20.405  -5.458  1.00 29.00  ? 173 ALA A N   1 
ATOM   1382 C CA  . ALA A 1 173 ? 8.417   20.035  -6.622  1.00 31.73  ? 173 ALA A CA  1 
ATOM   1383 C C   . ALA A 1 173 ? 8.130   18.616  -7.012  1.00 36.51  ? 173 ALA A C   1 
ATOM   1384 O O   . ALA A 1 173 ? 7.803   18.342  -8.154  1.00 39.81  ? 173 ALA A O   1 
ATOM   1385 C CB  . ALA A 1 173 ? 9.903   20.214  -6.396  1.00 25.42  ? 173 ALA A CB  1 
ATOM   1386 N N   . ALA A 1 174 ? 8.246   17.733  -6.031  1.00 29.89  ? 174 ALA A N   1 
ATOM   1387 C CA  . ALA A 1 174 ? 8.021   16.314  -6.244  1.00 31.53  ? 174 ALA A CA  1 
ATOM   1388 C C   . ALA A 1 174 ? 6.657   16.016  -6.776  1.00 31.52  ? 174 ALA A C   1 
ATOM   1389 O O   . ALA A 1 174 ? 6.449   15.155  -7.622  1.00 29.24  ? 174 ALA A O   1 
ATOM   1390 C CB  . ALA A 1 174 ? 8.097   15.617  -4.904  1.00 40.56  ? 174 ALA A CB  1 
ATOM   1391 N N   . CYS A 1 175 ? 5.699   16.722  -6.254  1.00 35.62  ? 175 CYS A N   1 
ATOM   1392 C CA  . CYS A 1 175 ? 4.377   16.412  -6.710  1.00 22.82  ? 175 CYS A CA  1 
ATOM   1393 C C   . CYS A 1 175 ? 3.930   17.105  -7.959  1.00 42.69  ? 175 CYS A C   1 
ATOM   1394 O O   . CYS A 1 175 ? 2.819   16.881  -8.448  1.00 23.20  ? 175 CYS A O   1 
ATOM   1395 C CB  . CYS A 1 175 ? 3.418   16.864  -5.606  1.00 28.26  ? 175 CYS A CB  1 
ATOM   1396 S SG  . CYS A 1 175 ? 3.550   15.794  -4.174  1.00 32.32  ? 175 CYS A SG  1 
ATOM   1397 N N   . GLN A 1 176 ? 4.778   17.959  -8.462  1.00 33.98  ? 176 GLN A N   1 
ATOM   1398 C CA  . GLN A 1 176 ? 4.430   18.710  -9.646  1.00 35.03  ? 176 GLN A CA  1 
ATOM   1399 C C   . GLN A 1 176 ? 4.391   17.874  -10.895 1.00 33.17  ? 176 GLN A C   1 
ATOM   1400 O O   . GLN A 1 176 ? 5.255   17.014  -11.100 1.00 36.79  ? 176 GLN A O   1 
ATOM   1401 C CB  . GLN A 1 176 ? 5.647   19.612  -9.833  1.00 50.44  ? 176 GLN A CB  1 
ATOM   1402 C CG  . GLN A 1 176 ? 5.652   20.830  -10.778 1.00 49.96  ? 176 GLN A CG  1 
ATOM   1403 C CD  . GLN A 1 176 ? 6.704   21.754  -10.093 1.00 100.00 ? 176 GLN A CD  1 
ATOM   1404 O OE1 . GLN A 1 176 ? 6.361   22.691  -9.311  1.00 100.00 ? 176 GLN A OE1 1 
ATOM   1405 N NE2 . GLN A 1 176 ? 8.014   21.437  -10.267 1.00 100.00 ? 176 GLN A NE2 1 
ATOM   1406 N N   . TYR A 1 177 ? 3.408   18.135  -11.741 1.00 30.60  ? 177 TYR A N   1 
ATOM   1407 C CA  . TYR A 1 177 ? 3.354   17.394  -12.983 1.00 55.98  ? 177 TYR A CA  1 
ATOM   1408 C C   . TYR A 1 177 ? 2.781   18.232  -14.104 1.00 44.13  ? 177 TYR A C   1 
ATOM   1409 O O   . TYR A 1 177 ? 1.865   19.004  -13.893 1.00 39.53  ? 177 TYR A O   1 
ATOM   1410 C CB  . TYR A 1 177 ? 2.646   16.067  -12.952 1.00 33.84  ? 177 TYR A CB  1 
ATOM   1411 C CG  . TYR A 1 177 ? 1.236   16.267  -12.505 1.00 27.85  ? 177 TYR A CG  1 
ATOM   1412 C CD1 . TYR A 1 177 ? 0.201   16.432  -13.439 1.00 30.66  ? 177 TYR A CD1 1 
ATOM   1413 C CD2 . TYR A 1 177 ? 0.959   16.284  -11.133 1.00 25.15  ? 177 TYR A CD2 1 
ATOM   1414 C CE1 . TYR A 1 177 ? -1.109  16.591  -12.992 1.00 30.24  ? 177 TYR A CE1 1 
ATOM   1415 C CE2 . TYR A 1 177 ? -0.351  16.433  -10.677 1.00 26.47  ? 177 TYR A CE2 1 
ATOM   1416 C CZ  . TYR A 1 177 ? -1.372  16.597  -11.617 1.00 27.44  ? 177 TYR A CZ  1 
ATOM   1417 O OH  . TYR A 1 177 ? -2.641  16.762  -11.159 1.00 52.58  ? 177 TYR A OH  1 
ATOM   1418 N N   . SER A 1 178 ? 3.320   18.072  -15.304 1.00 44.13  ? 178 SER A N   1 
ATOM   1419 C CA  . SER A 1 178 ? 2.830   18.825  -16.440 1.00 55.19  ? 178 SER A CA  1 
ATOM   1420 C C   . SER A 1 178 ? 1.795   18.004  -17.169 1.00 45.76  ? 178 SER A C   1 
ATOM   1421 O O   . SER A 1 178 ? 0.913   18.529  -17.839 1.00 41.74  ? 178 SER A O   1 
ATOM   1422 C CB  . SER A 1 178 ? 3.952   19.128  -17.385 1.00 44.36  ? 178 SER A CB  1 
ATOM   1423 O OG  . SER A 1 178 ? 4.456   17.870  -17.841 1.00 100.00 ? 178 SER A OG  1 
ATOM   1424 N N   . THR A 1 179 ? 1.890   16.689  -17.029 1.00 61.92  ? 179 THR A N   1 
ATOM   1425 C CA  . THR A 1 179 ? 0.928   15.849  -17.702 1.00 55.69  ? 179 THR A CA  1 
ATOM   1426 C C   . THR A 1 179 ? 0.654   14.564  -16.960 1.00 47.96  ? 179 THR A C   1 
ATOM   1427 O O   . THR A 1 179 ? 1.438   14.213  -16.074 1.00 54.10  ? 179 THR A O   1 
ATOM   1428 C CB  . THR A 1 179 ? 1.425   15.562  -19.121 1.00 59.68  ? 179 THR A CB  1 
ATOM   1429 O OG1 . THR A 1 179 ? 0.367   15.019  -19.898 1.00 100.00 ? 179 THR A OG1 1 
ATOM   1430 C CG2 . THR A 1 179 ? 2.614   14.621  -19.012 1.00 37.15  ? 179 THR A CG2 1 
ATOM   1431 N N   . THR A 1 180 ? -0.463  13.887  -17.367 1.00 46.13  ? 180 THR A N   1 
ATOM   1432 C CA  . THR A 1 180 ? -0.947  12.622  -16.812 1.00 36.31  ? 180 THR A CA  1 
ATOM   1433 C C   . THR A 1 180 ? -0.944  11.390  -17.715 1.00 40.77  ? 180 THR A C   1 
ATOM   1434 O O   . THR A 1 180 ? -0.789  11.419  -18.924 1.00 44.16  ? 180 THR A O   1 
ATOM   1435 C CB  . THR A 1 180 ? -2.267  12.761  -16.176 1.00 28.57  ? 180 THR A CB  1 
ATOM   1436 O OG1 . THR A 1 180 ? -3.244  12.604  -17.131 1.00 41.32  ? 180 THR A OG1 1 
ATOM   1437 C CG2 . THR A 1 180 ? -2.337  14.113  -15.554 1.00 32.09  ? 180 THR A CG2 1 
ATOM   1438 N N   . TYR A 1 181 ? -1.117  10.257  -17.109 1.00 38.90  ? 181 TYR A N   1 
ATOM   1439 C CA  . TYR A 1 181 ? -1.127  9.061   -17.915 1.00 33.09  ? 181 TYR A CA  1 
ATOM   1440 C C   . TYR A 1 181 ? -1.672  7.943   -17.107 1.00 26.93  ? 181 TYR A C   1 
ATOM   1441 O O   . TYR A 1 181 ? -1.205  7.673   -15.989 1.00 33.10  ? 181 TYR A O   1 
ATOM   1442 C CB  . TYR A 1 181 ? 0.247   8.767   -18.412 1.00 36.27  ? 181 TYR A CB  1 
ATOM   1443 C CG  . TYR A 1 181 ? 0.404   7.439   -19.036 1.00 52.28  ? 181 TYR A CG  1 
ATOM   1444 C CD1 . TYR A 1 181 ? 0.201   7.329   -20.407 1.00 52.85  ? 181 TYR A CD1 1 
ATOM   1445 C CD2 . TYR A 1 181 ? 0.764   6.302   -18.311 1.00 62.80  ? 181 TYR A CD2 1 
ATOM   1446 C CE1 . TYR A 1 181 ? 0.349   6.113   -21.070 1.00 50.70  ? 181 TYR A CE1 1 
ATOM   1447 C CE2 . TYR A 1 181 ? 0.920   5.077   -18.966 1.00 42.39  ? 181 TYR A CE2 1 
ATOM   1448 C CZ  . TYR A 1 181 ? 0.711   4.979   -20.346 1.00 100.00 ? 181 TYR A CZ  1 
ATOM   1449 O OH  . TYR A 1 181 ? 0.866   3.779   -21.020 1.00 43.83  ? 181 TYR A OH  1 
ATOM   1450 N N   . SER A 1 182 ? -2.679  7.337   -17.698 1.00 27.11  ? 182 SER A N   1 
ATOM   1451 C CA  . SER A 1 182 ? -3.365  6.221   -17.099 1.00 26.10  ? 182 SER A CA  1 
ATOM   1452 C C   . SER A 1 182 ? -2.660  4.890   -17.342 1.00 47.49  ? 182 SER A C   1 
ATOM   1453 O O   . SER A 1 182 ? -2.577  4.428   -18.457 1.00 27.16  ? 182 SER A O   1 
ATOM   1454 C CB  . SER A 1 182 ? -4.695  6.029   -17.801 1.00 26.73  ? 182 SER A CB  1 
ATOM   1455 O OG  . SER A 1 182 ? -5.464  5.037   -17.122 1.00 32.73  ? 182 SER A OG  1 
ATOM   1456 N N   . LEU A 1 183 ? -2.165  4.254   -16.307 1.00 31.93  ? 183 LEU A N   1 
ATOM   1457 C CA  . LEU A 1 183 ? -1.510  2.988   -16.500 1.00 33.78  ? 183 LEU A CA  1 
ATOM   1458 C C   . LEU A 1 183 ? -2.519  1.898   -16.772 1.00 24.58  ? 183 LEU A C   1 
ATOM   1459 O O   . LEU A 1 183 ? -2.215  0.935   -17.436 1.00 29.96  ? 183 LEU A O   1 
ATOM   1460 C CB  . LEU A 1 183 ? -0.696  2.580   -15.248 1.00 25.05  ? 183 LEU A CB  1 
ATOM   1461 C CG  . LEU A 1 183 ? 0.417   3.579   -14.936 1.00 33.49  ? 183 LEU A CG  1 
ATOM   1462 C CD1 . LEU A 1 183 ? 0.906   3.319   -13.582 1.00 21.59  ? 183 LEU A CD1 1 
ATOM   1463 C CD2 . LEU A 1 183 ? 1.585   3.367   -15.866 1.00 26.75  ? 183 LEU A CD2 1 
ATOM   1464 N N   . THR A 1 184 ? -3.714  2.032   -16.208 1.00 28.19  ? 184 THR A N   1 
ATOM   1465 C CA  . THR A 1 184 ? -4.789  1.050   -16.366 1.00 25.51  ? 184 THR A CA  1 
ATOM   1466 C C   . THR A 1 184 ? -5.549  1.407   -17.619 1.00 36.50  ? 184 THR A C   1 
ATOM   1467 O O   . THR A 1 184 ? -5.407  2.484   -18.133 1.00 27.37  ? 184 THR A O   1 
ATOM   1468 C CB  . THR A 1 184 ? -5.741  0.971   -15.127 1.00 22.57  ? 184 THR A CB  1 
ATOM   1469 O OG1 . THR A 1 184 ? -5.989  2.300   -14.618 1.00 27.91  ? 184 THR A OG1 1 
ATOM   1470 C CG2 . THR A 1 184 ? -5.043  0.248   -13.947 1.00 19.98  ? 184 THR A CG2 1 
ATOM   1471 N N   . GLY A 1 185 ? -6.342  0.521   -18.132 1.00 27.10  ? 185 GLY A N   1 
ATOM   1472 C CA  . GLY A 1 185 ? -7.062  0.822   -19.328 1.00 25.83  ? 185 GLY A CA  1 
ATOM   1473 C C   . GLY A 1 185 ? -7.198  -0.384  -20.269 1.00 36.68  ? 185 GLY A C   1 
ATOM   1474 O O   . GLY A 1 185 ? -6.494  -1.395  -20.203 1.00 31.81  ? 185 GLY A O   1 
ATOM   1475 N N   . PRO A 1 186 ? -8.145  -0.247  -21.178 1.00 39.20  ? 186 PRO A N   1 
ATOM   1476 C CA  . PRO A 1 186 ? -8.425  -1.263  -22.155 1.00 35.33  ? 186 PRO A CA  1 
ATOM   1477 C C   . PRO A 1 186 ? -7.372  -1.363  -23.228 1.00 49.93  ? 186 PRO A C   1 
ATOM   1478 O O   . PRO A 1 186 ? -7.158  -2.423  -23.792 1.00 44.00  ? 186 PRO A O   1 
ATOM   1479 C CB  . PRO A 1 186 ? -9.703  -0.851  -22.873 1.00 36.63  ? 186 PRO A CB  1 
ATOM   1480 C CG  . PRO A 1 186 ? -10.095 0.500   -22.345 1.00 38.54  ? 186 PRO A CG  1 
ATOM   1481 C CD  . PRO A 1 186 ? -9.123  0.879   -21.256 1.00 33.49  ? 186 PRO A CD  1 
ATOM   1482 N N   . ASP A 1 187 ? -6.719  -0.274  -23.516 1.00 31.03  ? 187 ASP A N   1 
ATOM   1483 C CA  . ASP A 1 187 ? -5.705  -0.308  -24.534 1.00 21.98  ? 187 ASP A CA  1 
ATOM   1484 C C   . ASP A 1 187 ? -4.335  -0.386  -23.812 1.00 28.69  ? 187 ASP A C   1 
ATOM   1485 O O   . ASP A 1 187 ? -3.424  0.416   -23.932 1.00 33.45  ? 187 ASP A O   1 
ATOM   1486 C CB  . ASP A 1 187 ? -5.931  1.018   -25.321 1.00 38.02  ? 187 ASP A CB  1 
ATOM   1487 C CG  . ASP A 1 187 ? -4.776  1.310   -26.227 1.00 100.00 ? 187 ASP A CG  1 
ATOM   1488 O OD1 . ASP A 1 187 ? -4.367  2.471   -26.389 1.00 83.85  ? 187 ASP A OD1 1 
ATOM   1489 O OD2 . ASP A 1 187 ? -4.207  0.144   -26.691 1.00 49.17  ? 187 ASP A OD2 1 
ATOM   1490 N N   . ARG A 1 188 ? -4.186  -1.401  -22.984 1.00 32.05  ? 188 ARG A N   1 
ATOM   1491 C CA  . ARG A 1 188 ? -2.974  -1.634  -22.206 1.00 27.88  ? 188 ARG A CA  1 
ATOM   1492 C C   . ARG A 1 188 ? -2.745  -3.136  -22.167 1.00 40.93  ? 188 ARG A C   1 
ATOM   1493 O O   . ARG A 1 188 ? -3.617  -3.926  -22.581 1.00 32.99  ? 188 ARG A O   1 
ATOM   1494 C CB  . ARG A 1 188 ? -3.131  -1.171  -20.722 1.00 27.08  ? 188 ARG A CB  1 
ATOM   1495 C CG  . ARG A 1 188 ? -3.480  0.294   -20.586 1.00 31.88  ? 188 ARG A CG  1 
ATOM   1496 C CD  . ARG A 1 188 ? -2.265  1.116   -20.953 1.00 28.52  ? 188 ARG A CD  1 
ATOM   1497 N NE  . ARG A 1 188 ? -2.388  2.549   -20.614 1.00 38.95  ? 188 ARG A NE  1 
ATOM   1498 C CZ  . ARG A 1 188 ? -2.780  3.493   -21.477 1.00 51.49  ? 188 ARG A CZ  1 
ATOM   1499 N NH1 . ARG A 1 188 ? -2.870  4.790   -21.146 1.00 37.67  ? 188 ARG A NH1 1 
ATOM   1500 N NH2 . ARG A 1 188 ? -3.088  3.112   -22.709 1.00 48.77  ? 188 ARG A NH2 1 
ATOM   1501 N N   . HIS A 1 189 ? -1.592  -3.535  -21.643 1.00 29.82  ? 189 HIS A N   1 
ATOM   1502 C CA  . HIS A 1 189 ? -1.308  -4.941  -21.552 1.00 35.65  ? 189 HIS A CA  1 
ATOM   1503 C C   . HIS A 1 189 ? -0.588  -5.327  -20.299 1.00 31.47  ? 189 HIS A C   1 
ATOM   1504 O O   . HIS A 1 189 ? -0.499  -6.580  -20.146 1.00 32.01  ? 189 HIS A O   1 
ATOM   1505 C CB  . HIS A 1 189 ? -0.626  -5.571  -22.778 1.00 27.38  ? 189 HIS A CB  1 
ATOM   1506 C CG  . HIS A 1 189 ? 0.665   -4.954  -23.119 1.00 27.10  ? 189 HIS A CG  1 
ATOM   1507 N ND1 . HIS A 1 189 ? 0.706   -3.734  -23.777 1.00 35.71  ? 189 HIS A ND1 1 
ATOM   1508 C CD2 . HIS A 1 189 ? 1.939   -5.390  -22.913 1.00 26.20  ? 189 HIS A CD2 1 
ATOM   1509 C CE1 . HIS A 1 189 ? 2.000   -3.442  -23.971 1.00 28.73  ? 189 HIS A CE1 1 
ATOM   1510 N NE2 . HIS A 1 189 ? 2.770   -4.421  -23.457 1.00 38.67  ? 189 HIS A NE2 1 
ATOM   1511 O OXT . HIS A 1 189 ? -0.151  -4.402  -19.563 1.00 31.49  ? 189 HIS A OXT 1 
HETATM 1512 N NA  . BLV B 2 .   ? 1.462   -2.898  -4.746  1.00 24.15  ? 195 BLV A NA  1 
HETATM 1513 C C1A . BLV B 2 .   ? 1.927   -4.060  -5.264  1.00 24.98  ? 195 BLV A C1A 1 
HETATM 1514 C C2A . BLV B 2 .   ? 1.516   -5.236  -4.515  1.00 28.95  ? 195 BLV A C2A 1 
HETATM 1515 C C3A . BLV B 2 .   ? 0.748   -4.763  -3.493  1.00 17.72  ? 195 BLV A C3A 1 
HETATM 1516 C C4A . BLV B 2 .   ? 0.731   -3.296  -3.646  1.00 21.30  ? 195 BLV A C4A 1 
HETATM 1517 C CMA . BLV B 2 .   ? 0.068   -5.537  -2.300  1.00 8.95   ? 195 BLV A CMA 1 
HETATM 1518 O OA  . BLV B 2 .   ? 2.611   -4.097  -6.264  1.00 24.83  ? 195 BLV A OA  1 
HETATM 1519 C CAA . BLV B 2 .   ? 1.915   -6.628  -4.794  1.00 21.36  ? 195 BLV A CAA 1 
HETATM 1520 C CBA . BLV B 2 .   ? 3.321   -6.692  -4.274  1.00 20.54  ? 195 BLV A CBA 1 
HETATM 1521 C CGA . BLV B 2 .   ? 3.935   -8.030  -4.683  1.00 26.58  ? 195 BLV A CGA 1 
HETATM 1522 O O1A . BLV B 2 .   ? 4.051   -8.940  -3.908  1.00 21.39  ? 195 BLV A O1A 1 
HETATM 1523 O O2A . BLV B 2 .   ? 4.274   -8.182  -5.814  1.00 28.06  ? 195 BLV A O2A 1 
HETATM 1524 C CHB . BLV B 2 .   ? 0.073   -2.452  -2.753  1.00 24.83  ? 195 BLV A CHB 1 
HETATM 1525 N NB  . BLV B 2 .   ? 0.447   -0.240  -3.725  1.00 22.06  ? 195 BLV A NB  1 
HETATM 1526 C C1B . BLV B 2 .   ? 0.133   -1.071  -2.671  1.00 23.55  ? 195 BLV A C1B 1 
HETATM 1527 C C2B . BLV B 2 .   ? -0.164  -0.309  -1.484  1.00 18.21  ? 195 BLV A C2B 1 
HETATM 1528 C C3B . BLV B 2 .   ? -0.021  0.970   -1.833  1.00 32.10  ? 195 BLV A C3B 1 
HETATM 1529 C C4B . BLV B 2 .   ? 0.380   1.008   -3.243  1.00 32.87  ? 195 BLV A C4B 1 
HETATM 1530 C CMB . BLV B 2 .   ? -0.571  -0.868  -0.129  1.00 18.64  ? 195 BLV A CMB 1 
HETATM 1531 C CAB . BLV B 2 .   ? -0.211  2.157   -0.937  1.00 30.14  ? 195 BLV A CAB 1 
HETATM 1532 C CBB . BLV B 2 .   ? 0.732   3.139   -1.117  1.00 27.45  ? 195 BLV A CBB 1 
HETATM 1533 C CHC . BLV B 2 .   ? 0.571   2.196   -3.962  1.00 19.54  ? 195 BLV A CHC 1 
HETATM 1534 N NC  . BLV B 2 .   ? 1.310   1.585   -6.187  1.00 23.44  ? 195 BLV A NC  1 
HETATM 1535 C C1C . BLV B 2 .   ? 0.787   2.451   -5.285  1.00 32.16  ? 195 BLV A C1C 1 
HETATM 1536 C C2C . BLV B 2 .   ? 0.511   3.760   -5.899  1.00 21.57  ? 195 BLV A C2C 1 
HETATM 1537 C C3C . BLV B 2 .   ? 0.813   3.743   -7.199  1.00 33.68  ? 195 BLV A C3C 1 
HETATM 1538 C C4C . BLV B 2 .   ? 1.333   2.329   -7.395  1.00 24.84  ? 195 BLV A C4C 1 
HETATM 1539 C CMC . BLV B 2 .   ? -0.115  4.872   -5.198  1.00 22.62  ? 195 BLV A CMC 1 
HETATM 1540 C CAC . BLV B 2 .   ? 0.757   4.788   -8.330  1.00 26.95  ? 195 BLV A CAC 1 
HETATM 1541 C CBC . BLV B 2 .   ? 0.649   4.403   -9.624  1.00 20.73  ? 195 BLV A CBC 1 
HETATM 1542 C CHD . BLV B 2 .   ? 1.887   1.821   -8.622  1.00 28.77  ? 195 BLV A CHD 1 
HETATM 1543 N ND  . BLV B 2 .   ? 1.122   -0.521  -8.442  1.00 25.23  ? 195 BLV A ND  1 
HETATM 1544 C C1D . BLV B 2 .   ? 1.786   0.539   -9.122  1.00 32.09  ? 195 BLV A C1D 1 
HETATM 1545 C C2D . BLV B 2 .   ? 2.301   0.052   -10.439 1.00 31.24  ? 195 BLV A C2D 1 
HETATM 1546 C C3D . BLV B 2 .   ? 1.956   -1.276  -10.551 1.00 38.77  ? 195 BLV A C3D 1 
HETATM 1547 C C4D . BLV B 2 .   ? 1.235   -1.585  -9.329  1.00 32.57  ? 195 BLV A C4D 1 
HETATM 1548 C CMD . BLV B 2 .   ? 3.077   0.819   -11.466 1.00 24.53  ? 195 BLV A CMD 1 
HETATM 1549 O OD  . BLV B 2 .   ? 0.766   -2.675  -9.104  1.00 27.26  ? 195 BLV A OD  1 
HETATM 1550 C CAD . BLV B 2 .   ? 2.239   -2.175  -11.689 1.00 21.94  ? 195 BLV A CAD 1 
HETATM 1551 C CBD . BLV B 2 .   ? 0.966   -2.322  -12.499 1.00 20.54  ? 195 BLV A CBD 1 
HETATM 1552 C CGD . BLV B 2 .   ? 1.114   -3.434  -13.601 1.00 35.73  ? 195 BLV A CGD 1 
HETATM 1553 O O1D . BLV B 2 .   ? 1.429   -3.132  -14.708 1.00 31.02  ? 195 BLV A O1D 1 
HETATM 1554 O O2D . BLV B 2 .   ? 0.939   -4.610  -13.345 1.00 29.54  ? 195 BLV A O2D 1 
# 
